data_8ZD5
#
_entry.id   8ZD5
#
_cell.length_a   167.915
_cell.length_b   82.213
_cell.length_c   187.612
_cell.angle_alpha   90.00
_cell.angle_beta   108.46
_cell.angle_gamma   90.00
#
_symmetry.space_group_name_H-M   'I 1 2 1'
#
loop_
_entity.id
_entity.type
_entity.pdbx_description
1 polymer 22E1VH-SARAH
2 polymer 22E1VL-SARAH
3 polymer 'Superoxide dismutase [Cu-Zn]'
4 non-polymer 'ZINC ION'
5 non-polymer 'COPPER (II) ION'
#
loop_
_entity_poly.entity_id
_entity_poly.type
_entity_poly.pdbx_seq_one_letter_code
_entity_poly.pdbx_strand_id
1 'polypeptide(L)'
;MEVQLQQSGAELVRPGALVKLSCKASGFNIKDYYMYWVKQRPEQGLEWIGWIDPENDNTIYDPKFQGKASISADTSSNTA
YLQLSSLTSEDTAVYYCGGGPLYAMDYWGQGTSVTVCSGSDYEFLKSWTVEDIQKRLLALDPMMEQEIEEIRQKYQSKRQ
PILDAIEAK
;
H,E,B,K
2 'polypeptide(L)'
;MDIKMTQSPSSMYASLGERVTITCKASQDIKSYLSWYQQKPWKSPKTLIYYATRLADGVPSRFSGSGSGQDYSLTISSLE
SDDTATYYCLQHRERPLTVGAGTKLELKGSDYEFLKSWTVEDIQKRLLALDPMMEQEIEEIRQKYQCKRQPILDAIEAK
;
F,C,L,I
3 'polypeptide(L)'
;MEMKAVCVLKGQGPVEGTIHFVQKGSGPVVVSGTITGLTKGEHGFHVHQFGDNTQGCTSAGPHFNPLSKKHGGPKDQERH
VGDLGNVTAGKDGVAIVSIEDSLIALSGDYSIIGRTMVVHEKRDDLGKGDNEESTQTGNAGSRLACGVIGIAQ
;
A,D,G,J
#
loop_
_chem_comp.id
_chem_comp.type
_chem_comp.name
_chem_comp.formula
CU non-polymer 'COPPER (II) ION' 'Cu 2'
ZN non-polymer 'ZINC ION' 'Zn 2'
#
# COMPACT_ATOMS: atom_id res chain seq x y z
N GLU A 2 38.43 -15.91 -29.94
CA GLU A 2 37.40 -14.86 -29.76
C GLU A 2 36.01 -15.50 -29.80
N VAL A 3 35.36 -15.61 -28.64
CA VAL A 3 34.17 -16.43 -28.46
C VAL A 3 32.98 -15.76 -29.14
N GLN A 4 32.08 -16.56 -29.71
CA GLN A 4 30.84 -16.06 -30.27
C GLN A 4 29.79 -17.17 -30.28
N LEU A 5 28.53 -16.80 -30.01
CA LEU A 5 27.40 -17.70 -30.15
C LEU A 5 26.48 -17.13 -31.22
N GLN A 6 26.39 -17.85 -32.35
CA GLN A 6 25.53 -17.46 -33.44
C GLN A 6 24.23 -18.26 -33.33
N GLN A 7 23.11 -17.54 -33.20
CA GLN A 7 21.81 -18.18 -33.10
C GLN A 7 21.09 -18.12 -34.44
N SER A 8 20.14 -19.03 -34.63
CA SER A 8 19.33 -19.07 -35.84
C SER A 8 18.50 -17.79 -35.92
N GLY A 9 17.88 -17.57 -37.08
CA GLY A 9 17.15 -16.34 -37.34
C GLY A 9 15.69 -16.44 -36.93
N ALA A 10 15.00 -15.30 -37.06
CA ALA A 10 13.62 -15.13 -36.64
C ALA A 10 12.76 -16.24 -37.23
N GLU A 11 11.70 -16.61 -36.50
CA GLU A 11 10.74 -17.60 -36.94
C GLU A 11 9.35 -16.99 -36.80
N LEU A 12 8.44 -17.46 -37.65
CA LEU A 12 7.04 -17.08 -37.59
C LEU A 12 6.22 -18.27 -38.05
N VAL A 13 5.42 -18.82 -37.14
CA VAL A 13 4.86 -20.16 -37.33
C VAL A 13 3.38 -20.18 -36.96
N ARG A 14 2.72 -21.25 -37.41
CA ARG A 14 1.31 -21.49 -37.17
C ARG A 14 1.18 -22.16 -35.81
N PRO A 15 0.07 -21.93 -35.06
CA PRO A 15 -0.18 -22.69 -33.83
C PRO A 15 -0.03 -24.19 -34.07
N GLY A 16 0.62 -24.89 -33.15
CA GLY A 16 0.79 -26.33 -33.25
C GLY A 16 2.05 -26.74 -34.01
N ALA A 17 2.72 -25.78 -34.66
CA ALA A 17 3.94 -26.07 -35.40
C ALA A 17 5.07 -26.46 -34.44
N LEU A 18 5.98 -27.28 -34.98
CA LEU A 18 7.27 -27.54 -34.37
C LEU A 18 8.28 -26.57 -34.97
N VAL A 19 9.27 -26.18 -34.18
CA VAL A 19 10.33 -25.30 -34.65
C VAL A 19 11.62 -25.69 -33.92
N LYS A 20 12.76 -25.51 -34.58
CA LYS A 20 14.02 -25.95 -34.00
C LYS A 20 15.04 -24.82 -34.15
N LEU A 21 15.44 -24.26 -33.00
CA LEU A 21 16.38 -23.16 -32.94
C LEU A 21 17.79 -23.74 -32.80
N SER A 22 18.80 -22.97 -33.22
CA SER A 22 20.16 -23.45 -33.18
C SER A 22 21.07 -22.37 -32.61
N CYS A 23 22.24 -22.82 -32.20
CA CYS A 23 23.23 -22.02 -31.52
C CYS A 23 24.58 -22.61 -31.90
N LYS A 24 25.33 -21.89 -32.73
CA LYS A 24 26.60 -22.37 -33.25
C LYS A 24 27.70 -21.63 -32.51
N ALA A 25 28.53 -22.39 -31.80
CA ALA A 25 29.53 -21.80 -30.91
C ALA A 25 30.88 -21.82 -31.61
N SER A 26 31.59 -20.69 -31.53
CA SER A 26 32.96 -20.64 -32.01
C SER A 26 33.81 -19.91 -30.98
N GLY A 27 34.97 -20.49 -30.66
CA GLY A 27 35.90 -19.93 -29.70
C GLY A 27 36.09 -20.84 -28.48
N PHE A 28 35.19 -21.82 -28.32
CA PHE A 28 35.26 -22.76 -27.21
C PHE A 28 34.61 -24.08 -27.62
N ASN A 29 35.09 -25.17 -27.01
CA ASN A 29 34.48 -26.47 -27.21
C ASN A 29 33.30 -26.62 -26.25
N ILE A 30 32.09 -26.78 -26.80
CA ILE A 30 30.89 -26.85 -25.99
C ILE A 30 30.95 -28.03 -25.02
N LYS A 31 31.82 -29.02 -25.28
CA LYS A 31 31.97 -30.16 -24.39
C LYS A 31 32.45 -29.71 -23.01
N ASP A 32 33.15 -28.58 -22.93
CA ASP A 32 33.74 -28.12 -21.67
C ASP A 32 32.76 -27.25 -20.87
N TYR A 33 31.50 -27.16 -21.33
CA TYR A 33 30.54 -26.25 -20.74
C TYR A 33 29.18 -26.93 -20.64
N TYR A 34 28.19 -26.16 -20.19
CA TYR A 34 26.80 -26.52 -20.36
C TYR A 34 26.16 -25.50 -21.28
N MET A 35 25.25 -25.96 -22.14
CA MET A 35 24.56 -25.06 -23.05
C MET A 35 23.15 -24.88 -22.52
N TYR A 36 22.83 -23.63 -22.15
CA TYR A 36 21.56 -23.25 -21.56
C TYR A 36 20.65 -22.62 -22.61
N TRP A 37 19.34 -22.66 -22.37
CA TRP A 37 18.36 -21.90 -23.15
C TRP A 37 17.46 -21.11 -22.21
N VAL A 38 17.12 -19.88 -22.63
CA VAL A 38 16.43 -18.92 -21.80
C VAL A 38 15.37 -18.22 -22.65
N LYS A 39 14.16 -18.12 -22.12
CA LYS A 39 13.03 -17.50 -22.79
C LYS A 39 12.76 -16.12 -22.19
N GLN A 40 12.35 -15.15 -23.01
CA GLN A 40 11.92 -13.84 -22.54
C GLN A 40 10.72 -13.36 -23.34
N ARG A 41 9.53 -13.44 -22.73
CA ARG A 41 8.30 -12.99 -23.36
C ARG A 41 8.37 -11.48 -23.52
N PRO A 42 7.56 -10.86 -24.42
CA PRO A 42 7.66 -9.42 -24.67
C PRO A 42 7.25 -8.56 -23.47
N GLU A 43 8.14 -7.65 -23.07
CA GLU A 43 7.95 -6.72 -21.97
C GLU A 43 7.93 -7.49 -20.64
N GLN A 44 8.76 -8.53 -20.54
CA GLN A 44 8.80 -9.39 -19.36
C GLN A 44 10.23 -9.90 -19.11
N GLY A 45 10.40 -10.66 -18.04
CA GLY A 45 11.72 -11.07 -17.59
C GLY A 45 12.13 -12.43 -18.15
N LEU A 46 13.29 -12.89 -17.69
CA LEU A 46 13.91 -14.12 -18.17
C LEU A 46 13.32 -15.32 -17.44
N GLU A 47 13.01 -16.38 -18.20
CA GLU A 47 12.71 -17.70 -17.66
C GLU A 47 13.76 -18.68 -18.17
N TRP A 48 14.31 -19.51 -17.28
CA TRP A 48 15.28 -20.51 -17.69
C TRP A 48 14.55 -21.78 -18.10
N ILE A 49 14.85 -22.28 -19.32
CA ILE A 49 14.16 -23.42 -19.89
C ILE A 49 14.85 -24.71 -19.48
N GLY A 50 16.17 -24.80 -19.71
CA GLY A 50 16.93 -26.00 -19.39
C GLY A 50 18.39 -25.88 -19.83
N TRP A 51 19.17 -26.96 -19.64
CA TRP A 51 20.52 -27.02 -20.15
C TRP A 51 20.88 -28.44 -20.55
N ILE A 52 21.92 -28.58 -21.39
CA ILE A 52 22.50 -29.86 -21.76
C ILE A 52 23.99 -29.85 -21.46
N ASP A 53 24.50 -30.98 -20.96
CA ASP A 53 25.93 -31.23 -20.84
C ASP A 53 26.38 -31.97 -22.10
N PRO A 54 26.98 -31.30 -23.11
CA PRO A 54 27.31 -31.96 -24.38
C PRO A 54 28.24 -33.17 -24.24
N GLU A 55 29.01 -33.23 -23.15
CA GLU A 55 29.93 -34.33 -22.88
C GLU A 55 29.21 -35.66 -22.67
N ASN A 56 27.94 -35.66 -22.24
CA ASN A 56 27.21 -36.90 -22.02
C ASN A 56 25.73 -36.79 -22.40
N ASP A 57 25.33 -35.63 -22.98
CA ASP A 57 23.99 -35.45 -23.51
C ASP A 57 22.93 -35.50 -22.39
N ASN A 58 23.36 -35.33 -21.13
CA ASN A 58 22.45 -35.23 -20.00
C ASN A 58 21.79 -33.85 -20.00
N THR A 59 20.46 -33.83 -19.83
CA THR A 59 19.68 -32.62 -19.91
C THR A 59 18.80 -32.45 -18.68
N ILE A 60 18.87 -31.26 -18.04
CA ILE A 60 17.95 -30.84 -16.99
C ILE A 60 16.97 -29.83 -17.60
N TYR A 61 15.70 -29.88 -17.19
CA TYR A 61 14.70 -28.92 -17.64
C TYR A 61 13.92 -28.35 -16.46
N ASP A 62 13.32 -27.17 -16.64
CA ASP A 62 12.27 -26.71 -15.74
C ASP A 62 11.03 -27.54 -16.07
N PRO A 63 10.35 -28.13 -15.07
CA PRO A 63 9.13 -28.91 -15.31
C PRO A 63 8.04 -28.18 -16.09
N LYS A 64 7.99 -26.85 -15.96
CA LYS A 64 7.06 -26.01 -16.71
C LYS A 64 7.19 -26.29 -18.22
N PHE A 65 8.40 -26.63 -18.68
CA PHE A 65 8.68 -26.75 -20.11
C PHE A 65 8.94 -28.19 -20.55
N GLN A 66 9.05 -29.12 -19.59
CA GLN A 66 9.31 -30.50 -19.94
C GLN A 66 8.12 -31.04 -20.73
N GLY A 67 8.34 -31.33 -22.01
CA GLY A 67 7.26 -31.74 -22.90
C GLY A 67 7.12 -30.81 -24.10
N LYS A 68 7.21 -29.49 -23.87
CA LYS A 68 7.19 -28.53 -24.96
C LYS A 68 8.60 -28.37 -25.52
N ALA A 69 9.63 -28.43 -24.67
CA ALA A 69 10.97 -28.03 -25.06
C ALA A 69 11.95 -29.21 -25.00
N SER A 70 12.90 -29.21 -25.94
CA SER A 70 13.82 -30.33 -26.11
C SER A 70 15.18 -29.80 -26.54
N ILE A 71 16.20 -30.00 -25.68
CA ILE A 71 17.53 -29.43 -25.88
C ILE A 71 18.48 -30.55 -26.32
N SER A 72 19.33 -30.27 -27.31
CA SER A 72 20.26 -31.25 -27.85
C SER A 72 21.51 -30.56 -28.38
N ALA A 73 22.60 -31.32 -28.51
CA ALA A 73 23.87 -30.77 -28.97
C ALA A 73 24.51 -31.74 -29.95
N ASP A 74 25.22 -31.18 -30.95
CA ASP A 74 26.04 -31.93 -31.89
C ASP A 74 27.50 -31.54 -31.65
N THR A 75 28.28 -32.43 -31.02
CA THR A 75 29.62 -32.08 -30.55
C THR A 75 30.57 -31.86 -31.74
N SER A 76 30.25 -32.49 -32.87
CA SER A 76 31.05 -32.39 -34.08
C SER A 76 30.96 -30.97 -34.67
N SER A 77 29.73 -30.51 -34.97
CA SER A 77 29.51 -29.18 -35.52
C SER A 77 29.55 -28.11 -34.44
N ASN A 78 29.70 -28.51 -33.16
CA ASN A 78 29.90 -27.61 -32.02
C ASN A 78 28.70 -26.66 -31.88
N THR A 79 27.51 -27.26 -31.98
CA THR A 79 26.25 -26.55 -32.11
C THR A 79 25.25 -27.10 -31.12
N ALA A 80 24.43 -26.23 -30.54
CA ALA A 80 23.38 -26.64 -29.61
C ALA A 80 22.03 -26.29 -30.23
N TYR A 81 20.99 -27.01 -29.80
CA TYR A 81 19.69 -26.96 -30.45
C TYR A 81 18.60 -26.88 -29.38
N LEU A 82 17.51 -26.15 -29.68
CA LEU A 82 16.31 -26.14 -28.85
C LEU A 82 15.11 -26.35 -29.75
N GLN A 83 14.26 -27.30 -29.36
CA GLN A 83 13.10 -27.64 -30.17
C GLN A 83 11.83 -27.43 -29.37
N LEU A 84 10.98 -26.51 -29.88
CA LEU A 84 9.71 -26.18 -29.27
C LEU A 84 8.58 -26.77 -30.11
N SER A 85 7.66 -27.50 -29.44
CA SER A 85 6.58 -28.18 -30.13
C SER A 85 5.25 -27.67 -29.57
N SER A 86 4.16 -27.97 -30.28
CA SER A 86 2.81 -27.58 -29.89
C SER A 86 2.75 -26.08 -29.57
N LEU A 87 3.37 -25.26 -30.40
CA LEU A 87 3.55 -23.84 -30.09
C LEU A 87 2.20 -23.13 -30.00
N THR A 88 2.05 -22.25 -28.99
CA THR A 88 0.89 -21.37 -28.86
C THR A 88 1.37 -19.93 -28.73
N SER A 89 0.43 -19.00 -28.52
CA SER A 89 0.78 -17.60 -28.35
C SER A 89 1.60 -17.39 -27.08
N GLU A 90 1.37 -18.25 -26.07
CA GLU A 90 2.16 -18.24 -24.84
C GLU A 90 3.66 -18.32 -25.14
N ASP A 91 4.02 -18.87 -26.31
CA ASP A 91 5.41 -19.18 -26.62
C ASP A 91 6.08 -18.06 -27.42
N THR A 92 5.28 -17.10 -27.93
CA THR A 92 5.83 -15.94 -28.61
C THR A 92 6.77 -15.21 -27.67
N ALA A 93 8.07 -15.22 -27.99
CA ALA A 93 9.09 -14.78 -27.06
C ALA A 93 10.44 -14.72 -27.79
N VAL A 94 11.45 -14.22 -27.08
CA VAL A 94 12.82 -14.26 -27.59
C VAL A 94 13.55 -15.34 -26.81
N TYR A 95 14.18 -16.26 -27.54
CA TYR A 95 14.91 -17.36 -26.94
C TYR A 95 16.40 -17.07 -27.08
N TYR A 96 17.08 -17.01 -25.93
CA TYR A 96 18.52 -16.85 -25.88
C TYR A 96 19.16 -18.19 -25.56
N CYS A 97 20.25 -18.51 -26.24
CA CYS A 97 21.11 -19.62 -25.86
C CYS A 97 22.33 -19.04 -25.17
N GLY A 98 22.86 -19.78 -24.20
CA GLY A 98 24.08 -19.36 -23.54
C GLY A 98 24.91 -20.59 -23.18
N GLY A 99 26.17 -20.35 -22.85
CA GLY A 99 27.06 -21.41 -22.40
C GLY A 99 27.84 -20.96 -21.17
N GLY A 100 28.10 -21.91 -20.26
CA GLY A 100 28.84 -21.58 -19.06
C GLY A 100 28.94 -22.77 -18.12
N PRO A 101 29.64 -22.62 -16.97
CA PRO A 101 29.61 -23.62 -15.91
C PRO A 101 28.20 -23.65 -15.32
N LEU A 102 28.04 -24.40 -14.23
CA LEU A 102 26.73 -24.58 -13.61
C LEU A 102 26.34 -23.33 -12.82
N TYR A 103 27.32 -22.45 -12.55
CA TYR A 103 27.18 -21.36 -11.62
C TYR A 103 27.19 -19.98 -12.29
N ALA A 104 27.35 -19.93 -13.63
CA ALA A 104 27.39 -18.68 -14.37
C ALA A 104 27.17 -18.94 -15.86
N MET A 105 26.74 -17.90 -16.59
CA MET A 105 26.74 -17.93 -18.04
C MET A 105 27.89 -17.07 -18.55
N ASP A 106 28.91 -17.73 -19.09
CA ASP A 106 30.09 -17.04 -19.58
C ASP A 106 29.76 -16.37 -20.91
N TYR A 107 28.87 -16.99 -21.73
CA TYR A 107 28.64 -16.56 -23.10
C TYR A 107 27.15 -16.62 -23.43
N TRP A 108 26.66 -15.57 -24.10
CA TRP A 108 25.25 -15.41 -24.45
C TRP A 108 25.12 -15.22 -25.96
N GLY A 109 24.07 -15.78 -26.55
CA GLY A 109 23.72 -15.50 -27.93
C GLY A 109 22.99 -14.17 -28.07
N GLN A 110 22.79 -13.74 -29.31
CA GLN A 110 22.16 -12.47 -29.60
C GLN A 110 20.64 -12.63 -29.59
N GLY A 111 20.17 -13.88 -29.60
CA GLY A 111 18.77 -14.18 -29.37
C GLY A 111 17.99 -14.39 -30.66
N THR A 112 17.00 -15.29 -30.61
CA THR A 112 16.14 -15.61 -31.74
C THR A 112 14.70 -15.31 -31.35
N SER A 113 14.05 -14.40 -32.06
CA SER A 113 12.63 -14.14 -31.89
C SER A 113 11.78 -15.23 -32.53
N VAL A 114 10.77 -15.70 -31.81
CA VAL A 114 9.77 -16.62 -32.32
C VAL A 114 8.41 -15.97 -32.13
N THR A 115 7.59 -15.96 -33.19
CA THR A 115 6.27 -15.35 -33.15
C THR A 115 5.25 -16.37 -33.63
N VAL A 116 4.12 -16.48 -32.90
CA VAL A 116 3.11 -17.50 -33.16
C VAL A 116 1.75 -16.82 -33.35
N CYS A 117 1.05 -17.19 -34.44
CA CYS A 117 -0.15 -16.50 -34.88
C CYS A 117 -1.43 -17.07 -34.25
N SER A 120 -5.50 -17.93 -35.99
CA SER A 120 -6.37 -18.03 -34.78
C SER A 120 -7.66 -17.23 -34.96
N ASP A 121 -8.15 -17.21 -36.21
CA ASP A 121 -9.37 -16.48 -36.56
C ASP A 121 -10.08 -17.18 -37.73
N TYR A 122 -9.42 -18.17 -38.37
CA TYR A 122 -9.84 -18.76 -39.65
C TYR A 122 -11.26 -19.31 -39.61
N GLU A 123 -11.65 -19.95 -38.49
CA GLU A 123 -12.97 -20.53 -38.35
C GLU A 123 -14.05 -19.46 -38.57
N PHE A 124 -13.76 -18.25 -38.08
CA PHE A 124 -14.60 -17.07 -38.21
C PHE A 124 -14.84 -16.72 -39.68
N LEU A 125 -13.82 -16.92 -40.53
CA LEU A 125 -13.80 -16.33 -41.86
C LEU A 125 -14.22 -17.31 -42.93
N LYS A 126 -14.41 -18.60 -42.60
CA LYS A 126 -14.44 -19.68 -43.58
C LYS A 126 -15.69 -19.64 -44.47
N SER A 127 -16.83 -19.20 -43.93
CA SER A 127 -18.10 -19.29 -44.63
C SER A 127 -18.56 -17.93 -45.17
N TRP A 128 -17.65 -16.96 -45.24
CA TRP A 128 -17.90 -15.67 -45.87
C TRP A 128 -17.85 -15.78 -47.39
N THR A 129 -18.06 -14.64 -48.06
CA THR A 129 -17.89 -14.53 -49.50
C THR A 129 -16.49 -14.03 -49.82
N VAL A 130 -16.04 -14.27 -51.06
CA VAL A 130 -14.69 -13.90 -51.49
C VAL A 130 -14.56 -12.37 -51.48
N GLU A 131 -15.66 -11.67 -51.78
CA GLU A 131 -15.69 -10.21 -51.73
C GLU A 131 -15.40 -9.73 -50.31
N ASP A 132 -15.92 -10.46 -49.32
CA ASP A 132 -15.86 -10.07 -47.92
C ASP A 132 -14.47 -10.32 -47.32
N ILE A 133 -13.82 -11.43 -47.72
CA ILE A 133 -12.49 -11.75 -47.21
C ILE A 133 -11.49 -10.75 -47.78
N GLN A 134 -11.71 -10.26 -49.00
CA GLN A 134 -10.76 -9.38 -49.67
C GLN A 134 -10.97 -7.92 -49.27
N LYS A 135 -12.13 -7.58 -48.69
CA LYS A 135 -12.32 -6.24 -48.16
C LYS A 135 -11.62 -6.14 -46.80
N ARG A 136 -11.67 -7.25 -46.04
CA ARG A 136 -11.04 -7.34 -44.74
C ARG A 136 -9.52 -7.28 -44.90
N LEU A 137 -9.02 -7.83 -46.01
CA LEU A 137 -7.59 -7.90 -46.29
C LEU A 137 -7.04 -6.52 -46.65
N LEU A 138 -7.82 -5.74 -47.42
CA LEU A 138 -7.40 -4.43 -47.88
C LEU A 138 -7.44 -3.42 -46.74
N ALA A 139 -8.29 -3.66 -45.74
CA ALA A 139 -8.42 -2.76 -44.60
C ALA A 139 -7.11 -2.72 -43.79
N LEU A 140 -6.31 -3.79 -43.88
CA LEU A 140 -5.14 -3.97 -43.03
C LEU A 140 -4.00 -3.05 -43.46
N ASP A 141 -3.87 -2.79 -44.77
CA ASP A 141 -2.69 -2.11 -45.29
C ASP A 141 -2.63 -0.69 -44.73
N PRO A 142 -3.70 0.15 -44.86
CA PRO A 142 -3.66 1.50 -44.30
C PRO A 142 -3.39 1.53 -42.79
N MET A 143 -3.95 0.55 -42.07
CA MET A 143 -3.81 0.45 -40.63
C MET A 143 -2.34 0.21 -40.27
N MET A 144 -1.69 -0.70 -41.00
CA MET A 144 -0.32 -1.07 -40.73
C MET A 144 0.62 0.08 -41.09
N GLU A 145 0.36 0.73 -42.23
CA GLU A 145 1.20 1.82 -42.70
C GLU A 145 1.10 2.99 -41.72
N GLN A 146 -0.08 3.17 -41.13
CA GLN A 146 -0.30 4.21 -40.15
C GLN A 146 0.52 3.95 -38.89
N GLU A 147 0.53 2.67 -38.44
CA GLU A 147 1.24 2.29 -37.24
C GLU A 147 2.75 2.41 -37.41
N ILE A 148 3.24 2.13 -38.63
CA ILE A 148 4.66 2.22 -38.94
C ILE A 148 5.07 3.69 -38.94
N GLU A 149 4.20 4.56 -39.48
CA GLU A 149 4.51 5.97 -39.58
C GLU A 149 4.60 6.61 -38.19
N GLU A 150 3.80 6.12 -37.24
CA GLU A 150 3.92 6.56 -35.86
C GLU A 150 5.33 6.27 -35.35
N ILE A 151 5.84 5.06 -35.64
CA ILE A 151 7.14 4.64 -35.14
C ILE A 151 8.23 5.49 -35.81
N ARG A 152 8.07 5.81 -37.08
CA ARG A 152 9.08 6.55 -37.81
C ARG A 152 9.24 7.95 -37.21
N GLN A 153 8.10 8.62 -37.00
CA GLN A 153 8.11 9.98 -36.46
C GLN A 153 8.55 9.97 -35.00
N LYS A 154 8.29 8.87 -34.30
CA LYS A 154 8.76 8.70 -32.94
C LYS A 154 10.29 8.74 -32.92
N TYR A 155 10.92 8.05 -33.87
CA TYR A 155 12.37 7.89 -33.89
C TYR A 155 13.03 9.11 -34.56
N GLN A 156 12.24 9.85 -35.36
CA GLN A 156 12.70 11.08 -35.97
C GLN A 156 12.86 12.16 -34.90
N SER A 157 11.96 12.14 -33.90
CA SER A 157 12.00 13.08 -32.78
C SER A 157 13.15 12.76 -31.84
N LYS A 158 13.60 11.49 -31.82
CA LYS A 158 14.71 11.08 -30.98
C LYS A 158 16.03 11.46 -31.64
N ARG A 159 16.09 11.41 -32.97
CA ARG A 159 17.28 11.81 -33.71
C ARG A 159 17.49 13.31 -33.59
N GLN A 160 16.38 14.06 -33.57
CA GLN A 160 16.38 15.50 -33.80
C GLN A 160 17.36 16.21 -32.86
N PRO A 161 17.29 15.98 -31.51
CA PRO A 161 18.22 16.62 -30.59
C PRO A 161 19.70 16.28 -30.84
N ILE A 162 19.95 14.99 -31.10
CA ILE A 162 21.31 14.50 -31.29
C ILE A 162 21.94 15.16 -32.51
N LEU A 163 21.16 15.31 -33.58
CA LEU A 163 21.65 15.92 -34.82
C LEU A 163 21.92 17.41 -34.61
N ASP A 164 21.14 18.06 -33.74
CA ASP A 164 21.36 19.46 -33.41
C ASP A 164 22.67 19.63 -32.65
N ALA A 165 22.96 18.68 -31.75
CA ALA A 165 24.17 18.70 -30.94
C ALA A 165 25.41 18.47 -31.80
N ILE A 166 25.26 17.73 -32.90
CA ILE A 166 26.37 17.41 -33.79
C ILE A 166 26.77 18.66 -34.59
N GLU A 167 25.79 19.50 -34.96
CA GLU A 167 26.10 20.71 -35.71
C GLU A 167 26.57 21.83 -34.79
N ALA A 168 26.41 21.63 -33.47
CA ALA A 168 26.86 22.58 -32.46
C ALA A 168 28.36 22.47 -32.28
N LYS A 169 28.83 21.28 -31.89
CA LYS A 169 30.24 21.03 -31.58
C LYS A 169 31.17 21.69 -32.59
N ASP B 2 -11.53 14.08 9.78
CA ASP B 2 -10.30 14.67 9.20
C ASP B 2 -10.18 14.42 7.70
N ILE B 3 -10.00 15.49 6.93
CA ILE B 3 -9.95 15.40 5.48
C ILE B 3 -8.59 14.83 5.05
N LYS B 4 -8.62 13.77 4.23
CA LYS B 4 -7.41 13.19 3.65
C LYS B 4 -7.22 13.72 2.24
N MET B 5 -6.20 14.57 2.05
CA MET B 5 -5.91 15.10 0.73
C MET B 5 -4.81 14.21 0.14
N THR B 6 -4.99 13.74 -1.11
CA THR B 6 -4.18 12.69 -1.72
C THR B 6 -3.62 13.15 -3.07
N GLN B 7 -2.29 13.14 -3.21
CA GLN B 7 -1.68 13.63 -4.43
C GLN B 7 -1.19 12.48 -5.30
N SER B 8 -1.13 12.71 -6.61
CA SER B 8 -0.48 11.78 -7.52
C SER B 8 0.00 12.54 -8.75
N PRO B 9 1.12 12.10 -9.37
CA PRO B 9 1.92 10.97 -8.87
C PRO B 9 2.71 11.35 -7.61
N SER B 10 3.30 10.37 -6.91
CA SER B 10 4.10 10.67 -5.74
C SER B 10 5.45 11.25 -6.16
N SER B 11 5.96 10.84 -7.32
CA SER B 11 7.06 11.54 -7.97
C SER B 11 6.86 11.47 -9.47
N MET B 12 7.64 12.25 -10.21
CA MET B 12 7.36 12.45 -11.63
C MET B 12 8.58 13.01 -12.33
N TYR B 13 8.85 12.50 -13.54
CA TYR B 13 10.02 12.92 -14.30
C TYR B 13 9.52 13.45 -15.63
N ALA B 14 10.16 14.50 -16.14
CA ALA B 14 9.67 15.20 -17.33
C ALA B 14 10.78 16.02 -17.96
N SER B 15 10.74 16.14 -19.29
CA SER B 15 11.75 16.85 -20.06
C SER B 15 11.40 18.34 -20.08
N LEU B 16 12.40 19.18 -20.30
CA LEU B 16 12.19 20.61 -20.49
C LEU B 16 11.12 20.86 -21.55
N GLY B 17 10.41 21.99 -21.43
CA GLY B 17 9.43 22.43 -22.42
C GLY B 17 8.10 21.67 -22.33
N GLU B 18 8.13 20.51 -21.66
CA GLU B 18 6.99 19.60 -21.57
C GLU B 18 5.91 20.23 -20.68
N ARG B 19 4.70 19.66 -20.74
CA ARG B 19 3.55 20.15 -20.00
C ARG B 19 3.22 19.14 -18.91
N VAL B 20 3.14 19.60 -17.65
CA VAL B 20 3.04 18.73 -16.49
C VAL B 20 1.72 19.00 -15.76
N THR B 21 1.15 17.96 -15.15
CA THR B 21 -0.09 18.10 -14.38
C THR B 21 -0.08 17.16 -13.16
N ILE B 22 0.11 17.77 -11.98
CA ILE B 22 -0.07 17.12 -10.70
C ILE B 22 -1.55 17.16 -10.36
N THR B 23 -2.05 16.19 -9.58
CA THR B 23 -3.41 16.25 -9.05
C THR B 23 -3.40 16.09 -7.53
N CYS B 24 -4.52 16.53 -6.95
CA CYS B 24 -4.78 16.49 -5.52
C CYS B 24 -6.26 16.18 -5.36
N LYS B 25 -6.60 15.18 -4.54
CA LYS B 25 -7.96 14.71 -4.41
C LYS B 25 -8.32 14.64 -2.94
N ALA B 26 -9.38 15.37 -2.54
CA ALA B 26 -9.81 15.43 -1.15
C ALA B 26 -10.89 14.37 -0.90
N SER B 27 -10.93 13.86 0.33
CA SER B 27 -11.93 12.88 0.70
C SER B 27 -13.30 13.52 0.91
N GLN B 28 -13.43 14.86 0.81
CA GLN B 28 -14.73 15.51 0.78
C GLN B 28 -14.64 16.89 0.13
N ASP B 29 -15.81 17.49 -0.15
CA ASP B 29 -15.87 18.77 -0.85
C ASP B 29 -15.23 19.83 0.03
N ILE B 30 -14.27 20.57 -0.55
CA ILE B 30 -13.55 21.61 0.16
C ILE B 30 -13.79 22.97 -0.51
N LYS B 31 -14.80 23.04 -1.38
CA LYS B 31 -15.30 24.31 -1.93
C LYS B 31 -14.14 25.21 -2.35
N SER B 32 -13.08 24.65 -2.95
CA SER B 32 -12.00 25.43 -3.54
C SER B 32 -11.17 26.17 -2.49
N TYR B 33 -11.36 25.85 -1.20
CA TYR B 33 -10.41 26.27 -0.16
C TYR B 33 -9.17 25.39 -0.25
N LEU B 34 -8.28 25.67 -1.20
CA LEU B 34 -7.15 24.80 -1.50
C LEU B 34 -5.97 25.63 -1.99
N SER B 35 -4.80 25.40 -1.39
CA SER B 35 -3.59 26.12 -1.74
C SER B 35 -2.51 25.16 -2.22
N TRP B 36 -1.71 25.61 -3.20
CA TRP B 36 -0.57 24.87 -3.71
C TRP B 36 0.73 25.54 -3.25
N TYR B 37 1.60 24.74 -2.60
CA TYR B 37 2.91 25.19 -2.14
C TYR B 37 3.97 24.45 -2.94
N GLN B 38 5.08 25.16 -3.21
CA GLN B 38 6.22 24.61 -3.90
C GLN B 38 7.40 24.72 -2.95
N GLN B 39 8.24 23.68 -2.89
CA GLN B 39 9.43 23.67 -2.04
C GLN B 39 10.61 23.17 -2.85
N LYS B 40 11.46 24.13 -3.25
CA LYS B 40 12.63 23.86 -4.07
C LYS B 40 13.66 23.18 -3.18
N PRO B 41 14.73 22.56 -3.77
CA PRO B 41 15.68 21.70 -3.07
C PRO B 41 15.33 21.49 -1.60
N TRP B 42 16.17 21.98 -0.69
CA TRP B 42 15.79 22.03 0.70
C TRP B 42 15.94 23.48 1.15
N LYS B 43 14.89 24.28 0.87
CA LYS B 43 14.78 25.68 1.26
C LYS B 43 13.32 25.90 1.65
N SER B 44 12.88 27.14 1.93
CA SER B 44 11.60 27.32 2.62
C SER B 44 10.46 27.16 1.62
N PRO B 45 9.28 26.61 2.02
CA PRO B 45 8.13 26.55 1.14
C PRO B 45 7.76 27.91 0.56
N LYS B 46 7.08 27.89 -0.60
CA LYS B 46 6.63 29.09 -1.28
C LYS B 46 5.20 28.88 -1.77
N THR B 47 4.38 29.93 -1.70
CA THR B 47 2.99 29.84 -2.12
C THR B 47 2.90 30.08 -3.63
N LEU B 48 2.32 29.09 -4.35
CA LEU B 48 2.07 29.23 -5.77
C LEU B 48 0.65 29.74 -6.01
N ILE B 49 -0.32 29.06 -5.41
CA ILE B 49 -1.72 29.21 -5.76
C ILE B 49 -2.56 29.10 -4.49
N TYR B 50 -3.62 29.90 -4.44
CA TYR B 50 -4.55 29.90 -3.34
C TYR B 50 -5.97 29.98 -3.89
N TYR B 51 -6.93 29.58 -3.05
CA TYR B 51 -8.33 29.45 -3.44
C TYR B 51 -8.42 28.74 -4.80
N ALA B 52 -7.62 27.67 -4.96
CA ALA B 52 -7.74 26.70 -6.04
C ALA B 52 -7.08 27.17 -7.34
N THR B 53 -7.22 28.46 -7.67
CA THR B 53 -6.92 28.92 -9.02
C THR B 53 -6.21 30.27 -9.10
N ARG B 54 -6.06 30.98 -7.98
CA ARG B 54 -5.48 32.31 -8.02
C ARG B 54 -3.98 32.17 -7.81
N LEU B 55 -3.19 32.67 -8.78
CA LEU B 55 -1.74 32.71 -8.64
C LEU B 55 -1.36 33.71 -7.54
N ALA B 56 -0.29 33.39 -6.81
CA ALA B 56 0.28 34.31 -5.84
C ALA B 56 1.10 35.37 -6.57
N ASP B 57 1.59 36.37 -5.81
CA ASP B 57 2.41 37.41 -6.40
C ASP B 57 3.78 36.84 -6.79
N GLY B 58 4.21 37.24 -7.99
CA GLY B 58 5.56 36.96 -8.46
C GLY B 58 5.72 35.51 -8.87
N VAL B 59 4.61 34.87 -9.22
CA VAL B 59 4.62 33.50 -9.68
C VAL B 59 4.61 33.53 -11.21
N PRO B 60 5.58 32.87 -11.88
CA PRO B 60 5.55 32.71 -13.33
C PRO B 60 4.18 32.22 -13.82
N SER B 61 3.75 32.71 -14.99
CA SER B 61 2.37 32.50 -15.42
C SER B 61 2.23 31.12 -16.07
N ARG B 62 3.34 30.42 -16.27
CA ARG B 62 3.31 29.05 -16.76
C ARG B 62 2.59 28.15 -15.75
N PHE B 63 2.64 28.55 -14.47
CA PHE B 63 1.88 27.89 -13.41
C PHE B 63 0.42 28.29 -13.48
N SER B 64 -0.46 27.28 -13.37
CA SER B 64 -1.90 27.48 -13.32
C SER B 64 -2.53 26.40 -12.44
N GLY B 65 -3.68 26.73 -11.84
CA GLY B 65 -4.41 25.81 -10.99
C GLY B 65 -5.87 25.78 -11.36
N SER B 66 -6.50 24.62 -11.16
CA SER B 66 -7.90 24.45 -11.50
C SER B 66 -8.49 23.34 -10.65
N GLY B 67 -9.81 23.22 -10.75
CA GLY B 67 -10.53 22.16 -10.06
C GLY B 67 -11.63 22.74 -9.18
N SER B 68 -12.44 21.83 -8.65
CA SER B 68 -13.44 22.16 -7.66
C SER B 68 -13.91 20.86 -6.99
N GLY B 69 -14.88 20.98 -6.08
CA GLY B 69 -15.38 19.83 -5.37
C GLY B 69 -14.27 19.13 -4.61
N GLN B 70 -13.94 17.91 -5.07
CA GLN B 70 -12.98 17.07 -4.39
C GLN B 70 -11.69 16.96 -5.19
N ASP B 71 -11.67 17.43 -6.43
CA ASP B 71 -10.57 17.09 -7.34
C ASP B 71 -9.95 18.38 -7.89
N TYR B 72 -8.64 18.52 -7.69
CA TYR B 72 -7.92 19.72 -8.10
C TYR B 72 -6.60 19.34 -8.78
N SER B 73 -6.02 20.28 -9.50
CA SER B 73 -4.81 20.01 -10.25
C SER B 73 -3.98 21.28 -10.43
N LEU B 74 -2.66 21.12 -10.40
CA LEU B 74 -1.72 22.17 -10.73
C LEU B 74 -1.07 21.79 -12.05
N THR B 75 -0.88 22.77 -12.93
CA THR B 75 -0.41 22.53 -14.28
C THR B 75 0.68 23.52 -14.62
N ILE B 76 1.89 23.00 -14.89
CA ILE B 76 2.96 23.81 -15.43
C ILE B 76 2.93 23.63 -16.95
N SER B 77 2.77 24.73 -17.69
CA SER B 77 2.51 24.66 -19.12
C SER B 77 3.77 24.30 -19.90
N SER B 78 4.89 24.98 -19.59
CA SER B 78 6.15 24.74 -20.29
C SER B 78 7.30 24.69 -19.29
N LEU B 79 7.74 23.47 -18.97
CA LEU B 79 8.56 23.18 -17.82
C LEU B 79 9.99 23.68 -18.01
N GLU B 80 10.41 24.64 -17.18
CA GLU B 80 11.80 25.07 -17.11
C GLU B 80 12.51 24.26 -16.02
N SER B 81 13.84 24.36 -15.98
CA SER B 81 14.68 23.55 -15.10
C SER B 81 14.60 24.05 -13.66
N ASP B 82 14.22 25.32 -13.51
CA ASP B 82 14.03 25.99 -12.24
C ASP B 82 12.96 25.27 -11.41
N ASP B 83 12.04 24.56 -12.07
CA ASP B 83 10.80 24.09 -11.47
C ASP B 83 10.96 22.75 -10.76
N THR B 84 12.18 22.19 -10.72
CA THR B 84 12.41 20.95 -10.01
C THR B 84 12.23 21.23 -8.51
N ALA B 85 11.31 20.50 -7.89
CA ALA B 85 10.83 20.83 -6.56
C ALA B 85 9.83 19.79 -6.11
N THR B 86 9.44 19.87 -4.83
CA THR B 86 8.31 19.12 -4.35
C THR B 86 7.12 20.06 -4.24
N TYR B 87 5.94 19.59 -4.67
CA TYR B 87 4.72 20.39 -4.65
C TYR B 87 3.72 19.79 -3.68
N TYR B 88 3.03 20.65 -2.91
CA TYR B 88 2.13 20.24 -1.86
C TYR B 88 0.80 20.97 -2.02
N CYS B 89 -0.30 20.22 -1.83
CA CYS B 89 -1.62 20.81 -1.73
C CYS B 89 -2.06 20.82 -0.26
N LEU B 90 -2.73 21.89 0.13
CA LEU B 90 -3.25 22.06 1.49
C LEU B 90 -4.71 22.46 1.38
N GLN B 91 -5.57 21.88 2.23
CA GLN B 91 -6.95 22.34 2.31
C GLN B 91 -7.17 23.05 3.64
N HIS B 92 -7.92 24.16 3.62
CA HIS B 92 -8.24 24.87 4.84
C HIS B 92 -9.73 25.03 5.00
N ARG B 93 -10.51 24.18 4.33
CA ARG B 93 -11.96 24.21 4.43
C ARG B 93 -12.38 23.82 5.84
N GLU B 94 -11.82 22.71 6.36
CA GLU B 94 -12.15 22.24 7.69
C GLU B 94 -10.88 22.02 8.49
N ARG B 95 -11.01 22.21 9.82
CA ARG B 95 -9.91 22.04 10.74
C ARG B 95 -9.91 20.62 11.27
N PRO B 96 -8.74 19.98 11.44
CA PRO B 96 -7.45 20.60 11.13
C PRO B 96 -7.12 20.72 9.65
N LEU B 97 -6.28 21.73 9.32
CA LEU B 97 -5.70 21.84 8.00
C LEU B 97 -4.90 20.58 7.71
N THR B 98 -5.02 20.08 6.48
CA THR B 98 -4.35 18.84 6.09
C THR B 98 -3.66 19.05 4.75
N VAL B 99 -2.66 18.22 4.50
CA VAL B 99 -1.73 18.43 3.40
C VAL B 99 -1.50 17.12 2.67
N GLY B 100 -1.42 17.19 1.35
CA GLY B 100 -0.95 16.08 0.57
C GLY B 100 0.45 15.64 0.98
N ALA B 101 0.86 14.45 0.53
CA ALA B 101 2.17 13.93 0.87
C ALA B 101 3.23 14.51 -0.08
N GLY B 102 2.81 15.23 -1.11
CA GLY B 102 3.73 15.89 -2.00
C GLY B 102 4.00 15.08 -3.27
N THR B 103 4.18 15.79 -4.38
CA THR B 103 4.64 15.24 -5.63
C THR B 103 6.04 15.79 -5.88
N LYS B 104 7.03 14.91 -5.98
CA LYS B 104 8.41 15.32 -6.26
C LYS B 104 8.58 15.36 -7.78
N LEU B 105 9.20 16.43 -8.30
CA LEU B 105 9.23 16.64 -9.74
C LEU B 105 10.66 16.94 -10.18
N GLU B 106 11.21 16.06 -11.04
CA GLU B 106 12.59 16.12 -11.45
C GLU B 106 12.68 16.02 -12.98
N LEU B 107 13.84 16.40 -13.52
CA LEU B 107 14.12 16.28 -14.94
C LEU B 107 14.68 14.89 -15.26
N LYS B 108 14.57 14.47 -16.53
CA LYS B 108 15.11 13.18 -16.95
C LYS B 108 16.24 13.36 -17.98
N GLY B 109 16.24 14.52 -18.65
CA GLY B 109 17.36 14.91 -19.49
C GLY B 109 16.91 15.40 -20.87
N SER B 110 17.84 16.02 -21.60
CA SER B 110 17.57 16.61 -22.91
C SER B 110 18.69 16.21 -23.87
N ASP B 111 18.65 16.75 -25.09
CA ASP B 111 19.72 16.64 -26.06
C ASP B 111 19.96 15.16 -26.42
N THR B 119 29.63 29.48 -21.17
CA THR B 119 29.13 28.28 -20.43
C THR B 119 30.10 27.81 -19.35
N VAL B 120 31.22 28.50 -19.09
CA VAL B 120 31.97 28.30 -17.85
C VAL B 120 31.11 28.70 -16.64
N GLU B 121 30.22 29.68 -16.83
CA GLU B 121 29.23 30.06 -15.84
C GLU B 121 28.34 28.87 -15.50
N ASP B 122 27.97 28.08 -16.51
CA ASP B 122 27.02 26.99 -16.40
C ASP B 122 27.65 25.76 -15.73
N ILE B 123 28.93 25.48 -16.01
CA ILE B 123 29.62 24.34 -15.41
C ILE B 123 29.81 24.62 -13.91
N GLN B 124 30.02 25.89 -13.54
CA GLN B 124 30.33 26.23 -12.17
C GLN B 124 29.06 26.40 -11.34
N LYS B 125 27.89 26.56 -11.98
CA LYS B 125 26.64 26.59 -11.24
C LYS B 125 26.23 25.16 -10.89
N ARG B 126 26.51 24.23 -11.83
CA ARG B 126 26.23 22.82 -11.63
C ARG B 126 27.11 22.25 -10.53
N LEU B 127 28.33 22.78 -10.41
CA LEU B 127 29.31 22.33 -9.44
C LEU B 127 28.93 22.78 -8.03
N LEU B 128 28.42 24.01 -7.92
CA LEU B 128 28.05 24.58 -6.64
C LEU B 128 26.77 23.96 -6.11
N ALA B 129 25.93 23.40 -6.98
CA ALA B 129 24.70 22.75 -6.55
C ALA B 129 24.98 21.53 -5.63
N LEU B 130 26.18 20.95 -5.79
CA LEU B 130 26.59 19.82 -4.96
C LEU B 130 26.93 20.29 -3.54
N ASP B 131 27.46 21.53 -3.41
CA ASP B 131 28.02 22.01 -2.18
C ASP B 131 26.99 22.05 -1.08
N PRO B 132 25.80 22.68 -1.24
CA PRO B 132 24.79 22.64 -0.18
C PRO B 132 24.36 21.24 0.25
N MET B 133 24.28 20.33 -0.72
CA MET B 133 23.87 18.96 -0.47
C MET B 133 24.92 18.27 0.42
N MET B 134 26.21 18.48 0.10
CA MET B 134 27.29 17.83 0.83
C MET B 134 27.40 18.42 2.23
N GLU B 135 27.26 19.75 2.34
CA GLU B 135 27.40 20.44 3.62
C GLU B 135 26.25 20.02 4.54
N GLN B 136 25.08 19.76 3.96
CA GLN B 136 23.92 19.31 4.71
C GLN B 136 24.18 17.93 5.28
N GLU B 137 24.78 17.04 4.47
CA GLU B 137 25.03 15.67 4.87
C GLU B 137 26.10 15.60 5.97
N ILE B 138 27.07 16.51 5.89
CA ILE B 138 28.13 16.58 6.89
C ILE B 138 27.55 17.07 8.22
N GLU B 139 26.64 18.04 8.14
CA GLU B 139 26.05 18.62 9.34
C GLU B 139 25.17 17.61 10.07
N GLU B 140 24.53 16.70 9.32
CA GLU B 140 23.81 15.59 9.93
C GLU B 140 24.77 14.78 10.80
N ILE B 141 25.97 14.49 10.26
CA ILE B 141 26.94 13.65 10.95
C ILE B 141 27.45 14.37 12.20
N ARG B 142 27.65 15.69 12.09
CA ARG B 142 28.19 16.45 13.20
C ARG B 142 27.23 16.42 14.38
N GLN B 143 25.95 16.70 14.10
CA GLN B 143 24.93 16.74 15.13
C GLN B 143 24.67 15.34 15.66
N LYS B 144 24.86 14.31 14.83
CA LYS B 144 24.74 12.93 15.27
C LYS B 144 25.75 12.65 16.38
N TYR B 145 26.98 13.13 16.18
CA TYR B 145 28.08 12.84 17.08
C TYR B 145 28.05 13.78 18.28
N GLN B 146 27.40 14.93 18.11
CA GLN B 146 27.22 15.90 19.17
C GLN B 146 26.21 15.36 20.18
N CYS B 147 25.21 14.60 19.71
CA CYS B 147 24.22 13.96 20.57
C CYS B 147 24.83 12.77 21.33
N LYS B 148 25.91 12.19 20.79
CA LYS B 148 26.59 11.09 21.47
C LYS B 148 27.52 11.64 22.56
N ARG B 149 28.10 12.83 22.31
CA ARG B 149 28.95 13.48 23.30
C ARG B 149 28.10 13.95 24.47
N GLN B 150 26.88 14.41 24.18
CA GLN B 150 26.05 15.20 25.09
C GLN B 150 25.91 14.52 26.43
N PRO B 151 25.49 13.23 26.52
CA PRO B 151 25.38 12.55 27.82
C PRO B 151 26.69 12.50 28.62
N ILE B 152 27.78 12.17 27.92
CA ILE B 152 29.08 11.97 28.53
C ILE B 152 29.55 13.29 29.15
N LEU B 153 29.33 14.40 28.43
CA LEU B 153 29.75 15.72 28.88
C LEU B 153 28.91 16.16 30.08
N ASP B 154 27.64 15.72 30.15
CA ASP B 154 26.79 16.03 31.29
C ASP B 154 27.31 15.30 32.53
N ALA B 155 27.76 14.05 32.34
CA ALA B 155 28.28 13.23 33.43
C ALA B 155 29.59 13.80 33.97
N ILE B 156 30.36 14.48 33.11
CA ILE B 156 31.65 15.03 33.49
C ILE B 156 31.44 16.26 34.39
N GLU B 157 30.38 17.05 34.13
CA GLU B 157 30.13 18.25 34.92
C GLU B 157 29.40 17.90 36.23
N ALA B 158 29.24 16.61 36.54
CA ALA B 158 28.47 16.18 37.70
C ALA B 158 29.10 16.70 39.00
N GLU C 2 11.89 44.90 1.63
CA GLU C 2 11.96 43.45 2.00
C GLU C 2 11.17 43.23 3.31
N VAL C 3 9.98 42.64 3.20
CA VAL C 3 9.44 41.84 4.30
C VAL C 3 10.46 40.74 4.59
N GLN C 4 10.59 40.37 5.88
CA GLN C 4 11.46 39.29 6.27
C GLN C 4 10.92 38.66 7.54
N LEU C 5 11.05 37.33 7.63
CA LEU C 5 10.84 36.60 8.87
C LEU C 5 12.16 35.99 9.31
N GLN C 6 12.68 36.47 10.44
CA GLN C 6 13.91 35.97 11.02
C GLN C 6 13.53 34.96 12.10
N GLN C 7 13.98 33.71 11.92
CA GLN C 7 13.70 32.67 12.88
C GLN C 7 14.93 32.45 13.75
N SER C 8 14.71 31.90 14.95
CA SER C 8 15.80 31.57 15.85
C SER C 8 16.68 30.51 15.20
N GLY C 9 17.84 30.27 15.82
CA GLY C 9 18.84 29.38 15.25
C GLY C 9 18.64 27.94 15.69
N ALA C 10 19.45 27.05 15.10
CA ALA C 10 19.41 25.63 15.36
C ALA C 10 19.41 25.34 16.85
N GLU C 11 18.74 24.24 17.23
CA GLU C 11 18.66 23.78 18.59
C GLU C 11 19.09 22.33 18.61
N LEU C 12 19.66 21.90 19.73
CA LEU C 12 20.03 20.51 19.93
C LEU C 12 19.91 20.19 21.40
N VAL C 13 18.97 19.30 21.75
CA VAL C 13 18.44 19.21 23.09
C VAL C 13 18.30 17.76 23.52
N ARG C 14 18.16 17.59 24.85
CA ARG C 14 18.02 16.30 25.50
C ARG C 14 16.56 15.90 25.44
N PRO C 15 16.24 14.59 25.38
CA PRO C 15 14.84 14.16 25.51
C PRO C 15 14.17 14.77 26.73
N GLY C 16 12.93 15.22 26.58
CA GLY C 16 12.16 15.80 27.69
C GLY C 16 12.42 17.30 27.90
N ALA C 17 13.38 17.86 27.15
CA ALA C 17 13.64 19.29 27.21
C ALA C 17 12.47 20.09 26.65
N LEU C 18 12.33 21.31 27.15
CA LEU C 18 11.54 22.35 26.53
C LEU C 18 12.43 23.14 25.57
N VAL C 19 11.82 23.67 24.51
CA VAL C 19 12.51 24.59 23.64
C VAL C 19 11.49 25.63 23.19
N LYS C 20 11.94 26.85 22.96
CA LYS C 20 11.05 27.90 22.50
C LYS C 20 11.68 28.60 21.31
N LEU C 21 11.03 28.43 20.15
CA LEU C 21 11.51 28.98 18.89
C LEU C 21 10.86 30.34 18.69
N SER C 22 11.54 31.21 17.93
CA SER C 22 11.04 32.56 17.73
C SER C 22 11.07 32.91 16.25
N CYS C 23 10.32 33.97 15.95
CA CYS C 23 10.07 34.42 14.59
C CYS C 23 9.86 35.92 14.67
N LYS C 24 10.85 36.69 14.22
CA LYS C 24 10.83 38.14 14.30
C LYS C 24 10.49 38.68 12.92
N ALA C 25 9.38 39.40 12.83
CA ALA C 25 8.88 39.89 11.55
C ALA C 25 9.27 41.34 11.35
N SER C 26 9.79 41.67 10.17
CA SER C 26 10.09 43.04 9.82
C SER C 26 9.60 43.31 8.39
N GLY C 27 8.84 44.39 8.23
CA GLY C 27 8.24 44.74 6.96
C GLY C 27 6.71 44.71 7.02
N PHE C 28 6.15 44.10 8.09
CA PHE C 28 4.71 44.05 8.25
C PHE C 28 4.32 43.95 9.72
N ASN C 29 3.15 44.46 10.07
CA ASN C 29 2.64 44.33 11.41
C ASN C 29 1.93 42.98 11.54
N ILE C 30 2.42 42.11 12.42
CA ILE C 30 1.87 40.76 12.55
C ILE C 30 0.41 40.82 12.98
N LYS C 31 -0.04 41.96 13.52
CA LYS C 31 -1.42 42.11 13.94
C LYS C 31 -2.36 42.00 12.73
N ASP C 32 -1.85 42.31 11.52
CA ASP C 32 -2.69 42.31 10.33
C ASP C 32 -2.75 40.93 9.67
N TYR C 33 -2.19 39.91 10.32
CA TYR C 33 -2.05 38.60 9.71
C TYR C 33 -2.38 37.53 10.74
N TYR C 34 -2.19 36.26 10.34
CA TYR C 34 -2.07 35.16 11.28
C TYR C 34 -0.65 34.62 11.18
N MET C 35 -0.09 34.22 12.33
CA MET C 35 1.25 33.66 12.34
C MET C 35 1.11 32.16 12.52
N TYR C 36 1.56 31.42 11.49
CA TYR C 36 1.44 29.97 11.43
C TYR C 36 2.79 29.34 11.79
N TRP C 37 2.73 28.08 12.23
CA TRP C 37 3.91 27.26 12.40
C TRP C 37 3.71 25.92 11.69
N VAL C 38 4.78 25.45 11.04
CA VAL C 38 4.75 24.28 10.19
C VAL C 38 5.99 23.45 10.49
N LYS C 39 5.76 22.14 10.68
CA LYS C 39 6.82 21.20 10.97
C LYS C 39 7.12 20.37 9.72
N GLN C 40 8.40 20.06 9.48
CA GLN C 40 8.78 19.15 8.41
C GLN C 40 9.88 18.19 8.91
N ARG C 41 9.46 16.95 9.22
CA ARG C 41 10.40 15.94 9.70
C ARG C 41 11.31 15.58 8.52
N PRO C 42 12.52 15.02 8.76
CA PRO C 42 13.50 14.84 7.67
C PRO C 42 13.06 13.82 6.63
N GLU C 43 13.08 14.26 5.36
CA GLU C 43 12.74 13.44 4.20
C GLU C 43 11.25 13.11 4.20
N GLN C 44 10.43 14.06 4.67
CA GLN C 44 8.98 13.90 4.79
C GLN C 44 8.27 15.22 4.51
N GLY C 45 6.95 15.21 4.64
CA GLY C 45 6.12 16.31 4.18
C GLY C 45 5.87 17.34 5.28
N LEU C 46 5.13 18.39 4.91
CA LEU C 46 4.81 19.49 5.79
C LEU C 46 3.58 19.11 6.64
N GLU C 47 3.66 19.36 7.95
CA GLU C 47 2.54 19.23 8.87
C GLU C 47 2.28 20.61 9.46
N TRP C 48 1.02 21.03 9.45
CA TRP C 48 0.64 22.31 10.02
C TRP C 48 0.37 22.13 11.51
N ILE C 49 1.03 22.95 12.34
CA ILE C 49 0.99 22.82 13.79
C ILE C 49 -0.17 23.62 14.35
N GLY C 50 -0.23 24.90 13.94
CA GLY C 50 -1.28 25.80 14.41
C GLY C 50 -1.04 27.23 13.94
N TRP C 51 -1.89 28.16 14.39
CA TRP C 51 -1.68 29.58 14.13
C TRP C 51 -2.21 30.39 15.30
N ILE C 52 -1.73 31.65 15.38
CA ILE C 52 -2.22 32.64 16.32
C ILE C 52 -2.65 33.88 15.56
N ASP C 53 -3.77 34.48 16.02
CA ASP C 53 -4.18 35.81 15.58
C ASP C 53 -3.61 36.82 16.58
N PRO C 54 -2.48 37.51 16.28
CA PRO C 54 -1.86 38.39 17.27
C PRO C 54 -2.74 39.51 17.78
N GLU C 55 -3.77 39.88 17.01
CA GLU C 55 -4.72 40.92 17.38
C GLU C 55 -5.54 40.56 18.63
N ASN C 56 -5.72 39.28 18.93
CA ASN C 56 -6.47 38.88 20.12
C ASN C 56 -5.90 37.64 20.81
N ASP C 57 -4.75 37.15 20.34
CA ASP C 57 -4.03 36.06 20.97
C ASP C 57 -4.84 34.75 20.92
N ASN C 58 -5.84 34.69 20.03
CA ASN C 58 -6.59 33.46 19.82
C ASN C 58 -5.75 32.50 18.97
N THR C 59 -5.71 31.24 19.40
CA THR C 59 -4.87 30.22 18.76
C THR C 59 -5.70 28.98 18.40
N ILE C 60 -5.55 28.50 17.16
CA ILE C 60 -6.05 27.21 16.72
C ILE C 60 -4.86 26.26 16.62
N TYR C 61 -5.07 24.98 16.98
CA TYR C 61 -4.02 23.95 16.83
C TYR C 61 -4.57 22.72 16.11
N ASP C 62 -3.68 21.93 15.51
CA ASP C 62 -4.01 20.58 15.14
C ASP C 62 -4.04 19.77 16.43
N PRO C 63 -5.08 18.96 16.69
CA PRO C 63 -5.12 18.11 17.89
C PRO C 63 -3.89 17.23 18.14
N LYS C 64 -3.23 16.82 17.06
CA LYS C 64 -1.98 16.07 17.13
C LYS C 64 -0.97 16.80 18.01
N PHE C 65 -1.01 18.14 18.03
CA PHE C 65 0.03 18.93 18.68
C PHE C 65 -0.49 19.61 19.94
N GLN C 66 -1.79 19.63 20.17
CA GLN C 66 -2.31 20.46 21.25
C GLN C 66 -1.89 19.84 22.58
N GLY C 67 -1.02 20.52 23.32
CA GLY C 67 -0.44 19.96 24.53
C GLY C 67 1.09 19.86 24.47
N LYS C 68 1.63 19.46 23.30
CA LYS C 68 3.07 19.45 23.10
C LYS C 68 3.52 20.85 22.65
N ALA C 69 2.68 21.53 21.85
CA ALA C 69 3.04 22.79 21.22
C ALA C 69 2.19 23.94 21.75
N SER C 70 2.84 25.10 21.82
CA SER C 70 2.24 26.29 22.38
C SER C 70 2.70 27.52 21.60
N ILE C 71 1.75 28.20 20.94
CA ILE C 71 2.03 29.31 20.05
C ILE C 71 1.64 30.62 20.73
N SER C 72 2.49 31.64 20.60
CA SER C 72 2.25 32.94 21.23
C SER C 72 2.91 34.04 20.43
N ALA C 73 2.43 35.26 20.65
CA ALA C 73 2.97 36.43 19.96
C ALA C 73 3.19 37.56 20.96
N ASP C 74 4.23 38.36 20.70
CA ASP C 74 4.45 39.62 21.39
C ASP C 74 4.29 40.75 20.37
N THR C 75 3.17 41.48 20.44
CA THR C 75 2.80 42.43 19.39
C THR C 75 3.74 43.63 19.40
N SER C 76 4.35 43.90 20.55
CA SER C 76 5.29 45.00 20.72
C SER C 76 6.58 44.75 19.94
N SER C 77 7.24 43.62 20.23
CA SER C 77 8.47 43.25 19.55
C SER C 77 8.19 42.64 18.16
N ASN C 78 6.91 42.45 17.82
CA ASN C 78 6.45 42.03 16.50
C ASN C 78 7.03 40.66 16.15
N THR C 79 6.92 39.76 17.14
CA THR C 79 7.60 38.48 17.16
C THR C 79 6.59 37.39 17.52
N ALA C 80 6.73 36.22 16.88
CA ALA C 80 5.88 35.08 17.17
C ALA C 80 6.75 33.98 17.75
N TYR C 81 6.13 33.09 18.53
CA TYR C 81 6.85 32.12 19.32
C TYR C 81 6.18 30.75 19.18
N LEU C 82 6.99 29.68 19.19
CA LEU C 82 6.48 28.32 19.28
C LEU C 82 7.26 27.57 20.35
N GLN C 83 6.53 26.91 21.26
CA GLN C 83 7.17 26.26 22.38
C GLN C 83 6.79 24.79 22.40
N LEU C 84 7.81 23.94 22.27
CA LEU C 84 7.66 22.49 22.21
C LEU C 84 8.17 21.89 23.52
N SER C 85 7.37 21.04 24.14
CA SER C 85 7.72 20.43 25.41
C SER C 85 7.75 18.91 25.26
N SER C 86 8.32 18.21 26.26
CA SER C 86 8.38 16.76 26.29
C SER C 86 8.97 16.22 24.98
N LEU C 87 10.06 16.85 24.53
CA LEU C 87 10.60 16.53 23.22
C LEU C 87 11.06 15.07 23.12
N THR C 88 10.76 14.43 21.99
CA THR C 88 11.27 13.12 21.64
C THR C 88 11.91 13.18 20.27
N SER C 89 12.35 12.03 19.75
CA SER C 89 12.93 11.94 18.42
C SER C 89 11.89 12.28 17.37
N GLU C 90 10.61 11.99 17.65
CA GLU C 90 9.51 12.37 16.77
C GLU C 90 9.56 13.86 16.42
N ASP C 91 10.19 14.67 17.28
CA ASP C 91 10.13 16.12 17.18
C ASP C 91 11.34 16.67 16.41
N THR C 92 12.38 15.86 16.21
CA THR C 92 13.50 16.23 15.35
C THR C 92 12.96 16.56 13.95
N ALA C 93 13.07 17.84 13.58
CA ALA C 93 12.40 18.35 12.40
C ALA C 93 12.83 19.78 12.15
N VAL C 94 12.39 20.33 11.01
CA VAL C 94 12.58 21.75 10.73
C VAL C 94 11.23 22.42 10.93
N TYR C 95 11.24 23.48 11.73
CA TYR C 95 10.03 24.24 12.02
C TYR C 95 10.11 25.55 11.24
N TYR C 96 9.12 25.76 10.37
CA TYR C 96 8.98 27.01 9.65
C TYR C 96 7.86 27.81 10.29
N CYS C 97 8.10 29.11 10.46
CA CYS C 97 7.07 30.07 10.83
C CYS C 97 6.67 30.81 9.56
N GLY C 98 5.40 31.21 9.49
CA GLY C 98 4.93 31.93 8.32
C GLY C 98 3.81 32.86 8.75
N GLY C 99 3.53 33.86 7.91
CA GLY C 99 2.43 34.76 8.15
C GLY C 99 1.57 34.92 6.89
N GLY C 100 0.26 35.05 7.08
CA GLY C 100 -0.63 35.25 5.97
C GLY C 100 -2.08 35.34 6.41
N PRO C 101 -3.04 35.54 5.47
CA PRO C 101 -4.45 35.42 5.78
C PRO C 101 -4.75 33.96 6.10
N LEU C 102 -6.05 33.65 6.23
CA LEU C 102 -6.49 32.31 6.58
C LEU C 102 -6.37 31.38 5.38
N TYR C 103 -6.21 31.94 4.17
CA TYR C 103 -6.36 31.20 2.93
C TYR C 103 -5.06 31.08 2.14
N ALA C 104 -3.95 31.68 2.64
CA ALA C 104 -2.66 31.64 1.97
C ALA C 104 -1.55 32.09 2.92
N MET C 105 -0.30 31.72 2.61
CA MET C 105 0.85 32.18 3.36
C MET C 105 1.63 33.18 2.54
N ASP C 106 1.59 34.44 2.94
CA ASP C 106 2.24 35.51 2.20
C ASP C 106 3.74 35.45 2.45
N TYR C 107 4.15 35.08 3.66
CA TYR C 107 5.54 35.18 4.08
C TYR C 107 5.97 33.96 4.88
N TRP C 108 7.18 33.46 4.58
CA TRP C 108 7.74 32.27 5.19
C TRP C 108 9.10 32.60 5.82
N GLY C 109 9.40 31.98 6.95
CA GLY C 109 10.73 32.05 7.53
C GLY C 109 11.70 31.10 6.85
N GLN C 110 12.98 31.19 7.22
CA GLN C 110 14.02 30.39 6.61
C GLN C 110 14.10 29.03 7.30
N GLY C 111 13.46 28.93 8.47
CA GLY C 111 13.27 27.67 9.15
C GLY C 111 14.30 27.45 10.24
N THR C 112 13.89 26.78 11.33
CA THR C 112 14.76 26.46 12.46
C THR C 112 14.82 24.95 12.62
N SER C 113 16.02 24.38 12.49
CA SER C 113 16.21 22.96 12.76
C SER C 113 16.24 22.69 14.27
N VAL C 114 15.52 21.65 14.70
CA VAL C 114 15.57 21.16 16.06
C VAL C 114 15.95 19.69 16.00
N THR C 115 16.94 19.29 16.80
CA THR C 115 17.46 17.93 16.81
C THR C 115 17.42 17.41 18.24
N VAL C 116 16.92 16.19 18.42
CA VAL C 116 16.68 15.63 19.74
C VAL C 116 17.41 14.29 19.83
N CYS C 117 18.18 14.14 20.92
CA CYS C 117 19.14 13.07 21.10
C CYS C 117 18.48 11.85 21.72
N SER C 118 19.24 10.76 21.83
CA SER C 118 18.79 9.58 22.57
C SER C 118 19.78 8.42 22.43
N ASP C 121 20.68 6.31 26.15
CA ASP C 121 21.09 5.56 27.38
C ASP C 121 22.22 6.31 28.09
N TYR C 122 22.02 6.57 29.40
CA TYR C 122 22.97 7.29 30.26
C TYR C 122 23.37 6.44 31.46
N GLU C 123 22.76 5.25 31.58
CA GLU C 123 23.11 4.29 32.62
C GLU C 123 24.60 3.96 32.56
N PHE C 124 25.16 3.94 31.35
CA PHE C 124 26.57 3.69 31.11
C PHE C 124 27.44 4.77 31.77
N LEU C 125 26.96 6.02 31.81
CA LEU C 125 27.77 7.15 32.24
C LEU C 125 27.58 7.46 33.73
N LYS C 126 26.50 6.95 34.34
CA LYS C 126 26.17 7.26 35.72
C LYS C 126 27.06 6.47 36.67
N SER C 127 27.38 5.22 36.32
CA SER C 127 28.07 4.31 37.22
C SER C 127 29.57 4.22 36.90
N TRP C 128 30.05 4.93 35.87
CA TRP C 128 31.30 4.55 35.22
C TRP C 128 32.49 5.17 35.93
N THR C 129 33.69 4.74 35.47
CA THR C 129 34.96 5.29 35.92
C THR C 129 35.35 6.43 34.99
N VAL C 130 36.08 7.43 35.53
CA VAL C 130 36.35 8.66 34.79
C VAL C 130 37.26 8.35 33.61
N GLU C 131 38.13 7.34 33.77
CA GLU C 131 39.01 6.87 32.72
C GLU C 131 38.17 6.37 31.54
N ASP C 132 37.07 5.66 31.88
CA ASP C 132 36.25 4.97 30.89
C ASP C 132 35.35 5.95 30.13
N ILE C 133 34.84 6.98 30.80
CA ILE C 133 33.96 7.95 30.16
C ILE C 133 34.78 8.77 29.18
N GLN C 134 36.06 9.03 29.50
CA GLN C 134 36.87 9.91 28.67
C GLN C 134 37.52 9.15 27.50
N LYS C 135 37.56 7.82 27.59
CA LYS C 135 38.03 7.03 26.46
C LYS C 135 36.91 6.92 25.42
N ARG C 136 35.67 6.81 25.92
CA ARG C 136 34.49 6.71 25.07
C ARG C 136 34.29 8.04 24.33
N LEU C 137 34.67 9.15 24.97
CA LEU C 137 34.49 10.48 24.41
C LEU C 137 35.47 10.71 23.24
N LEU C 138 36.70 10.22 23.42
CA LEU C 138 37.76 10.44 22.44
C LEU C 138 37.56 9.52 21.24
N ALA C 139 36.88 8.39 21.46
CA ALA C 139 36.62 7.42 20.40
C ALA C 139 35.70 7.99 19.34
N LEU C 140 34.95 9.06 19.68
CA LEU C 140 33.93 9.59 18.79
C LEU C 140 34.55 10.36 17.61
N ASP C 141 35.67 11.02 17.85
CA ASP C 141 36.22 11.95 16.86
C ASP C 141 36.68 11.16 15.63
N PRO C 142 37.52 10.10 15.75
CA PRO C 142 37.89 9.29 14.60
C PRO C 142 36.71 8.68 13.84
N MET C 143 35.68 8.27 14.59
CA MET C 143 34.48 7.67 14.01
C MET C 143 33.76 8.68 13.13
N MET C 144 33.64 9.93 13.62
CA MET C 144 32.93 10.96 12.91
C MET C 144 33.74 11.39 11.69
N GLU C 145 35.06 11.52 11.83
CA GLU C 145 35.92 11.94 10.73
C GLU C 145 35.90 10.88 9.63
N GLN C 146 35.76 9.61 10.01
CA GLN C 146 35.66 8.52 9.05
C GLN C 146 34.35 8.63 8.26
N GLU C 147 33.25 8.96 8.96
CA GLU C 147 31.94 9.07 8.32
C GLU C 147 31.89 10.28 7.39
N ILE C 148 32.61 11.35 7.73
CA ILE C 148 32.68 12.54 6.91
C ILE C 148 33.49 12.24 5.65
N GLU C 149 34.55 11.44 5.76
CA GLU C 149 35.40 11.09 4.62
C GLU C 149 34.60 10.24 3.61
N GLU C 150 33.67 9.41 4.10
CA GLU C 150 32.77 8.69 3.22
C GLU C 150 31.99 9.68 2.36
N ILE C 151 31.48 10.74 3.01
CA ILE C 151 30.64 11.72 2.34
C ILE C 151 31.47 12.52 1.33
N ARG C 152 32.73 12.81 1.67
CA ARG C 152 33.59 13.58 0.79
C ARG C 152 33.83 12.82 -0.51
N GLN C 153 34.19 11.54 -0.40
CA GLN C 153 34.49 10.73 -1.57
C GLN C 153 33.20 10.47 -2.36
N LYS C 154 32.06 10.44 -1.67
CA LYS C 154 30.77 10.30 -2.33
C LYS C 154 30.54 11.47 -3.28
N TYR C 155 30.86 12.68 -2.80
CA TYR C 155 30.58 13.91 -3.53
C TYR C 155 31.69 14.20 -4.54
N GLN C 156 32.85 13.60 -4.33
CA GLN C 156 33.97 13.69 -5.26
C GLN C 156 33.66 12.90 -6.52
N SER C 157 32.92 11.77 -6.36
CA SER C 157 32.47 10.96 -7.48
C SER C 157 31.36 11.66 -8.27
N LYS C 158 30.61 12.55 -7.62
CA LYS C 158 29.56 13.30 -8.29
C LYS C 158 30.14 14.49 -9.05
N ARG C 159 31.24 15.06 -8.55
CA ARG C 159 31.92 16.15 -9.25
C ARG C 159 32.58 15.62 -10.51
N GLN C 160 33.10 14.38 -10.44
CA GLN C 160 34.02 13.84 -11.42
C GLN C 160 33.46 13.95 -12.84
N PRO C 161 32.21 13.51 -13.12
CA PRO C 161 31.61 13.65 -14.46
C PRO C 161 31.52 15.10 -14.96
N ILE C 162 31.09 16.00 -14.07
CA ILE C 162 30.88 17.39 -14.41
C ILE C 162 32.21 18.03 -14.82
N LEU C 163 33.28 17.70 -14.09
CA LEU C 163 34.61 18.24 -14.36
C LEU C 163 35.16 17.71 -15.69
N ASP C 164 34.78 16.47 -16.04
CA ASP C 164 35.18 15.89 -17.32
C ASP C 164 34.50 16.63 -18.46
N ALA C 165 33.23 17.00 -18.27
CA ALA C 165 32.44 17.70 -19.27
C ALA C 165 32.98 19.13 -19.49
N ILE C 166 33.58 19.72 -18.44
CA ILE C 166 34.11 21.06 -18.50
C ILE C 166 35.38 21.08 -19.36
N GLU C 167 36.14 19.97 -19.35
CA GLU C 167 37.25 19.77 -20.26
C GLU C 167 36.72 19.45 -21.66
N MET D 1 -45.34 45.68 -22.05
CA MET D 1 -46.39 44.71 -22.45
C MET D 1 -45.95 43.32 -21.97
N GLU D 2 -44.85 42.82 -22.57
CA GLU D 2 -44.48 41.41 -22.50
C GLU D 2 -43.44 41.18 -21.40
N MET D 3 -43.87 40.47 -20.34
CA MET D 3 -43.04 40.17 -19.18
C MET D 3 -42.52 38.74 -19.30
N LYS D 4 -41.25 38.56 -18.94
CA LYS D 4 -40.61 37.26 -18.96
C LYS D 4 -39.98 36.94 -17.61
N ALA D 5 -39.97 35.64 -17.28
CA ALA D 5 -39.31 35.16 -16.09
C ALA D 5 -38.70 33.79 -16.36
N VAL D 6 -37.91 33.34 -15.39
CA VAL D 6 -37.12 32.13 -15.53
C VAL D 6 -36.82 31.61 -14.13
N CYS D 7 -36.64 30.28 -14.05
CA CYS D 7 -36.47 29.58 -12.79
C CYS D 7 -35.58 28.37 -13.00
N VAL D 8 -34.52 28.27 -12.20
CA VAL D 8 -33.62 27.14 -12.27
C VAL D 8 -33.84 26.27 -11.02
N LEU D 9 -34.31 25.04 -11.25
CA LEU D 9 -34.61 24.11 -10.17
C LEU D 9 -33.32 23.44 -9.70
N LYS D 10 -33.18 23.29 -8.38
CA LYS D 10 -32.02 22.67 -7.76
C LYS D 10 -32.43 22.00 -6.45
N GLY D 11 -31.80 20.83 -6.18
CA GLY D 11 -32.00 20.10 -4.96
C GLY D 11 -30.79 19.23 -4.63
N GLN D 12 -30.88 18.49 -3.52
CA GLN D 12 -29.82 17.59 -3.09
C GLN D 12 -29.76 16.39 -4.02
N GLY D 13 -30.92 15.99 -4.57
CA GLY D 13 -31.06 14.76 -5.32
C GLY D 13 -30.73 14.92 -6.80
N PRO D 14 -31.33 14.08 -7.67
CA PRO D 14 -31.06 14.11 -9.12
C PRO D 14 -31.85 15.10 -9.97
N VAL D 15 -32.80 15.81 -9.36
CA VAL D 15 -33.72 16.64 -10.11
C VAL D 15 -33.05 17.97 -10.47
N GLU D 16 -33.23 18.36 -11.74
CA GLU D 16 -32.74 19.60 -12.29
C GLU D 16 -33.79 20.07 -13.28
N GLY D 17 -33.73 21.34 -13.68
CA GLY D 17 -34.66 21.84 -14.67
C GLY D 17 -34.68 23.35 -14.72
N THR D 18 -35.08 23.87 -15.87
CA THR D 18 -35.29 25.28 -16.13
C THR D 18 -36.74 25.48 -16.55
N ILE D 19 -37.41 26.42 -15.89
CA ILE D 19 -38.79 26.77 -16.19
C ILE D 19 -38.80 28.19 -16.77
N HIS D 20 -39.56 28.40 -17.85
CA HIS D 20 -39.71 29.70 -18.47
C HIS D 20 -41.14 30.19 -18.33
N PHE D 21 -41.28 31.50 -18.06
CA PHE D 21 -42.58 32.14 -17.96
C PHE D 21 -42.66 33.32 -18.93
N VAL D 22 -43.72 33.37 -19.74
CA VAL D 22 -44.00 34.53 -20.57
C VAL D 22 -45.45 34.98 -20.35
N GLN D 23 -45.68 36.30 -20.35
CA GLN D 23 -47.00 36.87 -20.18
C GLN D 23 -47.13 38.19 -20.94
N LYS D 24 -47.98 38.23 -21.98
CA LYS D 24 -48.25 39.44 -22.74
C LYS D 24 -49.48 40.16 -22.18
N GLY D 25 -49.35 41.47 -21.96
CA GLY D 25 -50.43 42.26 -21.40
C GLY D 25 -50.88 41.67 -20.07
N SER D 26 -52.19 41.51 -19.90
CA SER D 26 -52.73 40.71 -18.81
C SER D 26 -53.40 39.48 -19.39
N GLY D 27 -52.82 38.93 -20.46
CA GLY D 27 -53.16 37.60 -20.93
C GLY D 27 -52.73 36.54 -19.92
N PRO D 28 -52.83 35.24 -20.23
CA PRO D 28 -52.43 34.21 -19.28
C PRO D 28 -50.91 34.09 -19.25
N VAL D 29 -50.39 33.40 -18.23
CA VAL D 29 -48.97 33.14 -18.10
C VAL D 29 -48.72 31.78 -18.74
N VAL D 30 -47.82 31.77 -19.74
CA VAL D 30 -47.43 30.53 -20.40
C VAL D 30 -46.17 30.00 -19.72
N VAL D 31 -46.32 28.86 -19.03
CA VAL D 31 -45.21 28.19 -18.38
C VAL D 31 -44.71 27.11 -19.32
N SER D 32 -43.39 26.93 -19.40
CA SER D 32 -42.78 25.98 -20.30
C SER D 32 -41.43 25.55 -19.74
N GLY D 33 -40.86 24.50 -20.34
CA GLY D 33 -39.52 24.07 -19.98
C GLY D 33 -39.44 22.57 -19.82
N THR D 34 -38.50 22.14 -19.00
CA THR D 34 -38.04 20.77 -18.93
C THR D 34 -37.51 20.48 -17.53
N ILE D 35 -37.90 19.33 -16.97
CA ILE D 35 -37.37 18.89 -15.69
C ILE D 35 -36.82 17.49 -15.88
N THR D 36 -35.62 17.23 -15.35
CA THR D 36 -34.90 15.99 -15.53
C THR D 36 -34.69 15.31 -14.18
N GLY D 37 -34.35 14.01 -14.20
CA GLY D 37 -34.04 13.27 -12.99
C GLY D 37 -35.27 12.92 -12.16
N LEU D 38 -36.43 12.94 -12.80
CA LEU D 38 -37.68 12.57 -12.15
C LEU D 38 -37.88 11.06 -12.35
N THR D 39 -38.66 10.45 -11.46
CA THR D 39 -39.20 9.13 -11.70
C THR D 39 -40.38 9.26 -12.65
N LYS D 40 -40.66 8.20 -13.41
CA LYS D 40 -41.75 8.18 -14.37
C LYS D 40 -43.07 8.35 -13.62
N GLY D 41 -43.97 9.18 -14.18
CA GLY D 41 -45.27 9.45 -13.58
C GLY D 41 -45.48 10.93 -13.30
N GLU D 42 -46.36 11.23 -12.34
CA GLU D 42 -46.85 12.58 -12.10
C GLU D 42 -46.24 13.16 -10.83
N HIS D 43 -45.96 14.47 -10.87
CA HIS D 43 -45.28 15.15 -9.79
C HIS D 43 -45.91 16.51 -9.58
N GLY D 44 -46.28 16.80 -8.32
CA GLY D 44 -46.85 18.06 -7.92
C GLY D 44 -45.94 19.25 -8.25
N PHE D 45 -46.53 20.31 -8.81
CA PHE D 45 -45.79 21.46 -9.30
C PHE D 45 -46.52 22.72 -8.83
N HIS D 46 -45.93 23.47 -7.89
CA HIS D 46 -46.60 24.58 -7.24
C HIS D 46 -45.66 25.77 -7.04
N VAL D 47 -46.22 26.98 -7.14
CA VAL D 47 -45.56 28.19 -6.70
C VAL D 47 -45.73 28.32 -5.20
N HIS D 48 -44.63 28.24 -4.45
CA HIS D 48 -44.67 28.45 -3.01
C HIS D 48 -44.44 29.94 -2.74
N GLN D 49 -44.69 30.36 -1.50
CA GLN D 49 -44.88 31.75 -1.16
C GLN D 49 -43.58 32.55 -1.23
N PHE D 50 -42.53 32.07 -0.57
CA PHE D 50 -41.30 32.83 -0.43
C PHE D 50 -40.20 32.33 -1.35
N GLY D 51 -39.42 33.25 -1.91
CA GLY D 51 -38.16 32.93 -2.57
C GLY D 51 -37.02 32.90 -1.57
N ASP D 52 -37.20 32.14 -0.49
CA ASP D 52 -36.19 32.03 0.55
C ASP D 52 -35.55 30.66 0.41
N ASN D 53 -34.25 30.65 0.10
CA ASN D 53 -33.55 29.41 -0.21
C ASN D 53 -32.53 29.09 0.90
N THR D 54 -32.62 29.80 2.02
CA THR D 54 -31.63 29.71 3.08
C THR D 54 -31.60 28.32 3.74
N GLN D 55 -32.73 27.61 3.74
CA GLN D 55 -32.83 26.30 4.34
C GLN D 55 -33.38 25.31 3.32
N GLY D 56 -32.73 25.22 2.16
CA GLY D 56 -33.16 24.32 1.10
C GLY D 56 -34.52 24.72 0.53
N CYS D 57 -35.41 23.73 0.36
CA CYS D 57 -36.74 23.95 -0.18
C CYS D 57 -37.78 24.08 0.92
N THR D 58 -37.40 23.78 2.17
CA THR D 58 -38.29 23.94 3.32
C THR D 58 -38.59 25.43 3.54
N SER D 59 -37.61 26.30 3.32
CA SER D 59 -37.76 27.71 3.61
C SER D 59 -38.64 28.43 2.59
N ALA D 60 -39.12 27.72 1.57
CA ALA D 60 -40.02 28.30 0.58
C ALA D 60 -41.40 28.54 1.19
N GLY D 61 -41.73 27.79 2.24
CA GLY D 61 -43.01 27.95 2.92
C GLY D 61 -44.14 27.27 2.15
N PRO D 62 -45.40 27.58 2.49
CA PRO D 62 -46.55 26.89 1.90
C PRO D 62 -46.89 27.42 0.52
N HIS D 63 -47.90 26.81 -0.09
CA HIS D 63 -48.32 27.16 -1.44
C HIS D 63 -48.74 28.63 -1.45
N PHE D 64 -48.38 29.34 -2.53
CA PHE D 64 -48.71 30.75 -2.66
C PHE D 64 -50.23 30.91 -2.74
N ASN D 65 -50.77 31.55 -1.69
CA ASN D 65 -52.21 31.59 -1.48
C ASN D 65 -52.58 32.89 -0.78
N PRO D 66 -52.76 33.99 -1.53
CA PRO D 66 -53.21 35.26 -0.95
C PRO D 66 -54.70 35.40 -0.62
N LEU D 67 -55.56 34.54 -1.19
CA LEU D 67 -56.99 34.63 -0.96
C LEU D 67 -57.45 33.64 0.12
N SER D 68 -56.50 33.01 0.84
CA SER D 68 -56.81 32.13 1.96
C SER D 68 -57.78 31.01 1.59
N LYS D 69 -57.71 30.51 0.36
CA LYS D 69 -58.52 29.39 -0.09
C LYS D 69 -57.87 28.07 0.30
N LYS D 70 -58.53 26.95 -0.05
CA LYS D 70 -57.98 25.62 0.18
C LYS D 70 -57.33 25.12 -1.10
N HIS D 71 -56.51 24.07 -0.98
CA HIS D 71 -55.76 23.53 -2.10
C HIS D 71 -56.72 22.90 -3.11
N GLY D 72 -56.36 23.01 -4.39
CA GLY D 72 -57.11 22.39 -5.46
C GLY D 72 -56.22 22.19 -6.69
N GLY D 73 -56.84 21.68 -7.76
CA GLY D 73 -56.19 21.56 -9.05
C GLY D 73 -56.14 22.91 -9.77
N PRO D 74 -55.56 22.97 -10.98
CA PRO D 74 -55.46 24.24 -11.71
C PRO D 74 -56.79 24.73 -12.28
N LYS D 75 -57.73 23.81 -12.52
CA LYS D 75 -59.01 24.14 -13.15
C LYS D 75 -60.09 24.41 -12.11
N ASP D 76 -59.84 24.09 -10.83
CA ASP D 76 -60.79 24.32 -9.77
C ASP D 76 -60.98 25.82 -9.54
N GLN D 77 -62.09 26.17 -8.89
CA GLN D 77 -62.35 27.51 -8.44
C GLN D 77 -61.78 27.67 -7.04
N GLU D 78 -62.03 26.67 -6.20
CA GLU D 78 -61.42 26.56 -4.89
C GLU D 78 -60.01 26.00 -5.04
N ARG D 79 -59.03 26.91 -5.07
CA ARG D 79 -57.62 26.56 -5.22
C ARG D 79 -56.74 27.68 -4.69
N HIS D 80 -55.48 27.34 -4.38
CA HIS D 80 -54.46 28.33 -4.13
C HIS D 80 -54.07 28.96 -5.47
N VAL D 81 -53.45 30.14 -5.42
CA VAL D 81 -53.02 30.83 -6.61
C VAL D 81 -51.86 30.07 -7.23
N GLY D 82 -51.01 29.48 -6.38
CA GLY D 82 -49.83 28.74 -6.82
C GLY D 82 -50.12 27.36 -7.42
N ASP D 83 -51.34 26.84 -7.24
CA ASP D 83 -51.63 25.45 -7.53
C ASP D 83 -51.71 25.22 -9.04
N LEU D 84 -50.63 24.66 -9.62
CA LEU D 84 -50.53 24.42 -11.06
C LEU D 84 -50.61 22.92 -11.36
N GLY D 85 -50.98 22.10 -10.37
CA GLY D 85 -51.26 20.70 -10.61
C GLY D 85 -50.00 19.84 -10.73
N ASN D 86 -49.88 19.09 -11.84
CA ASN D 86 -48.93 18.00 -11.99
C ASN D 86 -48.16 18.13 -13.30
N VAL D 87 -46.86 17.85 -13.25
CA VAL D 87 -46.04 17.65 -14.44
C VAL D 87 -45.82 16.15 -14.56
N THR D 88 -45.55 15.69 -15.78
CA THR D 88 -45.53 14.27 -16.07
C THR D 88 -44.20 13.85 -16.66
N ALA D 89 -43.52 12.94 -15.97
CA ALA D 89 -42.25 12.43 -16.41
C ALA D 89 -42.44 11.11 -17.13
N GLY D 90 -41.63 10.92 -18.18
CA GLY D 90 -41.62 9.70 -18.96
C GLY D 90 -40.62 8.68 -18.42
N LYS D 91 -40.40 7.63 -19.21
CA LYS D 91 -39.48 6.57 -18.87
C LYS D 91 -38.03 7.06 -18.96
N ASP D 92 -37.83 8.23 -19.57
CA ASP D 92 -36.52 8.84 -19.69
C ASP D 92 -36.23 9.70 -18.46
N GLY D 93 -37.17 9.77 -17.52
CA GLY D 93 -37.00 10.55 -16.30
C GLY D 93 -37.21 12.04 -16.53
N VAL D 94 -37.81 12.42 -17.67
CA VAL D 94 -37.92 13.81 -18.08
C VAL D 94 -39.39 14.22 -18.15
N ALA D 95 -39.65 15.48 -17.78
CA ALA D 95 -40.96 16.08 -17.92
C ALA D 95 -40.83 17.31 -18.80
N ILE D 96 -41.68 17.40 -19.83
CA ILE D 96 -41.82 18.62 -20.61
C ILE D 96 -42.98 19.40 -20.01
N VAL D 97 -42.68 20.60 -19.53
CA VAL D 97 -43.68 21.43 -18.90
C VAL D 97 -44.36 22.25 -19.99
N SER D 98 -45.68 22.32 -19.89
CA SER D 98 -46.50 23.12 -20.78
C SER D 98 -47.81 23.45 -20.05
N ILE D 99 -47.96 24.72 -19.67
CA ILE D 99 -48.99 25.13 -18.74
C ILE D 99 -49.37 26.56 -19.08
N GLU D 100 -50.68 26.83 -19.05
CA GLU D 100 -51.20 28.17 -19.20
C GLU D 100 -52.10 28.44 -17.99
N ASP D 101 -51.97 29.61 -17.37
CA ASP D 101 -52.69 29.89 -16.14
C ASP D 101 -52.95 31.39 -16.02
N SER D 102 -54.08 31.71 -15.37
CA SER D 102 -54.63 33.05 -15.34
C SER D 102 -54.56 33.67 -13.94
N LEU D 103 -54.56 32.83 -12.90
CA LEU D 103 -54.55 33.32 -11.53
C LEU D 103 -53.16 33.85 -11.16
N ILE D 104 -52.10 33.16 -11.59
CA ILE D 104 -50.73 33.63 -11.38
C ILE D 104 -50.48 34.79 -12.35
N ALA D 105 -49.41 35.56 -12.08
CA ALA D 105 -49.04 36.69 -12.92
C ALA D 105 -47.57 37.05 -12.73
N LEU D 106 -47.03 37.87 -13.63
CA LEU D 106 -45.65 38.33 -13.55
C LEU D 106 -45.60 39.79 -13.13
N SER D 107 -46.74 40.31 -12.63
CA SER D 107 -46.82 41.65 -12.05
C SER D 107 -48.12 41.82 -11.28
N GLY D 108 -48.19 42.86 -10.46
CA GLY D 108 -49.39 43.15 -9.68
C GLY D 108 -49.50 42.24 -8.46
N ASP D 109 -50.72 42.17 -7.90
CA ASP D 109 -50.93 41.56 -6.61
C ASP D 109 -50.66 40.06 -6.67
N TYR D 110 -50.81 39.45 -7.86
CA TYR D 110 -50.67 38.01 -7.99
C TYR D 110 -49.37 37.66 -8.72
N SER D 111 -48.32 38.45 -8.47
CA SER D 111 -47.02 38.24 -9.08
C SER D 111 -46.30 37.08 -8.39
N ILE D 112 -45.62 36.25 -9.19
CA ILE D 112 -44.86 35.13 -8.68
C ILE D 112 -43.37 35.47 -8.70
N ILE D 113 -43.01 36.52 -9.44
CA ILE D 113 -41.65 37.06 -9.40
C ILE D 113 -41.19 37.17 -7.95
N GLY D 114 -40.03 36.58 -7.65
CA GLY D 114 -39.46 36.64 -6.32
C GLY D 114 -39.97 35.54 -5.41
N ARG D 115 -40.65 34.55 -5.99
CA ARG D 115 -41.13 33.41 -5.22
C ARG D 115 -40.57 32.13 -5.84
N THR D 116 -40.92 30.99 -5.27
CA THR D 116 -40.26 29.72 -5.54
C THR D 116 -41.18 28.76 -6.27
N MET D 117 -40.64 28.13 -7.33
CA MET D 117 -41.26 26.97 -7.95
C MET D 117 -40.73 25.72 -7.27
N VAL D 118 -41.61 24.74 -7.05
CA VAL D 118 -41.23 23.49 -6.39
C VAL D 118 -41.83 22.32 -7.15
N VAL D 119 -40.99 21.33 -7.45
CA VAL D 119 -41.47 20.07 -8.00
C VAL D 119 -41.37 19.02 -6.90
N HIS D 120 -42.36 18.12 -6.84
CA HIS D 120 -42.59 17.27 -5.66
C HIS D 120 -42.33 15.80 -5.97
N GLU D 121 -42.24 15.01 -4.90
CA GLU D 121 -41.95 13.59 -4.94
C GLU D 121 -43.09 12.80 -5.57
N LYS D 122 -44.33 13.09 -5.14
CA LYS D 122 -45.50 12.34 -5.58
C LYS D 122 -46.43 13.22 -6.41
N ARG D 123 -47.51 12.59 -6.88
CA ARG D 123 -48.60 13.25 -7.59
C ARG D 123 -49.41 14.13 -6.63
N ASP D 124 -49.84 15.29 -7.14
CA ASP D 124 -50.75 16.20 -6.46
C ASP D 124 -52.17 15.68 -6.66
N ASP D 125 -52.93 15.49 -5.57
CA ASP D 125 -54.26 14.88 -5.69
C ASP D 125 -55.34 15.91 -5.99
N LEU D 126 -54.96 17.19 -6.16
CA LEU D 126 -55.85 18.23 -6.63
C LEU D 126 -56.92 18.54 -5.58
N GLY D 127 -56.65 18.17 -4.32
CA GLY D 127 -57.51 18.50 -3.21
C GLY D 127 -58.67 17.53 -3.01
N LYS D 128 -58.65 16.40 -3.74
CA LYS D 128 -59.76 15.44 -3.75
C LYS D 128 -59.41 14.22 -2.91
N GLY D 129 -58.71 14.42 -1.78
CA GLY D 129 -58.25 13.33 -0.95
C GLY D 129 -59.14 13.15 0.28
N ASP D 130 -58.84 12.10 1.06
CA ASP D 130 -59.70 11.67 2.15
C ASP D 130 -59.09 12.09 3.49
N ASN D 131 -58.54 13.31 3.57
CA ASN D 131 -57.82 13.73 4.75
C ASN D 131 -57.59 15.25 4.75
N GLU D 132 -57.17 15.74 5.92
CA GLU D 132 -56.80 17.12 6.15
C GLU D 132 -55.78 17.55 5.09
N GLU D 133 -54.70 16.76 5.01
CA GLU D 133 -53.51 17.10 4.25
C GLU D 133 -53.87 17.50 2.82
N SER D 134 -54.85 16.82 2.21
CA SER D 134 -55.14 16.99 0.81
C SER D 134 -55.50 18.43 0.48
N THR D 135 -56.17 19.13 1.41
CA THR D 135 -56.65 20.48 1.13
C THR D 135 -55.61 21.52 1.54
N GLN D 136 -54.38 21.05 1.84
CA GLN D 136 -53.24 21.91 2.13
C GLN D 136 -52.17 21.73 1.04
N THR D 137 -51.68 20.51 0.90
CA THR D 137 -50.53 20.20 0.06
C THR D 137 -50.91 19.31 -1.11
N GLY D 138 -52.08 18.67 -1.04
CA GLY D 138 -52.51 17.72 -2.06
C GLY D 138 -51.71 16.41 -2.01
N ASN D 139 -51.05 16.17 -0.87
CA ASN D 139 -50.33 14.92 -0.62
C ASN D 139 -49.26 14.69 -1.68
N ALA D 140 -48.60 15.76 -2.11
CA ALA D 140 -47.62 15.68 -3.18
C ALA D 140 -46.29 15.15 -2.64
N GLY D 141 -46.14 15.18 -1.31
CA GLY D 141 -44.96 14.63 -0.66
C GLY D 141 -43.84 15.66 -0.58
N SER D 142 -42.61 15.15 -0.46
CA SER D 142 -41.45 15.98 -0.20
C SER D 142 -41.03 16.76 -1.45
N ARG D 143 -40.19 17.78 -1.24
CA ARG D 143 -39.82 18.74 -2.26
C ARG D 143 -38.46 18.36 -2.84
N LEU D 144 -38.43 17.95 -4.11
CA LEU D 144 -37.22 17.40 -4.70
C LEU D 144 -36.29 18.52 -5.17
N ALA D 145 -36.86 19.58 -5.73
CA ALA D 145 -36.06 20.69 -6.20
C ALA D 145 -36.90 21.97 -6.20
N CYS D 146 -36.21 23.10 -6.09
CA CYS D 146 -36.89 24.39 -6.14
C CYS D 146 -35.93 25.45 -6.67
N GLY D 147 -36.51 26.61 -6.97
CA GLY D 147 -35.76 27.73 -7.48
C GLY D 147 -36.55 29.02 -7.33
N VAL D 148 -35.85 30.12 -7.08
CA VAL D 148 -36.47 31.43 -7.04
C VAL D 148 -36.75 31.86 -8.49
N ILE D 149 -37.84 32.60 -8.66
CA ILE D 149 -38.31 33.05 -9.95
C ILE D 149 -37.76 34.45 -10.20
N GLY D 150 -36.91 34.58 -11.20
CA GLY D 150 -36.27 35.84 -11.50
C GLY D 150 -36.81 36.43 -12.80
N ILE D 151 -36.55 37.73 -12.98
CA ILE D 151 -36.88 38.42 -14.20
C ILE D 151 -35.92 37.97 -15.30
N ALA D 152 -36.47 37.66 -16.46
CA ALA D 152 -35.68 37.19 -17.58
C ALA D 152 -35.61 38.28 -18.63
N GLN D 153 -34.70 38.07 -19.60
CA GLN D 153 -34.64 38.91 -20.79
C GLN D 153 -35.56 38.30 -21.84
N MET E 1 -46.45 47.27 4.10
CA MET E 1 -45.62 48.36 4.69
C MET E 1 -44.15 47.91 4.70
N GLU E 2 -43.86 46.87 5.51
CA GLU E 2 -42.51 46.38 5.71
C GLU E 2 -42.22 45.19 4.78
N MET E 3 -41.32 45.41 3.81
CA MET E 3 -40.95 44.40 2.84
C MET E 3 -39.60 43.79 3.23
N LYS E 4 -39.52 42.46 3.06
CA LYS E 4 -38.29 41.72 3.33
C LYS E 4 -37.88 40.89 2.13
N ALA E 5 -36.56 40.73 1.97
CA ALA E 5 -36.01 39.91 0.90
C ALA E 5 -34.75 39.23 1.38
N VAL E 6 -34.26 38.29 0.57
CA VAL E 6 -33.15 37.44 0.91
C VAL E 6 -32.51 36.92 -0.36
N CYS E 7 -31.22 36.61 -0.28
CA CYS E 7 -30.41 36.23 -1.43
C CYS E 7 -29.31 35.29 -1.00
N VAL E 8 -29.21 34.14 -1.67
CA VAL E 8 -28.19 33.17 -1.34
C VAL E 8 -27.16 33.16 -2.48
N LEU E 9 -25.92 33.55 -2.17
CA LEU E 9 -24.88 33.65 -3.16
C LEU E 9 -24.29 32.28 -3.41
N LYS E 10 -24.01 31.98 -4.68
CA LYS E 10 -23.46 30.71 -5.12
C LYS E 10 -22.59 30.91 -6.35
N GLY E 11 -21.47 30.18 -6.41
CA GLY E 11 -20.61 30.16 -7.58
C GLY E 11 -19.86 28.85 -7.71
N GLN E 12 -19.02 28.73 -8.74
CA GLN E 12 -18.20 27.54 -8.92
C GLN E 12 -17.09 27.53 -7.88
N GLY E 13 -16.64 28.72 -7.48
CA GLY E 13 -15.48 28.87 -6.62
C GLY E 13 -15.83 28.83 -5.13
N PRO E 14 -15.01 29.47 -4.28
CA PRO E 14 -15.15 29.38 -2.82
C PRO E 14 -16.12 30.33 -2.13
N VAL E 15 -16.70 31.26 -2.90
CA VAL E 15 -17.54 32.30 -2.33
C VAL E 15 -18.94 31.76 -2.02
N GLU E 16 -19.41 32.11 -0.82
CA GLU E 16 -20.73 31.77 -0.35
C GLU E 16 -21.22 32.95 0.46
N GLY E 17 -22.53 33.00 0.71
CA GLY E 17 -23.07 34.01 1.60
C GLY E 17 -24.58 34.17 1.44
N THR E 18 -25.18 34.74 2.48
CA THR E 18 -26.58 35.11 2.51
C THR E 18 -26.69 36.61 2.73
N ILE E 19 -27.48 37.27 1.89
CA ILE E 19 -27.75 38.70 1.99
C ILE E 19 -29.21 38.90 2.39
N HIS E 20 -29.46 39.82 3.34
CA HIS E 20 -30.80 40.14 3.79
C HIS E 20 -31.16 41.59 3.43
N PHE E 21 -32.40 41.80 3.00
CA PHE E 21 -32.90 43.13 2.67
C PHE E 21 -34.16 43.43 3.47
N VAL E 22 -34.19 44.61 4.10
CA VAL E 22 -35.38 45.09 4.79
C VAL E 22 -35.68 46.52 4.35
N GLN E 23 -36.96 46.84 4.15
CA GLN E 23 -37.38 48.18 3.76
C GLN E 23 -38.75 48.49 4.34
N LYS E 24 -38.81 49.40 5.33
CA LYS E 24 -40.07 49.79 5.94
C LYS E 24 -40.58 51.08 5.31
N GLY E 25 -41.87 51.05 4.92
CA GLY E 25 -42.47 52.18 4.23
C GLY E 25 -41.68 52.56 3.00
N SER E 26 -41.38 53.86 2.89
CA SER E 26 -40.45 54.33 1.89
C SER E 26 -39.20 54.87 2.58
N GLY E 27 -38.80 54.19 3.67
CA GLY E 27 -37.47 54.33 4.21
C GLY E 27 -36.43 53.79 3.23
N PRO E 28 -35.12 53.78 3.58
CA PRO E 28 -34.11 53.22 2.71
C PRO E 28 -34.15 51.69 2.79
N VAL E 29 -33.43 51.02 1.88
CA VAL E 29 -33.29 49.58 1.92
C VAL E 29 -32.03 49.28 2.73
N VAL E 30 -32.21 48.49 3.80
CA VAL E 30 -31.10 48.10 4.64
C VAL E 30 -30.63 46.73 4.19
N VAL E 31 -29.43 46.68 3.60
CA VAL E 31 -28.80 45.43 3.20
C VAL E 31 -27.88 44.99 4.31
N SER E 32 -27.84 43.68 4.57
CA SER E 32 -27.02 43.12 5.63
C SER E 32 -26.64 41.68 5.28
N GLY E 33 -25.71 41.11 6.04
CA GLY E 33 -25.36 39.72 5.89
C GLY E 33 -23.85 39.51 5.90
N THR E 34 -23.43 38.41 5.27
CA THR E 34 -22.09 37.87 5.45
C THR E 34 -21.68 37.12 4.19
N ILE E 35 -20.46 37.38 3.72
CA ILE E 35 -19.93 36.69 2.56
C ILE E 35 -18.59 36.08 2.94
N THR E 36 -18.40 34.82 2.57
CA THR E 36 -17.24 34.03 2.97
C THR E 36 -16.46 33.61 1.72
N GLY E 37 -15.21 33.20 1.92
CA GLY E 37 -14.37 32.69 0.84
C GLY E 37 -13.83 33.79 -0.06
N LEU E 38 -13.82 35.02 0.45
CA LEU E 38 -13.27 36.14 -0.31
C LEU E 38 -11.81 36.28 0.02
N THR E 39 -11.04 36.90 -0.87
CA THR E 39 -9.72 37.38 -0.55
C THR E 39 -9.85 38.68 0.23
N LYS E 40 -8.84 38.97 1.06
CA LYS E 40 -8.81 40.18 1.88
C LYS E 40 -8.80 41.39 0.95
N GLY E 41 -9.60 42.40 1.31
CA GLY E 41 -9.70 43.63 0.53
C GLY E 41 -11.13 43.92 0.10
N GLU E 42 -11.26 44.75 -0.96
CA GLU E 42 -12.54 45.26 -1.42
C GLU E 42 -13.03 44.51 -2.66
N HIS E 43 -14.34 44.33 -2.73
CA HIS E 43 -14.96 43.55 -3.78
C HIS E 43 -16.24 44.24 -4.24
N GLY E 44 -16.35 44.47 -5.55
CA GLY E 44 -17.53 45.07 -6.15
C GLY E 44 -18.81 44.30 -5.85
N PHE E 45 -19.87 45.04 -5.50
CA PHE E 45 -21.13 44.45 -5.07
C PHE E 45 -22.25 45.20 -5.77
N HIS E 46 -22.93 44.54 -6.73
CA HIS E 46 -23.91 45.20 -7.58
C HIS E 46 -25.15 44.34 -7.81
N VAL E 47 -26.31 45.00 -7.93
CA VAL E 47 -27.52 44.37 -8.42
C VAL E 47 -27.47 44.37 -9.94
N HIS E 48 -27.42 43.17 -10.54
CA HIS E 48 -27.45 43.06 -11.99
C HIS E 48 -28.91 42.91 -12.40
N GLN E 49 -29.17 43.03 -13.71
CA GLN E 49 -30.51 43.31 -14.22
C GLN E 49 -31.44 42.11 -14.08
N PHE E 50 -31.00 40.93 -14.55
CA PHE E 50 -31.87 39.77 -14.64
C PHE E 50 -31.58 38.76 -13.54
N GLY E 51 -32.64 38.16 -13.00
CA GLY E 51 -32.53 36.97 -12.17
C GLY E 51 -32.49 35.70 -13.01
N ASP E 52 -31.61 35.68 -14.02
CA ASP E 52 -31.48 34.53 -14.90
C ASP E 52 -30.19 33.82 -14.51
N ASN E 53 -30.33 32.58 -14.04
CA ASN E 53 -29.23 31.85 -13.46
C ASN E 53 -28.87 30.65 -14.34
N THR E 54 -29.42 30.63 -15.55
CA THR E 54 -29.31 29.48 -16.45
C THR E 54 -27.87 29.25 -16.90
N GLN E 55 -27.06 30.30 -16.96
CA GLN E 55 -25.68 30.18 -17.40
C GLN E 55 -24.75 30.79 -16.35
N GLY E 56 -24.88 30.31 -15.11
CA GLY E 56 -24.09 30.83 -14.01
C GLY E 56 -24.41 32.29 -13.70
N CYS E 57 -23.36 33.11 -13.55
CA CYS E 57 -23.49 34.52 -13.24
C CYS E 57 -23.43 35.39 -14.51
N THR E 58 -23.04 34.79 -15.63
CA THR E 58 -22.97 35.53 -16.90
C THR E 58 -24.38 35.93 -17.35
N SER E 59 -25.37 35.06 -17.12
CA SER E 59 -26.72 35.29 -17.59
C SER E 59 -27.44 36.37 -16.78
N ALA E 60 -26.80 36.91 -15.73
CA ALA E 60 -27.40 37.98 -14.95
C ALA E 60 -27.44 39.29 -15.75
N GLY E 61 -26.53 39.42 -16.72
CA GLY E 61 -26.49 40.60 -17.57
C GLY E 61 -25.80 41.77 -16.87
N PRO E 62 -25.98 43.01 -17.40
CA PRO E 62 -25.25 44.16 -16.89
C PRO E 62 -25.86 44.72 -15.62
N HIS E 63 -25.23 45.75 -15.07
CA HIS E 63 -25.67 46.36 -13.83
C HIS E 63 -27.09 46.89 -14.04
N PHE E 64 -27.94 46.73 -13.02
CA PHE E 64 -29.31 47.22 -13.09
C PHE E 64 -29.31 48.73 -13.20
N ASN E 65 -29.77 49.22 -14.37
CA ASN E 65 -29.63 50.62 -14.75
C ASN E 65 -30.80 51.02 -15.64
N PRO E 66 -31.96 51.36 -15.06
CA PRO E 66 -33.10 51.84 -15.85
C PRO E 66 -33.06 53.29 -16.35
N LEU E 67 -32.20 54.14 -15.78
CA LEU E 67 -32.14 55.54 -16.20
C LEU E 67 -30.98 55.78 -17.19
N SER E 68 -30.37 54.72 -17.71
CA SER E 68 -29.35 54.82 -18.75
C SER E 68 -28.20 55.74 -18.35
N LYS E 69 -27.85 55.75 -17.06
CA LYS E 69 -26.71 56.52 -16.58
C LYS E 69 -25.43 55.69 -16.73
N LYS E 70 -24.29 56.29 -16.36
CA LYS E 70 -23.01 55.62 -16.34
C LYS E 70 -22.73 55.09 -14.94
N HIS E 71 -21.75 54.18 -14.85
CA HIS E 71 -21.43 53.52 -13.60
C HIS E 71 -20.82 54.54 -12.64
N GLY E 72 -21.12 54.35 -11.35
CA GLY E 72 -20.57 55.19 -10.30
C GLY E 72 -20.59 54.47 -8.96
N GLY E 73 -20.15 55.18 -7.93
CA GLY E 73 -20.23 54.69 -6.57
C GLY E 73 -21.64 54.85 -6.02
N PRO E 74 -21.90 54.43 -4.77
CA PRO E 74 -23.25 54.49 -4.19
C PRO E 74 -23.67 55.92 -3.83
N LYS E 75 -22.70 56.81 -3.58
CA LYS E 75 -22.98 58.17 -3.14
C LYS E 75 -23.00 59.14 -4.31
N ASP E 76 -22.56 58.71 -5.51
CA ASP E 76 -22.58 59.57 -6.69
C ASP E 76 -24.02 59.82 -7.12
N GLN E 77 -24.20 60.86 -7.94
CA GLN E 77 -25.46 61.18 -8.59
C GLN E 77 -25.52 60.43 -9.92
N GLU E 78 -24.41 60.49 -10.67
CA GLU E 78 -24.21 59.70 -11.87
C GLU E 78 -23.81 58.29 -11.47
N ARG E 79 -24.80 57.39 -11.43
CA ARG E 79 -24.61 55.99 -11.06
C ARG E 79 -25.74 55.14 -11.63
N HIS E 80 -25.47 53.83 -11.75
CA HIS E 80 -26.52 52.86 -11.99
C HIS E 80 -27.33 52.70 -10.70
N VAL E 81 -28.55 52.18 -10.83
CA VAL E 81 -29.41 51.96 -9.67
C VAL E 81 -28.83 50.82 -8.84
N GLY E 82 -28.24 49.84 -9.51
CA GLY E 82 -27.69 48.67 -8.85
C GLY E 82 -26.36 48.91 -8.13
N ASP E 83 -25.70 50.05 -8.41
CA ASP E 83 -24.32 50.26 -7.99
C ASP E 83 -24.27 50.52 -6.49
N LEU E 84 -23.88 49.50 -5.71
CA LEU E 84 -23.80 49.58 -4.25
C LEU E 84 -22.34 49.59 -3.78
N GLY E 85 -21.40 49.75 -4.71
CA GLY E 85 -20.01 49.95 -4.34
C GLY E 85 -19.30 48.66 -3.96
N ASN E 86 -18.69 48.63 -2.77
CA ASN E 86 -17.72 47.62 -2.39
C ASN E 86 -18.08 47.02 -1.03
N VAL E 87 -17.89 45.71 -0.88
CA VAL E 87 -17.88 45.05 0.41
C VAL E 87 -16.42 44.78 0.74
N THR E 88 -16.11 44.61 2.03
CA THR E 88 -14.72 44.55 2.46
C THR E 88 -14.47 43.27 3.25
N ALA E 89 -13.55 42.46 2.73
CA ALA E 89 -13.18 41.21 3.37
C ALA E 89 -11.93 41.40 4.20
N GLY E 90 -11.90 40.73 5.35
CA GLY E 90 -10.76 40.73 6.25
C GLY E 90 -9.78 39.60 5.95
N LYS E 91 -8.83 39.41 6.86
CA LYS E 91 -7.83 38.37 6.71
C LYS E 91 -8.43 36.99 6.94
N ASP E 92 -9.67 36.95 7.45
CA ASP E 92 -10.39 35.71 7.65
C ASP E 92 -11.16 35.33 6.40
N GLY E 93 -11.07 36.16 5.36
CA GLY E 93 -11.73 35.90 4.09
C GLY E 93 -13.23 36.20 4.11
N VAL E 94 -13.65 36.99 5.12
CA VAL E 94 -15.07 37.23 5.37
C VAL E 94 -15.37 38.72 5.21
N ALA E 95 -16.55 39.01 4.67
CA ALA E 95 -17.06 40.36 4.59
C ALA E 95 -18.39 40.43 5.34
N ILE E 96 -18.51 41.40 6.26
CA ILE E 96 -19.79 41.68 6.89
C ILE E 96 -20.42 42.82 6.09
N VAL E 97 -21.59 42.55 5.50
CA VAL E 97 -22.26 43.53 4.68
C VAL E 97 -23.15 44.36 5.58
N SER E 98 -23.10 45.67 5.34
CA SER E 98 -23.95 46.63 6.01
C SER E 98 -24.06 47.84 5.09
N ILE E 99 -25.25 48.03 4.51
CA ILE E 99 -25.44 48.98 3.43
C ILE E 99 -26.86 49.50 3.53
N GLU E 100 -26.99 50.80 3.32
CA GLU E 100 -28.26 51.49 3.32
C GLU E 100 -28.31 52.25 1.99
N ASP E 101 -29.45 52.16 1.28
CA ASP E 101 -29.52 52.76 -0.04
C ASP E 101 -30.97 53.13 -0.36
N SER E 102 -31.13 54.20 -1.15
CA SER E 102 -32.43 54.82 -1.37
C SER E 102 -32.90 54.65 -2.82
N LEU E 103 -31.95 54.48 -3.74
CA LEU E 103 -32.27 54.39 -5.16
C LEU E 103 -32.87 53.01 -5.47
N ILE E 104 -32.32 51.95 -4.86
CA ILE E 104 -32.89 50.61 -4.97
C ILE E 104 -34.16 50.55 -4.12
N ALA E 105 -34.98 49.52 -4.35
CA ALA E 105 -36.23 49.35 -3.63
C ALA E 105 -36.68 47.89 -3.68
N LEU E 106 -37.64 47.55 -2.81
CA LEU E 106 -38.24 46.22 -2.81
C LEU E 106 -39.64 46.27 -3.41
N SER E 107 -39.96 47.37 -4.12
CA SER E 107 -41.20 47.49 -4.88
C SER E 107 -41.12 48.66 -5.87
N GLY E 108 -42.05 48.66 -6.83
CA GLY E 108 -42.11 49.72 -7.83
C GLY E 108 -41.05 49.57 -8.90
N ASP E 109 -40.80 50.66 -9.66
CA ASP E 109 -39.99 50.61 -10.86
C ASP E 109 -38.53 50.31 -10.49
N TYR E 110 -38.11 50.59 -9.26
CA TYR E 110 -36.73 50.38 -8.86
C TYR E 110 -36.62 49.18 -7.93
N SER E 111 -37.46 48.16 -8.14
CA SER E 111 -37.46 46.95 -7.34
C SER E 111 -36.31 46.06 -7.79
N ILE E 112 -35.65 45.42 -6.81
CA ILE E 112 -34.56 44.50 -7.08
C ILE E 112 -35.06 43.07 -6.95
N ILE E 113 -36.21 42.89 -6.28
CA ILE E 113 -36.89 41.61 -6.23
C ILE E 113 -36.90 41.00 -7.62
N GLY E 114 -36.41 39.77 -7.72
CA GLY E 114 -36.41 39.02 -8.98
C GLY E 114 -35.19 39.34 -9.85
N ARG E 115 -34.19 39.98 -9.24
CA ARG E 115 -32.94 40.25 -9.93
C ARG E 115 -31.81 39.64 -9.10
N THR E 116 -30.57 39.84 -9.58
CA THR E 116 -29.42 39.12 -9.08
C THR E 116 -28.45 40.04 -8.37
N MET E 117 -27.99 39.62 -7.19
CA MET E 117 -26.86 40.22 -6.51
C MET E 117 -25.59 39.51 -6.98
N VAL E 118 -24.52 40.28 -7.18
CA VAL E 118 -23.26 39.71 -7.61
C VAL E 118 -22.13 40.32 -6.80
N VAL E 119 -21.24 39.46 -6.28
CA VAL E 119 -20.01 39.93 -5.67
C VAL E 119 -18.86 39.60 -6.62
N HIS E 120 -17.87 40.51 -6.69
CA HIS E 120 -16.89 40.51 -7.77
C HIS E 120 -15.49 40.18 -7.28
N GLU E 121 -14.61 39.88 -8.25
CA GLU E 121 -13.24 39.49 -8.01
C GLU E 121 -12.43 40.65 -7.44
N LYS E 122 -12.55 41.85 -8.03
CA LYS E 122 -11.74 43.00 -7.64
C LYS E 122 -12.62 44.10 -7.04
N ARG E 123 -11.94 45.18 -6.63
CA ARG E 123 -12.56 46.39 -6.14
C ARG E 123 -13.25 47.13 -7.28
N ASP E 124 -14.41 47.71 -6.95
CA ASP E 124 -15.17 48.60 -7.84
C ASP E 124 -14.54 49.97 -7.75
N ASP E 125 -14.15 50.57 -8.90
CA ASP E 125 -13.43 51.83 -8.86
C ASP E 125 -14.39 53.03 -8.82
N LEU E 126 -15.70 52.77 -8.75
CA LEU E 126 -16.71 53.79 -8.53
C LEU E 126 -16.80 54.74 -9.73
N GLY E 127 -16.30 54.29 -10.89
CA GLY E 127 -16.42 55.03 -12.12
C GLY E 127 -15.33 56.08 -12.32
N LYS E 128 -14.31 56.08 -11.46
CA LYS E 128 -13.26 57.09 -11.47
C LYS E 128 -11.98 56.52 -12.09
N GLY E 129 -12.12 55.72 -13.14
CA GLY E 129 -10.99 55.05 -13.76
C GLY E 129 -10.58 55.76 -15.05
N ASP E 130 -9.48 55.31 -15.65
CA ASP E 130 -8.88 55.99 -16.79
C ASP E 130 -9.16 55.19 -18.06
N ASN E 131 -10.42 54.74 -18.23
CA ASN E 131 -10.76 53.91 -19.37
C ASN E 131 -12.28 53.80 -19.53
N GLU E 132 -12.68 53.26 -20.69
CA GLU E 132 -14.07 53.03 -21.02
C GLU E 132 -14.71 52.16 -19.94
N GLU E 133 -14.04 51.04 -19.64
CA GLU E 133 -14.56 49.98 -18.79
C GLU E 133 -15.10 50.55 -17.48
N SER E 134 -14.39 51.55 -16.92
CA SER E 134 -14.71 52.04 -15.59
C SER E 134 -16.14 52.55 -15.49
N THR E 135 -16.66 53.15 -16.57
CA THR E 135 -17.99 53.75 -16.52
C THR E 135 -19.05 52.74 -16.94
N GLN E 136 -18.67 51.45 -17.04
CA GLN E 136 -19.59 50.36 -17.29
C GLN E 136 -19.66 49.43 -16.07
N THR E 137 -18.50 48.87 -15.72
CA THR E 137 -18.42 47.82 -14.72
C THR E 137 -17.61 48.28 -13.50
N GLY E 138 -16.87 49.38 -13.64
CA GLY E 138 -16.02 49.86 -12.56
C GLY E 138 -14.79 48.98 -12.35
N ASN E 139 -14.47 48.16 -13.36
CA ASN E 139 -13.28 47.32 -13.38
C ASN E 139 -13.28 46.38 -12.18
N ALA E 140 -14.47 45.88 -11.80
CA ALA E 140 -14.61 45.02 -10.63
C ALA E 140 -14.15 43.61 -10.97
N GLY E 141 -14.07 43.30 -12.28
CA GLY E 141 -13.57 42.01 -12.74
C GLY E 141 -14.67 40.96 -12.77
N SER E 142 -14.28 39.69 -12.68
CA SER E 142 -15.18 38.57 -12.90
C SER E 142 -16.10 38.37 -11.70
N ARG E 143 -17.16 37.58 -11.93
CA ARG E 143 -18.25 37.42 -10.99
C ARG E 143 -18.05 36.12 -10.21
N LEU E 144 -17.78 36.22 -8.92
CA LEU E 144 -17.42 35.05 -8.13
C LEU E 144 -18.65 34.30 -7.68
N ALA E 145 -19.71 35.02 -7.30
CA ALA E 145 -20.92 34.38 -6.86
C ALA E 145 -22.12 35.30 -7.08
N CYS E 146 -23.30 34.70 -7.26
CA CYS E 146 -24.52 35.47 -7.44
C CYS E 146 -25.70 34.68 -6.95
N GLY E 147 -26.85 35.35 -6.88
CA GLY E 147 -28.07 34.74 -6.41
C GLY E 147 -29.26 35.62 -6.77
N VAL E 148 -30.40 34.99 -7.05
CA VAL E 148 -31.62 35.71 -7.31
C VAL E 148 -32.17 36.21 -5.98
N ILE E 149 -32.82 37.39 -6.02
CA ILE E 149 -33.32 38.06 -4.83
C ILE E 149 -34.80 37.70 -4.67
N GLY E 150 -35.11 36.98 -3.60
CA GLY E 150 -36.46 36.47 -3.40
C GLY E 150 -37.14 37.17 -2.24
N ILE E 151 -38.46 36.98 -2.17
CA ILE E 151 -39.26 37.52 -1.10
C ILE E 151 -39.03 36.68 0.14
N ALA E 152 -38.79 37.35 1.28
CA ALA E 152 -38.54 36.66 2.52
C ALA E 152 -39.79 36.75 3.40
N GLN E 153 -39.93 35.84 4.36
CA GLN E 153 -41.11 35.80 5.21
C GLN E 153 -41.20 37.09 6.05
N MET F 1 44.66 -49.61 16.03
CA MET F 1 45.18 -49.45 14.64
C MET F 1 44.67 -48.13 14.07
N GLU F 2 43.34 -48.05 13.87
CA GLU F 2 42.74 -47.14 12.90
C GLU F 2 42.22 -45.86 13.57
N MET F 3 42.86 -44.72 13.22
CA MET F 3 42.39 -43.40 13.62
C MET F 3 41.52 -42.77 12.52
N LYS F 4 40.42 -42.14 12.92
CA LYS F 4 39.52 -41.47 11.99
C LYS F 4 39.25 -40.04 12.42
N ALA F 5 39.07 -39.18 11.42
CA ALA F 5 38.73 -37.79 11.64
C ALA F 5 37.81 -37.30 10.53
N VAL F 6 37.28 -36.09 10.73
CA VAL F 6 36.27 -35.52 9.85
C VAL F 6 36.30 -34.00 10.01
N CYS F 7 35.87 -33.32 8.95
CA CYS F 7 35.99 -31.87 8.86
C CYS F 7 34.86 -31.33 7.99
N VAL F 8 34.12 -30.36 8.50
CA VAL F 8 33.03 -29.75 7.77
C VAL F 8 33.44 -28.33 7.39
N LEU F 9 33.57 -28.07 6.09
CA LEU F 9 33.98 -26.77 5.60
C LEU F 9 32.78 -25.82 5.59
N LYS F 10 33.03 -24.57 6.02
CA LYS F 10 32.02 -23.54 6.09
C LYS F 10 32.67 -22.17 5.88
N GLY F 11 31.94 -21.27 5.19
CA GLY F 11 32.42 -19.92 4.98
C GLY F 11 31.26 -18.97 4.69
N GLN F 12 31.60 -17.71 4.41
CA GLN F 12 30.61 -16.70 4.07
C GLN F 12 30.02 -16.98 2.70
N GLY F 13 30.84 -17.54 1.81
CA GLY F 13 30.50 -17.68 0.41
C GLY F 13 29.72 -18.97 0.11
N PRO F 14 29.80 -19.46 -1.15
CA PRO F 14 29.03 -20.65 -1.57
C PRO F 14 29.67 -22.02 -1.33
N VAL F 15 30.90 -22.03 -0.78
CA VAL F 15 31.66 -23.25 -0.62
C VAL F 15 31.14 -24.04 0.58
N GLU F 16 31.00 -25.36 0.37
CA GLU F 16 30.63 -26.31 1.41
C GLU F 16 31.42 -27.57 1.13
N GLY F 17 31.52 -28.45 2.14
CA GLY F 17 32.14 -29.74 1.92
C GLY F 17 32.48 -30.45 3.21
N THR F 18 32.55 -31.78 3.13
CA THR F 18 32.98 -32.65 4.21
C THR F 18 34.23 -33.41 3.77
N ILE F 19 35.26 -33.37 4.63
CA ILE F 19 36.52 -34.05 4.40
C ILE F 19 36.63 -35.17 5.43
N HIS F 20 37.07 -36.36 4.97
CA HIS F 20 37.28 -37.50 5.84
C HIS F 20 38.77 -37.85 5.88
N PHE F 21 39.25 -38.21 7.08
CA PHE F 21 40.62 -38.64 7.27
C PHE F 21 40.65 -40.03 7.92
N VAL F 22 41.39 -40.96 7.32
CA VAL F 22 41.63 -42.27 7.93
C VAL F 22 43.13 -42.55 7.93
N GLN F 23 43.61 -43.19 9.00
CA GLN F 23 45.02 -43.53 9.14
C GLN F 23 45.17 -44.85 9.92
N LYS F 24 45.65 -45.90 9.22
CA LYS F 24 45.87 -47.21 9.81
C LYS F 24 47.33 -47.34 10.27
N GLY F 25 47.51 -47.77 11.51
CA GLY F 25 48.84 -47.84 12.11
C GLY F 25 49.53 -46.48 12.04
N SER F 26 50.78 -46.49 11.58
CA SER F 26 51.44 -45.25 11.20
C SER F 26 51.68 -45.27 9.69
N GLY F 27 50.72 -45.83 8.96
CA GLY F 27 50.68 -45.71 7.51
C GLY F 27 50.36 -44.27 7.11
N PRO F 28 50.02 -44.00 5.83
CA PRO F 28 49.75 -42.64 5.40
C PRO F 28 48.35 -42.25 5.85
N VAL F 29 48.07 -40.93 5.80
CA VAL F 29 46.74 -40.42 6.06
C VAL F 29 46.01 -40.31 4.74
N VAL F 30 44.87 -41.00 4.65
CA VAL F 30 44.06 -40.98 3.44
C VAL F 30 42.98 -39.92 3.62
N VAL F 31 43.10 -38.84 2.83
CA VAL F 31 42.13 -37.76 2.84
C VAL F 31 41.15 -38.00 1.70
N SER F 32 39.87 -37.76 1.94
CA SER F 32 38.83 -38.01 0.95
C SER F 32 37.64 -37.10 1.19
N GLY F 33 36.73 -37.04 0.21
CA GLY F 33 35.50 -36.29 0.37
C GLY F 33 35.17 -35.46 -0.86
N THR F 34 34.39 -34.39 -0.65
CA THR F 34 33.78 -33.62 -1.72
C THR F 34 33.64 -32.15 -1.30
N ILE F 35 33.97 -31.23 -2.20
CA ILE F 35 33.78 -29.81 -1.96
C ILE F 35 32.95 -29.24 -3.09
N THR F 36 31.94 -28.44 -2.72
CA THR F 36 30.96 -27.90 -3.66
C THR F 36 31.04 -26.37 -3.66
N GLY F 37 30.45 -25.74 -4.69
CA GLY F 37 30.37 -24.30 -4.77
C GLY F 37 31.69 -23.64 -5.12
N LEU F 38 32.61 -24.41 -5.71
CA LEU F 38 33.88 -23.87 -6.16
C LEU F 38 33.74 -23.38 -7.58
N THR F 39 34.63 -22.47 -8.00
CA THR F 39 34.81 -22.17 -9.40
C THR F 39 35.65 -23.28 -10.03
N LYS F 40 35.46 -23.49 -11.34
CA LYS F 40 36.19 -24.51 -12.09
C LYS F 40 37.68 -24.16 -12.04
N GLY F 41 38.52 -25.19 -11.82
CA GLY F 41 39.96 -25.01 -11.75
C GLY F 41 40.56 -25.53 -10.44
N GLU F 42 41.74 -25.01 -10.11
CA GLU F 42 42.53 -25.50 -8.99
C GLU F 42 42.45 -24.54 -7.80
N HIS F 43 42.43 -25.13 -6.60
CA HIS F 43 42.26 -24.38 -5.37
C HIS F 43 43.18 -24.93 -4.30
N GLY F 44 43.98 -24.03 -3.71
CA GLY F 44 44.89 -24.37 -2.62
C GLY F 44 44.18 -25.02 -1.43
N PHE F 45 44.78 -26.09 -0.91
CA PHE F 45 44.17 -26.90 0.13
C PHE F 45 45.23 -27.22 1.17
N HIS F 46 45.12 -26.61 2.37
CA HIS F 46 46.16 -26.68 3.37
C HIS F 46 45.59 -26.88 4.77
N VAL F 47 46.31 -27.61 5.62
CA VAL F 47 46.05 -27.61 7.05
C VAL F 47 46.72 -26.39 7.67
N HIS F 48 45.91 -25.48 8.22
CA HIS F 48 46.43 -24.31 8.91
C HIS F 48 46.60 -24.68 10.38
N GLN F 49 47.29 -23.82 11.12
CA GLN F 49 47.88 -24.18 12.40
C GLN F 49 46.81 -24.34 13.49
N PHE F 50 45.94 -23.34 13.64
CA PHE F 50 45.00 -23.30 14.75
C PHE F 50 43.59 -23.71 14.32
N GLY F 51 42.90 -24.45 15.19
CA GLY F 51 41.46 -24.65 15.07
C GLY F 51 40.70 -23.52 15.76
N ASP F 52 41.04 -22.28 15.43
CA ASP F 52 40.40 -21.12 16.02
C ASP F 52 39.48 -20.53 14.97
N ASN F 53 38.18 -20.57 15.23
CA ASN F 53 37.17 -20.23 14.25
C ASN F 53 36.44 -18.95 14.67
N THR F 54 36.99 -18.26 15.68
CA THR F 54 36.33 -17.11 16.29
C THR F 54 36.19 -15.94 15.31
N GLN F 55 37.11 -15.84 14.34
CA GLN F 55 37.09 -14.74 13.39
C GLN F 55 37.11 -15.30 11.97
N GLY F 56 36.14 -16.18 11.67
CA GLY F 56 36.07 -16.82 10.37
C GLY F 56 37.28 -17.72 10.12
N CYS F 57 37.87 -17.59 8.93
CA CYS F 57 38.99 -18.41 8.51
C CYS F 57 40.31 -17.67 8.71
N THR F 58 40.25 -16.38 9.01
CA THR F 58 41.44 -15.59 9.27
C THR F 58 42.11 -16.06 10.57
N SER F 59 41.32 -16.43 11.57
CA SER F 59 41.84 -16.81 12.87
C SER F 59 42.53 -18.19 12.85
N ALA F 60 42.51 -18.89 11.70
CA ALA F 60 43.17 -20.18 11.58
C ALA F 60 44.69 -20.02 11.56
N GLY F 61 45.16 -18.82 11.18
CA GLY F 61 46.58 -18.53 11.17
C GLY F 61 47.29 -19.14 9.96
N PRO F 62 48.63 -19.22 9.96
CA PRO F 62 49.37 -19.66 8.78
C PRO F 62 49.38 -21.19 8.64
N HIS F 63 50.02 -21.66 7.57
CA HIS F 63 50.05 -23.07 7.26
C HIS F 63 50.73 -23.81 8.40
N PHE F 64 50.21 -25.01 8.73
CA PHE F 64 50.77 -25.81 9.80
C PHE F 64 52.18 -26.25 9.43
N ASN F 65 53.15 -25.73 10.20
CA ASN F 65 54.56 -25.83 9.86
C ASN F 65 55.37 -25.88 11.15
N PRO F 66 55.52 -27.06 11.78
CA PRO F 66 56.40 -27.21 12.95
C PRO F 66 57.91 -27.29 12.72
N LEU F 67 58.35 -27.56 11.48
CA LEU F 67 59.76 -27.70 11.18
C LEU F 67 60.35 -26.42 10.59
N SER F 68 59.58 -25.31 10.61
CA SER F 68 60.05 -24.00 10.20
C SER F 68 60.61 -24.01 8.78
N LYS F 69 60.04 -24.83 7.90
CA LYS F 69 60.44 -24.87 6.50
C LYS F 69 59.67 -23.80 5.71
N LYS F 70 59.96 -23.72 4.40
CA LYS F 70 59.25 -22.81 3.51
C LYS F 70 58.15 -23.58 2.79
N HIS F 71 57.22 -22.83 2.18
CA HIS F 71 56.06 -23.43 1.53
C HIS F 71 56.51 -24.20 0.29
N GLY F 72 55.82 -25.30 0.01
CA GLY F 72 56.06 -26.09 -1.17
C GLY F 72 54.83 -26.91 -1.55
N GLY F 73 54.97 -27.72 -2.60
CA GLY F 73 53.93 -28.67 -2.98
C GLY F 73 53.94 -29.89 -2.08
N PRO F 74 53.04 -30.87 -2.32
CA PRO F 74 52.97 -32.06 -1.47
C PRO F 74 54.13 -33.04 -1.66
N LYS F 75 54.77 -33.01 -2.84
CA LYS F 75 55.83 -33.95 -3.17
C LYS F 75 57.21 -33.37 -2.87
N ASP F 76 57.29 -32.06 -2.59
CA ASP F 76 58.57 -31.43 -2.25
C ASP F 76 59.08 -31.95 -0.91
N GLN F 77 60.38 -31.76 -0.69
CA GLN F 77 61.01 -32.05 0.60
C GLN F 77 60.95 -30.78 1.44
N GLU F 78 61.27 -29.65 0.79
CA GLU F 78 61.08 -28.33 1.37
C GLU F 78 59.61 -27.93 1.25
N ARG F 79 58.85 -28.18 2.32
CA ARG F 79 57.43 -27.88 2.38
C ARG F 79 57.00 -27.75 3.84
N HIS F 80 55.86 -27.08 4.05
CA HIS F 80 55.17 -27.12 5.33
C HIS F 80 54.52 -28.49 5.48
N VAL F 81 54.21 -28.86 6.73
CA VAL F 81 53.59 -30.13 7.02
C VAL F 81 52.17 -30.12 6.49
N GLY F 82 51.51 -28.96 6.55
CA GLY F 82 50.12 -28.81 6.13
C GLY F 82 49.94 -28.77 4.60
N ASP F 83 51.03 -28.60 3.83
CA ASP F 83 50.91 -28.26 2.42
C ASP F 83 50.48 -29.49 1.62
N LEU F 84 49.19 -29.56 1.27
CA LEU F 84 48.62 -30.68 0.52
C LEU F 84 48.28 -30.27 -0.91
N GLY F 85 48.78 -29.11 -1.35
CA GLY F 85 48.69 -28.73 -2.76
C GLY F 85 47.31 -28.21 -3.15
N ASN F 86 46.71 -28.82 -4.18
CA ASN F 86 45.56 -28.27 -4.87
C ASN F 86 44.46 -29.33 -4.99
N VAL F 87 43.20 -28.91 -4.83
CA VAL F 87 42.05 -29.70 -5.24
C VAL F 87 41.54 -29.09 -6.55
N THR F 88 40.81 -29.89 -7.32
CA THR F 88 40.44 -29.49 -8.67
C THR F 88 38.93 -29.58 -8.83
N ALA F 89 38.33 -28.43 -9.14
CA ALA F 89 36.90 -28.33 -9.35
C ALA F 89 36.60 -28.38 -10.85
N GLY F 90 35.50 -29.06 -11.18
CA GLY F 90 35.02 -29.16 -12.54
C GLY F 90 34.04 -28.04 -12.90
N LYS F 91 33.39 -28.21 -14.05
CA LYS F 91 32.42 -27.26 -14.55
C LYS F 91 31.14 -27.31 -13.71
N ASP F 92 31.01 -28.35 -12.88
CA ASP F 92 29.87 -28.51 -12.00
C ASP F 92 30.13 -27.80 -10.67
N GLY F 93 31.30 -27.19 -10.53
CA GLY F 93 31.67 -26.46 -9.32
C GLY F 93 32.10 -27.37 -8.18
N VAL F 94 32.40 -28.64 -8.50
CA VAL F 94 32.65 -29.67 -7.49
C VAL F 94 34.09 -30.18 -7.60
N ALA F 95 34.68 -30.48 -6.44
CA ALA F 95 35.98 -31.12 -6.37
C ALA F 95 35.83 -32.41 -5.58
N ILE F 96 36.34 -33.52 -6.14
CA ILE F 96 36.42 -34.77 -5.39
C ILE F 96 37.82 -34.83 -4.80
N VAL F 97 37.90 -34.90 -3.46
CA VAL F 97 39.18 -34.92 -2.80
C VAL F 97 39.64 -36.37 -2.69
N SER F 98 40.93 -36.54 -2.99
CA SER F 98 41.60 -37.83 -2.89
C SER F 98 43.09 -37.54 -2.72
N ILE F 99 43.60 -37.83 -1.53
CA ILE F 99 44.94 -37.41 -1.14
C ILE F 99 45.46 -38.44 -0.14
N GLU F 100 46.73 -38.79 -0.31
CA GLU F 100 47.45 -39.64 0.63
C GLU F 100 48.72 -38.89 1.02
N ASP F 101 49.04 -38.85 2.31
CA ASP F 101 50.17 -38.05 2.76
C ASP F 101 50.75 -38.66 4.04
N SER F 102 52.07 -38.47 4.23
CA SER F 102 52.81 -39.16 5.27
C SER F 102 53.32 -38.19 6.34
N LEU F 103 53.49 -36.91 5.98
CA LEU F 103 54.05 -35.94 6.90
C LEU F 103 52.99 -35.52 7.93
N ILE F 104 51.73 -35.37 7.50
CA ILE F 104 50.61 -35.12 8.41
C ILE F 104 50.29 -36.42 9.15
N ALA F 105 49.54 -36.31 10.25
CA ALA F 105 49.18 -37.47 11.05
C ALA F 105 47.95 -37.19 11.90
N LEU F 106 47.32 -38.25 12.42
CA LEU F 106 46.17 -38.12 13.30
C LEU F 106 46.55 -38.39 14.74
N SER F 107 47.88 -38.39 15.03
CA SER F 107 48.40 -38.49 16.39
C SER F 107 49.89 -38.12 16.41
N GLY F 108 50.40 -37.87 17.61
CA GLY F 108 51.81 -37.53 17.78
C GLY F 108 52.10 -36.08 17.39
N ASP F 109 53.38 -35.78 17.19
CA ASP F 109 53.84 -34.41 17.06
C ASP F 109 53.28 -33.77 15.78
N TYR F 110 52.93 -34.59 14.79
CA TYR F 110 52.46 -34.06 13.52
C TYR F 110 50.95 -34.27 13.35
N SER F 111 50.21 -34.20 14.47
CA SER F 111 48.78 -34.41 14.46
C SER F 111 48.07 -33.16 13.94
N ILE F 112 47.03 -33.36 13.14
CA ILE F 112 46.25 -32.28 12.57
C ILE F 112 44.93 -32.16 13.33
N ILE F 113 44.57 -33.21 14.09
CA ILE F 113 43.44 -33.17 14.99
C ILE F 113 43.48 -31.85 15.77
N GLY F 114 42.35 -31.13 15.72
CA GLY F 114 42.21 -29.88 16.46
C GLY F 114 42.75 -28.68 15.68
N ARG F 115 43.01 -28.87 14.38
CA ARG F 115 43.46 -27.78 13.54
C ARG F 115 42.49 -27.66 12.36
N THR F 116 42.76 -26.71 11.46
CA THR F 116 41.79 -26.27 10.47
C THR F 116 42.24 -26.65 9.07
N MET F 117 41.29 -27.20 8.28
CA MET F 117 41.46 -27.35 6.85
C MET F 117 40.92 -26.09 6.17
N VAL F 118 41.62 -25.63 5.14
CA VAL F 118 41.21 -24.42 4.42
C VAL F 118 41.30 -24.65 2.92
N VAL F 119 40.23 -24.33 2.21
CA VAL F 119 40.26 -24.33 0.75
C VAL F 119 40.29 -22.87 0.30
N HIS F 120 41.06 -22.59 -0.77
CA HIS F 120 41.44 -21.24 -1.11
C HIS F 120 40.80 -20.79 -2.43
N GLU F 121 40.89 -19.48 -2.67
CA GLU F 121 40.32 -18.82 -3.84
C GLU F 121 41.04 -19.25 -5.11
N LYS F 122 42.38 -19.21 -5.07
CA LYS F 122 43.20 -19.48 -6.26
C LYS F 122 43.99 -20.77 -6.10
N ARG F 123 44.72 -21.10 -7.16
CA ARG F 123 45.66 -22.21 -7.21
C ARG F 123 46.88 -21.93 -6.34
N ASP F 124 47.36 -22.99 -5.66
CA ASP F 124 48.60 -22.99 -4.91
C ASP F 124 49.75 -23.17 -5.90
N ASP F 125 50.76 -22.28 -5.88
CA ASP F 125 51.82 -22.34 -6.88
C ASP F 125 52.96 -23.27 -6.43
N LEU F 126 52.80 -23.93 -5.28
CA LEU F 126 53.72 -24.98 -4.83
C LEU F 126 55.09 -24.40 -4.50
N GLY F 127 55.14 -23.08 -4.25
CA GLY F 127 56.36 -22.42 -3.80
C GLY F 127 57.30 -22.02 -4.94
N LYS F 128 56.84 -22.15 -6.19
CA LYS F 128 57.67 -21.91 -7.36
C LYS F 128 57.30 -20.57 -8.01
N GLY F 129 57.06 -19.55 -7.19
CA GLY F 129 56.60 -18.25 -7.66
C GLY F 129 57.74 -17.24 -7.70
N ASP F 130 57.45 -16.02 -8.14
CA ASP F 130 58.47 -15.01 -8.42
C ASP F 130 58.49 -13.95 -7.31
N ASN F 131 58.27 -14.36 -6.05
CA ASN F 131 58.06 -13.38 -4.99
C ASN F 131 58.18 -14.03 -3.62
N GLU F 132 58.26 -13.18 -2.59
CA GLU F 132 58.32 -13.62 -1.21
C GLU F 132 57.10 -14.47 -0.88
N GLU F 133 55.92 -13.97 -1.24
CA GLU F 133 54.64 -14.55 -0.86
C GLU F 133 54.60 -16.05 -1.20
N SER F 134 55.19 -16.45 -2.34
CA SER F 134 55.06 -17.81 -2.82
C SER F 134 55.58 -18.83 -1.81
N THR F 135 56.63 -18.47 -1.05
CA THR F 135 57.27 -19.40 -0.13
C THR F 135 56.62 -19.31 1.25
N GLN F 136 55.49 -18.60 1.34
CA GLN F 136 54.68 -18.54 2.56
C GLN F 136 53.32 -19.20 2.32
N THR F 137 52.57 -18.67 1.35
CA THR F 137 51.18 -19.05 1.13
C THR F 137 50.99 -19.74 -0.22
N GLY F 138 51.98 -19.61 -1.12
CA GLY F 138 51.88 -20.15 -2.46
C GLY F 138 50.88 -19.38 -3.33
N ASN F 139 50.56 -18.15 -2.90
CA ASN F 139 49.72 -17.23 -3.66
C ASN F 139 48.35 -17.85 -3.93
N ALA F 140 47.83 -18.58 -2.94
CA ALA F 140 46.56 -19.29 -3.11
C ALA F 140 45.39 -18.31 -2.94
N GLY F 141 45.68 -17.15 -2.35
CA GLY F 141 44.68 -16.10 -2.20
C GLY F 141 43.83 -16.28 -0.94
N SER F 142 42.62 -15.73 -0.96
CA SER F 142 41.78 -15.65 0.22
C SER F 142 41.15 -17.01 0.52
N ARG F 143 40.60 -17.12 1.74
CA ARG F 143 40.13 -18.39 2.28
C ARG F 143 38.63 -18.47 2.15
N LEU F 144 38.13 -19.38 1.32
CA LEU F 144 36.72 -19.45 1.01
C LEU F 144 35.95 -20.19 2.09
N ALA F 145 36.52 -21.26 2.63
CA ALA F 145 35.86 -22.04 3.66
C ALA F 145 36.89 -22.78 4.49
N CYS F 146 36.52 -23.08 5.75
CA CYS F 146 37.40 -23.82 6.63
C CYS F 146 36.57 -24.57 7.67
N GLY F 147 37.25 -25.44 8.41
CA GLY F 147 36.61 -26.24 9.44
C GLY F 147 37.67 -26.85 10.35
N VAL F 148 37.32 -26.98 11.63
CA VAL F 148 38.20 -27.65 12.57
C VAL F 148 38.09 -29.15 12.33
N ILE F 149 39.21 -29.85 12.55
CA ILE F 149 39.33 -31.27 12.28
C ILE F 149 39.06 -32.01 13.59
N GLY F 150 37.97 -32.77 13.61
CA GLY F 150 37.53 -33.44 14.82
C GLY F 150 37.73 -34.95 14.72
N ILE F 151 37.67 -35.61 15.88
CA ILE F 151 37.73 -37.06 15.95
C ILE F 151 36.40 -37.63 15.46
N ALA F 152 36.49 -38.63 14.58
CA ALA F 152 35.31 -39.25 14.03
C ALA F 152 35.12 -40.63 14.63
N GLN F 153 33.97 -41.25 14.33
CA GLN F 153 33.64 -42.61 14.70
C GLN F 153 34.69 -43.60 14.19
N MET G 1 54.01 -26.60 27.67
CA MET G 1 54.18 -25.42 28.56
C MET G 1 52.80 -24.95 29.02
N GLU G 2 52.02 -24.44 28.06
CA GLU G 2 50.70 -23.88 28.30
C GLU G 2 49.86 -24.22 27.09
N MET G 3 48.79 -24.99 27.29
CA MET G 3 47.94 -25.46 26.21
C MET G 3 46.67 -24.61 26.18
N LYS G 4 46.25 -24.20 24.97
CA LYS G 4 45.07 -23.37 24.80
C LYS G 4 44.15 -23.98 23.75
N ALA G 5 42.85 -23.81 23.95
CA ALA G 5 41.84 -24.26 23.01
C ALA G 5 40.66 -23.28 22.99
N VAL G 6 39.76 -23.50 22.02
CA VAL G 6 38.65 -22.61 21.78
C VAL G 6 37.54 -23.39 21.07
N CYS G 7 36.31 -22.94 21.27
CA CYS G 7 35.13 -23.62 20.77
C CYS G 7 34.03 -22.59 20.47
N VAL G 8 33.48 -22.67 19.26
CA VAL G 8 32.41 -21.77 18.86
C VAL G 8 31.13 -22.58 18.78
N LEU G 9 30.16 -22.24 19.64
CA LEU G 9 28.89 -22.94 19.67
C LEU G 9 27.98 -22.41 18.57
N LYS G 10 27.29 -23.34 17.90
CA LYS G 10 26.41 -23.04 16.80
C LYS G 10 25.26 -24.04 16.78
N GLY G 11 24.06 -23.53 16.46
CA GLY G 11 22.86 -24.34 16.34
C GLY G 11 21.83 -23.69 15.42
N GLN G 12 20.72 -24.38 15.18
CA GLN G 12 19.65 -23.84 14.35
C GLN G 12 18.93 -22.72 15.08
N GLY G 13 18.89 -22.81 16.42
CA GLY G 13 18.13 -21.88 17.24
C GLY G 13 18.91 -20.61 17.60
N PRO G 14 18.55 -19.95 18.71
CA PRO G 14 19.16 -18.68 19.13
C PRO G 14 20.46 -18.72 19.92
N VAL G 15 20.93 -19.93 20.26
CA VAL G 15 22.10 -20.07 21.12
C VAL G 15 23.38 -19.82 20.33
N GLU G 16 24.26 -19.03 20.94
CA GLU G 16 25.57 -18.71 20.40
C GLU G 16 26.51 -18.61 21.58
N GLY G 17 27.81 -18.76 21.32
CA GLY G 17 28.79 -18.60 22.37
C GLY G 17 30.16 -19.09 21.94
N THR G 18 31.17 -18.51 22.60
CA THR G 18 32.56 -18.91 22.47
C THR G 18 33.07 -19.38 23.83
N ILE G 19 33.68 -20.57 23.83
CA ILE G 19 34.23 -21.17 25.04
C ILE G 19 35.76 -21.20 24.88
N HIS G 20 36.48 -20.82 25.95
CA HIS G 20 37.93 -20.82 25.97
C HIS G 20 38.43 -21.86 26.97
N PHE G 21 39.50 -22.56 26.58
CA PHE G 21 40.16 -23.53 27.46
C PHE G 21 41.63 -23.19 27.62
N VAL G 22 42.09 -23.13 28.88
CA VAL G 22 43.50 -22.95 29.18
C VAL G 22 43.93 -24.02 30.19
N GLN G 23 45.17 -24.52 30.02
CA GLN G 23 45.74 -25.51 30.92
C GLN G 23 47.26 -25.28 31.03
N LYS G 24 47.71 -24.85 32.21
CA LYS G 24 49.12 -24.60 32.48
C LYS G 24 49.73 -25.83 33.15
N GLY G 25 50.89 -26.26 32.63
CA GLY G 25 51.52 -27.48 33.09
C GLY G 25 50.55 -28.67 33.00
N SER G 26 50.46 -29.42 34.09
CA SER G 26 49.40 -30.41 34.23
C SER G 26 48.48 -29.98 35.37
N GLY G 27 48.26 -28.66 35.47
CA GLY G 27 47.23 -28.12 36.33
C GLY G 27 45.84 -28.48 35.81
N PRO G 28 44.76 -27.89 36.37
CA PRO G 28 43.41 -28.18 35.90
C PRO G 28 43.17 -27.44 34.59
N VAL G 29 42.06 -27.78 33.92
CA VAL G 29 41.61 -27.03 32.76
C VAL G 29 40.67 -25.92 33.24
N VAL G 30 41.00 -24.68 32.89
CA VAL G 30 40.13 -23.54 33.14
C VAL G 30 39.25 -23.32 31.92
N VAL G 31 37.95 -23.58 32.07
CA VAL G 31 36.97 -23.30 31.04
C VAL G 31 36.36 -21.93 31.33
N SER G 32 36.14 -21.14 30.29
CA SER G 32 35.60 -19.80 30.45
C SER G 32 34.85 -19.38 29.19
N GLY G 33 34.10 -18.27 29.28
CA GLY G 33 33.43 -17.70 28.13
C GLY G 33 32.01 -17.28 28.44
N THR G 34 31.19 -17.23 27.38
CA THR G 34 29.86 -16.65 27.45
C THR G 34 28.93 -17.37 26.48
N ILE G 35 27.71 -17.67 26.91
CA ILE G 35 26.71 -18.25 26.04
C ILE G 35 25.46 -17.37 26.08
N THR G 36 24.90 -17.10 24.90
CA THR G 36 23.78 -16.19 24.73
C THR G 36 22.59 -16.95 24.14
N GLY G 37 21.39 -16.37 24.26
CA GLY G 37 20.18 -16.93 23.67
C GLY G 37 19.65 -18.13 24.43
N LEU G 38 20.04 -18.26 25.69
CA LEU G 38 19.53 -19.31 26.55
C LEU G 38 18.27 -18.83 27.25
N THR G 39 17.43 -19.76 27.71
CA THR G 39 16.39 -19.46 28.66
C THR G 39 17.00 -19.33 30.05
N LYS G 40 16.36 -18.56 30.92
CA LYS G 40 16.81 -18.36 32.30
C LYS G 40 16.80 -19.71 33.01
N GLY G 41 17.87 -19.97 33.78
CA GLY G 41 17.98 -21.21 34.54
C GLY G 41 19.26 -21.97 34.20
N GLU G 42 19.24 -23.28 34.46
CA GLU G 42 20.43 -24.12 34.37
C GLU G 42 20.37 -24.98 33.10
N HIS G 43 21.54 -25.20 32.50
CA HIS G 43 21.64 -25.90 31.24
C HIS G 43 22.84 -26.84 31.27
N GLY G 44 22.58 -28.11 30.94
CA GLY G 44 23.60 -29.13 30.86
C GLY G 44 24.72 -28.78 29.88
N PHE G 45 25.96 -28.99 30.32
CA PHE G 45 27.13 -28.60 29.57
C PHE G 45 28.13 -29.75 29.62
N HIS G 46 28.34 -30.43 28.48
CA HIS G 46 29.12 -31.65 28.42
C HIS G 46 30.02 -31.71 27.20
N VAL G 47 31.20 -32.30 27.36
CA VAL G 47 32.04 -32.69 26.24
C VAL G 47 31.54 -34.02 25.69
N HIS G 48 31.04 -34.04 24.44
CA HIS G 48 30.60 -35.26 23.80
C HIS G 48 31.81 -35.85 23.06
N GLN G 49 31.66 -37.09 22.59
CA GLN G 49 32.79 -37.93 22.21
C GLN G 49 33.45 -37.45 20.92
N PHE G 50 32.65 -37.26 19.86
CA PHE G 50 33.19 -37.00 18.54
C PHE G 50 33.05 -35.53 18.16
N GLY G 51 34.08 -34.99 17.49
CA GLY G 51 33.98 -33.74 16.77
C GLY G 51 33.45 -33.96 15.35
N ASP G 52 32.32 -34.68 15.25
CA ASP G 52 31.70 -34.96 13.97
C ASP G 52 30.46 -34.08 13.90
N ASN G 53 30.49 -33.15 12.93
CA ASN G 53 29.50 -32.10 12.86
C ASN G 53 28.64 -32.29 11.61
N THR G 54 28.77 -33.45 10.96
CA THR G 54 28.15 -33.72 9.68
C THR G 54 26.63 -33.71 9.77
N GLN G 55 26.07 -34.07 10.92
CA GLN G 55 24.63 -34.13 11.10
C GLN G 55 24.23 -33.28 12.31
N GLY G 56 24.65 -32.01 12.31
CA GLY G 56 24.36 -31.11 13.41
C GLY G 56 25.03 -31.55 14.71
N CYS G 57 24.25 -31.56 15.79
CA CYS G 57 24.75 -31.90 17.11
C CYS G 57 24.47 -33.37 17.44
N THR G 58 23.63 -34.04 16.63
CA THR G 58 23.34 -35.44 16.83
C THR G 58 24.59 -36.29 16.58
N SER G 59 25.40 -35.90 15.59
CA SER G 59 26.55 -36.68 15.19
C SER G 59 27.69 -36.59 16.20
N ALA G 60 27.53 -35.78 17.25
CA ALA G 60 28.56 -35.67 18.28
C ALA G 60 28.62 -36.94 19.13
N GLY G 61 27.51 -37.68 19.18
CA GLY G 61 27.45 -38.92 19.94
C GLY G 61 27.29 -38.66 21.43
N PRO G 62 27.51 -39.69 22.27
CA PRO G 62 27.25 -39.58 23.70
C PRO G 62 28.36 -38.84 24.44
N HIS G 63 28.16 -38.67 25.75
CA HIS G 63 29.09 -37.95 26.59
C HIS G 63 30.45 -38.64 26.53
N PHE G 64 31.53 -37.85 26.49
CA PHE G 64 32.88 -38.38 26.45
C PHE G 64 33.16 -39.16 27.73
N ASN G 65 33.34 -40.47 27.56
CA ASN G 65 33.39 -41.41 28.67
C ASN G 65 34.29 -42.58 28.31
N PRO G 66 35.62 -42.44 28.46
CA PRO G 66 36.55 -43.55 28.22
C PRO G 66 36.64 -44.65 29.28
N LEU G 67 36.18 -44.38 30.52
CA LEU G 67 36.29 -45.35 31.60
C LEU G 67 34.97 -46.10 31.80
N SER G 68 34.02 -45.95 30.86
CA SER G 68 32.78 -46.71 30.86
C SER G 68 32.01 -46.57 32.18
N LYS G 69 32.09 -45.38 32.81
CA LYS G 69 31.35 -45.09 34.03
C LYS G 69 29.93 -44.62 33.69
N LYS G 70 29.14 -44.33 34.73
CA LYS G 70 27.81 -43.77 34.59
C LYS G 70 27.86 -42.26 34.73
N HIS G 71 26.80 -41.58 34.29
CA HIS G 71 26.74 -40.14 34.30
C HIS G 71 26.68 -39.63 35.74
N GLY G 72 27.32 -38.47 35.96
CA GLY G 72 27.29 -37.81 37.25
C GLY G 72 27.57 -36.33 37.11
N GLY G 73 27.64 -35.64 38.24
CA GLY G 73 28.04 -34.23 38.26
C GLY G 73 29.54 -34.09 38.14
N PRO G 74 30.09 -32.86 38.16
CA PRO G 74 31.54 -32.66 38.04
C PRO G 74 32.32 -33.06 39.30
N LYS G 75 31.66 -33.07 40.47
CA LYS G 75 32.31 -33.35 41.73
C LYS G 75 32.18 -34.82 42.13
N ASP G 76 31.34 -35.59 41.42
CA ASP G 76 31.19 -37.01 41.69
C ASP G 76 32.46 -37.76 41.29
N GLN G 77 32.61 -38.97 41.83
CA GLN G 77 33.68 -39.88 41.45
C GLN G 77 33.16 -40.75 40.29
N GLU G 78 31.92 -41.23 40.45
CA GLU G 78 31.21 -41.91 39.38
C GLU G 78 30.62 -40.86 38.45
N ARG G 79 31.35 -40.60 37.35
CA ARG G 79 30.96 -39.62 36.35
C ARG G 79 31.65 -39.95 35.03
N HIS G 80 31.10 -39.42 33.94
CA HIS G 80 31.79 -39.40 32.67
C HIS G 80 32.88 -38.34 32.74
N VAL G 81 33.87 -38.45 31.85
CA VAL G 81 34.98 -37.52 31.83
C VAL G 81 34.47 -36.17 31.33
N GLY G 82 33.52 -36.20 30.40
CA GLY G 82 32.97 -35.00 29.80
C GLY G 82 32.00 -34.23 30.70
N ASP G 83 31.54 -34.84 31.80
CA ASP G 83 30.43 -34.30 32.58
C ASP G 83 30.92 -33.09 33.39
N LEU G 84 30.59 -31.88 32.90
CA LEU G 84 30.96 -30.62 33.54
C LEU G 84 29.75 -29.95 34.17
N GLY G 85 28.62 -30.66 34.28
CA GLY G 85 27.49 -30.16 35.03
C GLY G 85 26.67 -29.13 34.27
N ASN G 86 26.46 -27.96 34.90
CA ASN G 86 25.46 -26.99 34.46
C ASN G 86 26.07 -25.59 34.35
N VAL G 87 25.67 -24.85 33.30
CA VAL G 87 25.90 -23.42 33.22
C VAL G 87 24.58 -22.73 33.55
N THR G 88 24.64 -21.48 33.99
CA THR G 88 23.45 -20.83 34.53
C THR G 88 23.18 -19.51 33.78
N ALA G 89 22.00 -19.44 33.17
CA ALA G 89 21.59 -18.27 32.42
C ALA G 89 20.69 -17.41 33.29
N GLY G 90 20.87 -16.09 33.15
CA GLY G 90 20.05 -15.10 33.84
C GLY G 90 18.80 -14.74 33.03
N LYS G 91 18.11 -13.70 33.49
CA LYS G 91 16.89 -13.26 32.83
C LYS G 91 17.24 -12.54 31.53
N ASP G 92 18.53 -12.24 31.32
CA ASP G 92 18.99 -11.64 30.08
C ASP G 92 19.30 -12.72 29.03
N GLY G 93 19.11 -13.99 29.41
CA GLY G 93 19.33 -15.10 28.50
C GLY G 93 20.81 -15.45 28.33
N VAL G 94 21.65 -14.96 29.25
CA VAL G 94 23.10 -15.09 29.13
C VAL G 94 23.66 -15.94 30.27
N ALA G 95 24.67 -16.74 29.95
CA ALA G 95 25.41 -17.52 30.93
C ALA G 95 26.88 -17.14 30.82
N ILE G 96 27.51 -16.82 31.96
CA ILE G 96 28.95 -16.65 32.02
C ILE G 96 29.54 -17.98 32.47
N VAL G 97 30.39 -18.58 31.62
CA VAL G 97 30.97 -19.87 31.94
C VAL G 97 32.23 -19.64 32.74
N SER G 98 32.38 -20.43 33.79
CA SER G 98 33.56 -20.42 34.63
C SER G 98 33.63 -21.78 35.32
N ILE G 99 34.61 -22.59 34.91
CA ILE G 99 34.69 -23.98 35.29
C ILE G 99 36.16 -24.36 35.35
N GLU G 100 36.47 -25.13 36.38
CA GLU G 100 37.79 -25.70 36.60
C GLU G 100 37.58 -27.21 36.73
N ASP G 101 38.38 -28.00 36.02
CA ASP G 101 38.19 -29.44 36.02
C ASP G 101 39.51 -30.15 35.76
N SER G 102 39.64 -31.34 36.37
CA SER G 102 40.90 -32.06 36.42
C SER G 102 40.86 -33.34 35.57
N LEU G 103 39.65 -33.91 35.38
CA LEU G 103 39.52 -35.16 34.66
C LEU G 103 39.68 -34.94 33.15
N ILE G 104 39.13 -33.83 32.63
CA ILE G 104 39.36 -33.45 31.24
C ILE G 104 40.78 -32.91 31.10
N ALA G 105 41.26 -32.82 29.85
CA ALA G 105 42.61 -32.35 29.58
C ALA G 105 42.73 -31.88 28.14
N LEU G 106 43.82 -31.15 27.85
CA LEU G 106 44.11 -30.68 26.51
C LEU G 106 45.24 -31.50 25.89
N SER G 107 45.55 -32.65 26.50
CA SER G 107 46.51 -33.62 25.96
C SER G 107 46.38 -34.97 26.69
N GLY G 108 46.96 -36.01 26.10
CA GLY G 108 46.94 -37.33 26.71
C GLY G 108 45.60 -38.04 26.47
N ASP G 109 45.36 -39.09 27.24
CA ASP G 109 44.26 -39.99 26.98
C ASP G 109 42.92 -39.29 27.25
N TYR G 110 42.95 -38.23 28.08
CA TYR G 110 41.73 -37.53 28.44
C TYR G 110 41.67 -36.17 27.75
N SER G 111 42.17 -36.10 26.51
CA SER G 111 42.17 -34.87 25.74
C SER G 111 40.79 -34.66 25.14
N ILE G 112 40.34 -33.40 25.14
CA ILE G 112 39.05 -33.02 24.58
C ILE G 112 39.25 -32.38 23.22
N ILE G 113 40.49 -31.95 22.94
CA ILE G 113 40.85 -31.43 21.63
C ILE G 113 40.28 -32.38 20.56
N GLY G 114 39.54 -31.81 19.61
CA GLY G 114 39.00 -32.59 18.50
C GLY G 114 37.65 -33.23 18.85
N ARG G 115 37.06 -32.80 19.96
CA ARG G 115 35.75 -33.28 20.35
C ARG G 115 34.81 -32.09 20.49
N THR G 116 33.54 -32.35 20.86
CA THR G 116 32.48 -31.38 20.77
C THR G 116 31.98 -30.97 22.15
N MET G 117 31.83 -29.65 22.34
CA MET G 117 31.10 -29.11 23.48
C MET G 117 29.63 -28.98 23.11
N VAL G 118 28.73 -29.29 24.05
CA VAL G 118 27.31 -29.21 23.80
C VAL G 118 26.61 -28.56 24.98
N VAL G 119 25.77 -27.55 24.69
CA VAL G 119 24.92 -26.96 25.71
C VAL G 119 23.50 -27.43 25.45
N HIS G 120 22.77 -27.71 26.54
CA HIS G 120 21.53 -28.46 26.47
C HIS G 120 20.32 -27.60 26.82
N GLU G 121 19.14 -28.15 26.48
CA GLU G 121 17.86 -27.49 26.68
C GLU G 121 17.53 -27.34 28.16
N LYS G 122 17.72 -28.41 28.94
CA LYS G 122 17.33 -28.42 30.35
C LYS G 122 18.56 -28.54 31.26
N ARG G 123 18.29 -28.54 32.56
CA ARG G 123 19.26 -28.76 33.61
C ARG G 123 19.73 -30.21 33.62
N ASP G 124 21.02 -30.40 33.87
CA ASP G 124 21.63 -31.71 34.08
C ASP G 124 21.36 -32.11 35.53
N ASP G 125 20.78 -33.30 35.76
CA ASP G 125 20.41 -33.68 37.12
C ASP G 125 21.57 -34.34 37.87
N LEU G 126 22.75 -34.43 37.24
CA LEU G 126 23.97 -34.86 37.91
C LEU G 126 23.88 -36.34 38.28
N GLY G 127 22.97 -37.08 37.62
CA GLY G 127 22.86 -38.52 37.78
C GLY G 127 22.03 -38.94 38.99
N LYS G 128 21.33 -37.97 39.60
CA LYS G 128 20.56 -38.21 40.82
C LYS G 128 19.07 -38.30 40.50
N GLY G 129 18.73 -38.92 39.35
CA GLY G 129 17.35 -38.99 38.92
C GLY G 129 16.74 -40.35 39.22
N ASP G 130 15.44 -40.48 38.99
CA ASP G 130 14.69 -41.67 39.36
C ASP G 130 14.35 -42.45 38.09
N ASN G 131 15.35 -42.64 37.23
CA ASN G 131 15.15 -43.36 35.98
C ASN G 131 16.49 -43.75 35.36
N GLU G 132 16.40 -44.62 34.35
CA GLU G 132 17.53 -45.07 33.55
C GLU G 132 18.28 -43.87 33.01
N GLU G 133 17.52 -42.99 32.34
CA GLU G 133 18.06 -41.91 31.54
C GLU G 133 19.05 -41.07 32.34
N SER G 134 18.78 -40.87 33.64
CA SER G 134 19.57 -39.96 34.45
C SER G 134 21.05 -40.35 34.49
N THR G 135 21.33 -41.65 34.45
CA THR G 135 22.70 -42.13 34.57
C THR G 135 23.34 -42.27 33.20
N GLN G 136 22.69 -41.72 32.17
CA GLN G 136 23.24 -41.66 30.81
C GLN G 136 23.47 -40.19 30.42
N THR G 137 22.38 -39.41 30.42
CA THR G 137 22.37 -38.06 29.89
C THR G 137 22.10 -37.03 30.98
N GLY G 138 21.60 -37.47 32.14
CA GLY G 138 21.24 -36.58 33.22
C GLY G 138 19.98 -35.77 32.92
N ASN G 139 19.20 -36.25 31.93
CA ASN G 139 17.91 -35.67 31.56
C ASN G 139 18.07 -34.21 31.17
N ALA G 140 19.17 -33.88 30.48
CA ALA G 140 19.48 -32.50 30.13
C ALA G 140 18.66 -32.07 28.92
N GLY G 141 18.08 -33.05 28.20
CA GLY G 141 17.20 -32.76 27.07
C GLY G 141 18.00 -32.57 25.78
N SER G 142 17.38 -31.86 24.83
CA SER G 142 17.91 -31.76 23.48
C SER G 142 19.09 -30.80 23.43
N ARG G 143 19.82 -30.85 22.30
CA ARG G 143 21.09 -30.15 22.14
C ARG G 143 20.85 -28.86 21.36
N LEU G 144 21.05 -27.72 22.03
CA LEU G 144 20.74 -26.44 21.43
C LEU G 144 21.86 -25.96 20.51
N ALA G 145 23.10 -26.18 20.92
CA ALA G 145 24.24 -25.74 20.13
C ALA G 145 25.46 -26.59 20.47
N CYS G 146 26.39 -26.69 19.52
CA CYS G 146 27.63 -27.41 19.74
C CYS G 146 28.73 -26.84 18.86
N GLY G 147 29.95 -27.30 19.12
CA GLY G 147 31.12 -26.89 18.35
C GLY G 147 32.29 -27.81 18.61
N VAL G 148 33.12 -28.03 17.59
CA VAL G 148 34.35 -28.79 17.74
C VAL G 148 35.37 -27.94 18.48
N ILE G 149 36.21 -28.61 19.28
CA ILE G 149 37.20 -27.96 20.13
C ILE G 149 38.53 -27.94 19.39
N GLY G 150 38.99 -26.73 19.04
CA GLY G 150 40.20 -26.57 18.26
C GLY G 150 41.35 -26.00 19.09
N ILE G 151 42.57 -26.15 18.57
CA ILE G 151 43.75 -25.59 19.21
C ILE G 151 43.75 -24.09 18.98
N ALA G 152 44.02 -23.34 20.05
CA ALA G 152 44.04 -21.88 19.99
C ALA G 152 45.49 -21.41 20.05
N GLN G 153 45.73 -20.18 19.61
CA GLN G 153 47.08 -19.66 19.44
C GLN G 153 47.82 -19.59 20.79
N GLU H 2 -48.87 -10.94 -14.51
CA GLU H 2 -47.54 -10.94 -13.84
C GLU H 2 -46.37 -11.04 -14.82
N VAL H 3 -45.37 -10.18 -14.59
CA VAL H 3 -44.31 -9.92 -15.54
C VAL H 3 -43.34 -11.10 -15.56
N GLN H 4 -42.80 -11.42 -16.74
CA GLN H 4 -41.78 -12.43 -16.91
C GLN H 4 -40.93 -12.10 -18.13
N LEU H 5 -39.61 -12.32 -18.02
CA LEU H 5 -38.68 -12.25 -19.13
C LEU H 5 -38.10 -13.64 -19.34
N GLN H 6 -38.46 -14.25 -20.47
CA GLN H 6 -37.96 -15.57 -20.82
C GLN H 6 -36.81 -15.39 -21.80
N GLN H 7 -35.63 -15.88 -21.41
CA GLN H 7 -34.47 -15.78 -22.26
C GLN H 7 -34.22 -17.12 -22.95
N SER H 8 -33.52 -17.07 -24.09
CA SER H 8 -33.18 -18.26 -24.82
C SER H 8 -32.27 -19.14 -23.96
N GLY H 9 -32.04 -20.38 -24.40
CA GLY H 9 -31.32 -21.37 -23.61
C GLY H 9 -29.83 -21.33 -23.88
N ALA H 10 -29.08 -22.12 -23.09
CA ALA H 10 -27.63 -22.15 -23.11
C ALA H 10 -27.13 -22.37 -24.54
N GLU H 11 -25.94 -21.84 -24.84
CA GLU H 11 -25.31 -21.99 -26.13
C GLU H 11 -23.89 -22.50 -25.90
N LEU H 12 -23.37 -23.25 -26.86
CA LEU H 12 -22.00 -23.74 -26.81
C LEU H 12 -21.49 -23.85 -28.25
N VAL H 13 -20.48 -23.04 -28.59
CA VAL H 13 -20.19 -22.73 -29.98
C VAL H 13 -18.69 -22.74 -30.25
N ARG H 14 -18.36 -22.78 -31.54
CA ARG H 14 -16.99 -22.78 -32.01
C ARG H 14 -16.53 -21.33 -32.10
N PRO H 15 -15.23 -21.03 -31.87
CA PRO H 15 -14.70 -19.69 -32.17
C PRO H 15 -15.11 -19.20 -33.55
N GLY H 16 -15.49 -17.93 -33.63
CA GLY H 16 -15.88 -17.33 -34.90
C GLY H 16 -17.38 -17.47 -35.18
N ALA H 17 -18.09 -18.25 -34.37
CA ALA H 17 -19.51 -18.43 -34.57
C ALA H 17 -20.29 -17.15 -34.28
N LEU H 18 -21.44 -17.03 -34.95
CA LEU H 18 -22.47 -16.07 -34.58
C LEU H 18 -23.44 -16.76 -33.62
N VAL H 19 -24.06 -15.98 -32.74
CA VAL H 19 -25.13 -16.47 -31.89
C VAL H 19 -26.13 -15.33 -31.73
N LYS H 20 -27.40 -15.68 -31.57
CA LYS H 20 -28.42 -14.67 -31.39
C LYS H 20 -29.30 -15.07 -30.21
N LEU H 21 -29.21 -14.28 -29.14
CA LEU H 21 -29.94 -14.53 -27.91
C LEU H 21 -31.27 -13.79 -27.99
N SER H 22 -32.26 -14.30 -27.27
CA SER H 22 -33.58 -13.68 -27.29
C SER H 22 -34.09 -13.52 -25.87
N CYS H 23 -35.11 -12.67 -25.77
CA CYS H 23 -35.70 -12.25 -24.52
C CYS H 23 -37.16 -11.96 -24.85
N LYS H 24 -38.05 -12.84 -24.41
CA LYS H 24 -39.48 -12.72 -24.70
C LYS H 24 -40.16 -12.21 -23.45
N ALA H 25 -40.79 -11.04 -23.57
CA ALA H 25 -41.40 -10.38 -22.42
C ALA H 25 -42.89 -10.67 -22.41
N SER H 26 -43.43 -11.01 -21.24
CA SER H 26 -44.86 -11.11 -21.04
C SER H 26 -45.24 -10.42 -19.73
N GLY H 27 -46.29 -9.60 -19.79
CA GLY H 27 -46.78 -8.85 -18.64
C GLY H 27 -46.63 -7.35 -18.83
N PHE H 28 -45.82 -6.94 -19.82
CA PHE H 28 -45.62 -5.54 -20.13
C PHE H 28 -45.30 -5.37 -21.61
N ASN H 29 -45.68 -4.21 -22.14
CA ASN H 29 -45.33 -3.85 -23.50
C ASN H 29 -43.93 -3.24 -23.50
N ILE H 30 -43.00 -3.89 -24.22
CA ILE H 30 -41.62 -3.42 -24.25
C ILE H 30 -41.52 -2.00 -24.81
N LYS H 31 -42.56 -1.53 -25.52
CA LYS H 31 -42.57 -0.17 -26.04
C LYS H 31 -42.54 0.86 -24.91
N ASP H 32 -43.01 0.48 -23.71
CA ASP H 32 -43.09 1.42 -22.59
C ASP H 32 -41.79 1.45 -21.78
N TYR H 33 -40.75 0.75 -22.25
CA TYR H 33 -39.53 0.57 -21.48
C TYR H 33 -38.32 0.70 -22.40
N TYR H 34 -37.14 0.48 -21.82
CA TYR H 34 -35.94 0.20 -22.59
C TYR H 34 -35.52 -1.23 -22.29
N MET H 35 -35.00 -1.91 -23.30
CA MET H 35 -34.54 -3.28 -23.12
C MET H 35 -33.02 -3.25 -23.10
N TYR H 36 -32.47 -3.64 -21.94
CA TYR H 36 -31.04 -3.63 -21.70
C TYR H 36 -30.49 -5.03 -21.87
N TRP H 37 -29.18 -5.12 -22.15
CA TRP H 37 -28.43 -6.35 -22.09
C TRP H 37 -27.17 -6.17 -21.26
N VAL H 38 -26.85 -7.18 -20.46
CA VAL H 38 -25.79 -7.14 -19.47
C VAL H 38 -25.03 -8.45 -19.54
N LYS H 39 -23.69 -8.33 -19.58
CA LYS H 39 -22.78 -9.47 -19.63
C LYS H 39 -22.14 -9.69 -18.28
N GLN H 40 -21.91 -10.94 -17.89
CA GLN H 40 -21.19 -11.26 -16.66
C GLN H 40 -20.27 -12.45 -16.90
N ARG H 41 -18.97 -12.18 -17.08
CA ARG H 41 -17.99 -13.22 -17.29
C ARG H 41 -17.88 -14.05 -16.00
N PRO H 42 -17.38 -15.30 -16.06
CA PRO H 42 -17.36 -16.17 -14.88
C PRO H 42 -16.43 -15.68 -13.79
N GLU H 43 -16.98 -15.56 -12.57
CA GLU H 43 -16.26 -15.14 -11.37
C GLU H 43 -15.89 -13.66 -11.49
N GLN H 44 -16.78 -12.86 -12.11
CA GLN H 44 -16.55 -11.44 -12.34
C GLN H 44 -17.87 -10.67 -12.25
N GLY H 45 -17.77 -9.34 -12.40
CA GLY H 45 -18.91 -8.46 -12.21
C GLY H 45 -19.67 -8.19 -13.50
N LEU H 46 -20.68 -7.33 -13.39
CA LEU H 46 -21.61 -7.02 -14.48
C LEU H 46 -20.99 -5.95 -15.37
N GLU H 47 -21.09 -6.15 -16.69
CA GLU H 47 -20.81 -5.14 -17.68
C GLU H 47 -22.10 -4.86 -18.43
N TRP H 48 -22.42 -3.58 -18.60
CA TRP H 48 -23.56 -3.19 -19.41
C TRP H 48 -23.15 -3.10 -20.88
N ILE H 49 -23.91 -3.78 -21.74
CA ILE H 49 -23.60 -3.89 -23.16
C ILE H 49 -24.25 -2.72 -23.89
N GLY H 50 -25.56 -2.56 -23.68
CA GLY H 50 -26.31 -1.53 -24.36
C GLY H 50 -27.80 -1.61 -24.03
N TRP H 51 -28.59 -0.72 -24.66
CA TRP H 51 -30.03 -0.81 -24.58
C TRP H 51 -30.64 -0.34 -25.88
N ILE H 52 -31.91 -0.74 -26.10
CA ILE H 52 -32.72 -0.28 -27.21
C ILE H 52 -34.02 0.30 -26.67
N ASP H 53 -34.46 1.40 -27.28
CA ASP H 53 -35.80 1.94 -27.08
C ASP H 53 -36.70 1.34 -28.15
N PRO H 54 -37.51 0.30 -27.86
CA PRO H 54 -38.30 -0.38 -28.89
C PRO H 54 -39.25 0.53 -29.67
N GLU H 55 -39.65 1.64 -29.04
CA GLU H 55 -40.57 2.60 -29.64
C GLU H 55 -39.99 3.31 -30.86
N ASN H 56 -38.65 3.39 -30.98
CA ASN H 56 -38.05 4.02 -32.14
C ASN H 56 -36.76 3.33 -32.60
N ASP H 57 -36.41 2.20 -31.98
CA ASP H 57 -35.29 1.37 -32.40
C ASP H 57 -33.96 2.11 -32.21
N ASN H 58 -33.95 3.17 -31.39
CA ASN H 58 -32.72 3.85 -31.03
C ASN H 58 -31.93 3.00 -30.04
N THR H 59 -30.63 2.82 -30.30
CA THR H 59 -29.77 2.00 -29.46
C THR H 59 -28.55 2.78 -29.00
N ILE H 60 -28.28 2.75 -27.68
CA ILE H 60 -26.97 3.11 -27.13
C ILE H 60 -26.17 1.83 -26.90
N TYR H 61 -24.86 1.87 -27.18
CA TYR H 61 -23.96 0.79 -26.81
C TYR H 61 -22.76 1.33 -26.04
N ASP H 62 -22.12 0.46 -25.25
CA ASP H 62 -20.78 0.73 -24.79
C ASP H 62 -19.85 0.51 -25.98
N PRO H 63 -18.95 1.48 -26.30
CA PRO H 63 -18.06 1.33 -27.46
C PRO H 63 -17.16 0.11 -27.41
N LYS H 64 -16.88 -0.42 -26.21
CA LYS H 64 -16.21 -1.70 -26.05
C LYS H 64 -16.86 -2.81 -26.88
N PHE H 65 -18.18 -2.74 -27.09
CA PHE H 65 -18.91 -3.81 -27.74
C PHE H 65 -19.32 -3.49 -29.18
N GLN H 66 -18.88 -2.33 -29.68
CA GLN H 66 -19.00 -1.98 -31.09
C GLN H 66 -18.22 -3.00 -31.90
N GLY H 67 -18.96 -3.82 -32.66
CA GLY H 67 -18.37 -4.87 -33.46
C GLY H 67 -18.82 -6.26 -33.03
N LYS H 68 -18.87 -6.50 -31.72
CA LYS H 68 -19.24 -7.79 -31.17
C LYS H 68 -20.76 -7.87 -31.08
N ALA H 69 -21.42 -6.78 -30.65
CA ALA H 69 -22.78 -6.92 -30.13
C ALA H 69 -23.78 -6.06 -30.90
N SER H 70 -24.99 -6.62 -31.07
CA SER H 70 -26.02 -5.99 -31.89
C SER H 70 -27.40 -6.24 -31.27
N ILE H 71 -28.06 -5.16 -30.85
CA ILE H 71 -29.29 -5.26 -30.09
C ILE H 71 -30.46 -4.84 -30.99
N SER H 72 -31.57 -5.60 -30.90
CA SER H 72 -32.77 -5.28 -31.66
C SER H 72 -34.01 -5.74 -30.89
N ALA H 73 -35.14 -5.15 -31.26
CA ALA H 73 -36.42 -5.52 -30.66
C ALA H 73 -37.47 -5.67 -31.75
N ASP H 74 -38.36 -6.65 -31.56
CA ASP H 74 -39.49 -6.88 -32.44
C ASP H 74 -40.76 -6.58 -31.64
N THR H 75 -41.41 -5.45 -31.94
CA THR H 75 -42.49 -4.93 -31.11
C THR H 75 -43.72 -5.83 -31.20
N SER H 76 -43.83 -6.55 -32.33
CA SER H 76 -44.95 -7.45 -32.59
C SER H 76 -44.90 -8.65 -31.64
N SER H 77 -43.78 -9.39 -31.67
CA SER H 77 -43.59 -10.56 -30.83
C SER H 77 -43.19 -10.17 -29.40
N ASN H 78 -42.96 -8.87 -29.15
CA ASN H 78 -42.71 -8.31 -27.82
C ASN H 78 -41.44 -8.93 -27.24
N THR H 79 -40.40 -8.98 -28.08
CA THR H 79 -39.19 -9.75 -27.84
C THR H 79 -37.99 -8.86 -28.15
N ALA H 80 -36.93 -9.03 -27.34
CA ALA H 80 -35.68 -8.32 -27.58
C ALA H 80 -34.60 -9.34 -27.93
N TYR H 81 -33.59 -8.87 -28.67
CA TYR H 81 -32.60 -9.74 -29.26
C TYR H 81 -31.20 -9.17 -29.02
N LEU H 82 -30.22 -10.06 -28.79
CA LEU H 82 -28.83 -9.67 -28.76
C LEU H 82 -28.03 -10.62 -29.63
N GLN H 83 -27.21 -10.07 -30.52
CA GLN H 83 -26.47 -10.87 -31.47
C GLN H 83 -24.98 -10.63 -31.28
N LEU H 84 -24.25 -11.71 -30.93
CA LEU H 84 -22.82 -11.68 -30.72
C LEU H 84 -22.13 -12.38 -31.88
N SER H 85 -21.12 -11.72 -32.43
CA SER H 85 -20.44 -12.21 -33.62
C SER H 85 -18.96 -12.35 -33.29
N SER H 86 -18.23 -13.05 -34.18
CA SER H 86 -16.78 -13.18 -34.09
C SER H 86 -16.39 -13.72 -32.72
N LEU H 87 -17.11 -14.70 -32.18
CA LEU H 87 -16.99 -15.08 -30.78
C LEU H 87 -15.60 -15.62 -30.47
N THR H 88 -15.05 -15.20 -29.32
CA THR H 88 -13.84 -15.75 -28.77
C THR H 88 -14.12 -16.18 -27.32
N SER H 89 -13.06 -16.65 -26.64
CA SER H 89 -13.16 -17.03 -25.24
C SER H 89 -13.50 -15.83 -24.36
N GLU H 90 -13.06 -14.63 -24.79
CA GLU H 90 -13.41 -13.39 -24.12
C GLU H 90 -14.91 -13.26 -23.93
N ASP H 91 -15.70 -13.93 -24.78
CA ASP H 91 -17.14 -13.72 -24.83
C ASP H 91 -17.89 -14.75 -23.99
N THR H 92 -17.21 -15.82 -23.56
CA THR H 92 -17.79 -16.80 -22.64
C THR H 92 -18.28 -16.11 -21.38
N ALA H 93 -19.60 -16.08 -21.18
CA ALA H 93 -20.20 -15.29 -20.12
C ALA H 93 -21.67 -15.63 -19.98
N VAL H 94 -22.33 -15.05 -18.97
CA VAL H 94 -23.79 -15.12 -18.86
C VAL H 94 -24.34 -13.77 -19.29
N TYR H 95 -25.29 -13.79 -20.23
CA TYR H 95 -25.92 -12.60 -20.73
C TYR H 95 -27.32 -12.49 -20.13
N TYR H 96 -27.57 -11.40 -19.41
CA TYR H 96 -28.88 -11.10 -18.86
C TYR H 96 -29.53 -10.02 -19.72
N CYS H 97 -30.83 -10.18 -20.00
CA CYS H 97 -31.63 -9.12 -20.59
C CYS H 97 -32.48 -8.55 -19.47
N GLY H 98 -32.77 -7.25 -19.54
CA GLY H 98 -33.65 -6.64 -18.58
C GLY H 98 -34.44 -5.53 -19.24
N GLY H 99 -35.52 -5.10 -18.58
CA GLY H 99 -36.30 -3.97 -19.03
C GLY H 99 -36.53 -2.98 -17.89
N GLY H 100 -36.52 -1.69 -18.22
CA GLY H 100 -36.79 -0.66 -17.22
C GLY H 100 -36.73 0.74 -17.80
N PRO H 101 -36.96 1.78 -16.98
CA PRO H 101 -36.70 3.15 -17.38
C PRO H 101 -35.20 3.35 -17.57
N LEU H 102 -34.79 4.60 -17.80
CA LEU H 102 -33.37 4.88 -18.05
C LEU H 102 -32.61 4.88 -16.71
N TYR H 103 -33.34 4.88 -15.58
CA TYR H 103 -32.73 5.09 -14.27
C TYR H 103 -32.78 3.87 -13.36
N ALA H 104 -33.37 2.75 -13.82
CA ALA H 104 -33.48 1.52 -13.05
C ALA H 104 -33.87 0.35 -13.96
N MET H 105 -33.59 -0.88 -13.53
CA MET H 105 -34.11 -2.07 -14.20
C MET H 105 -35.25 -2.65 -13.38
N ASP H 106 -36.47 -2.56 -13.91
CA ASP H 106 -37.65 -3.05 -13.23
C ASP H 106 -37.68 -4.58 -13.30
N TYR H 107 -37.19 -5.16 -14.41
CA TYR H 107 -37.37 -6.57 -14.67
C TYR H 107 -36.11 -7.16 -15.30
N TRP H 108 -35.73 -8.36 -14.80
CA TRP H 108 -34.55 -9.07 -15.23
C TRP H 108 -34.90 -10.45 -15.76
N GLY H 109 -34.19 -10.90 -16.79
CA GLY H 109 -34.26 -12.28 -17.23
C GLY H 109 -33.44 -13.19 -16.33
N GLN H 110 -33.60 -14.50 -16.55
CA GLN H 110 -32.96 -15.51 -15.73
C GLN H 110 -31.54 -15.76 -16.26
N GLY H 111 -31.27 -15.28 -17.47
CA GLY H 111 -29.92 -15.24 -18.00
C GLY H 111 -29.65 -16.42 -18.93
N THR H 112 -28.84 -16.18 -19.97
CA THR H 112 -28.45 -17.22 -20.91
C THR H 112 -26.93 -17.35 -20.90
N SER H 113 -26.44 -18.54 -20.55
CA SER H 113 -25.00 -18.82 -20.61
C SER H 113 -24.54 -19.08 -22.04
N VAL H 114 -23.41 -18.48 -22.42
CA VAL H 114 -22.76 -18.74 -23.69
C VAL H 114 -21.33 -19.19 -23.40
N THR H 115 -20.92 -20.30 -24.01
CA THR H 115 -19.59 -20.88 -23.78
C THR H 115 -18.90 -21.11 -25.11
N VAL H 116 -17.64 -20.69 -25.21
CA VAL H 116 -16.90 -20.68 -26.46
C VAL H 116 -15.60 -21.45 -26.29
N CYS H 117 -15.36 -22.44 -27.16
CA CYS H 117 -14.32 -23.44 -26.94
C CYS H 117 -13.05 -23.00 -27.68
N GLY H 119 -10.02 -23.61 -28.35
CA GLY H 119 -9.98 -24.38 -29.61
C GLY H 119 -8.57 -24.70 -30.12
N SER H 120 -7.58 -23.85 -29.80
CA SER H 120 -6.23 -23.95 -30.34
C SER H 120 -5.58 -25.32 -30.09
N ASP H 121 -6.14 -26.13 -29.18
CA ASP H 121 -5.60 -27.43 -28.85
C ASP H 121 -5.49 -28.34 -30.08
N TYR H 122 -6.32 -28.12 -31.12
CA TYR H 122 -6.58 -29.14 -32.15
C TYR H 122 -5.38 -29.40 -33.05
N GLU H 123 -4.76 -28.34 -33.56
CA GLU H 123 -3.59 -28.42 -34.43
C GLU H 123 -2.50 -29.25 -33.77
N PHE H 124 -2.41 -29.18 -32.43
CA PHE H 124 -1.48 -29.98 -31.65
C PHE H 124 -1.75 -31.48 -31.81
N LEU H 125 -3.02 -31.87 -31.98
CA LEU H 125 -3.41 -33.27 -31.95
C LEU H 125 -3.46 -33.90 -33.35
N LYS H 126 -3.47 -33.06 -34.41
CA LYS H 126 -3.58 -33.54 -35.78
C LYS H 126 -2.32 -34.27 -36.23
N SER H 127 -1.15 -33.97 -35.63
CA SER H 127 0.06 -34.74 -35.85
C SER H 127 0.08 -35.99 -34.96
N TRP H 128 -0.89 -36.88 -35.19
CA TRP H 128 -1.08 -38.08 -34.36
C TRP H 128 -1.93 -39.11 -35.09
N THR H 129 -2.20 -40.23 -34.42
CA THR H 129 -2.79 -41.42 -35.01
C THR H 129 -4.22 -41.58 -34.50
N VAL H 130 -5.07 -42.34 -35.22
CA VAL H 130 -6.49 -42.47 -34.86
C VAL H 130 -6.62 -43.19 -33.52
N GLU H 131 -5.70 -44.13 -33.26
CA GLU H 131 -5.66 -44.85 -32.00
C GLU H 131 -5.44 -43.87 -30.85
N ASP H 132 -4.57 -42.87 -31.09
CA ASP H 132 -4.12 -41.94 -30.07
C ASP H 132 -5.19 -40.90 -29.75
N ILE H 133 -5.93 -40.44 -30.77
CA ILE H 133 -6.97 -39.43 -30.55
C ILE H 133 -8.13 -40.07 -29.80
N GLN H 134 -8.38 -41.35 -30.01
CA GLN H 134 -9.53 -42.02 -29.40
C GLN H 134 -9.21 -42.51 -27.99
N LYS H 135 -7.92 -42.61 -27.63
CA LYS H 135 -7.56 -42.93 -26.26
C LYS H 135 -7.67 -41.67 -25.41
N ARG H 136 -7.32 -40.53 -26.00
CA ARG H 136 -7.41 -39.23 -25.34
C ARG H 136 -8.88 -38.87 -25.10
N LEU H 137 -9.76 -39.31 -25.99
CA LEU H 137 -11.19 -39.03 -25.90
C LEU H 137 -11.83 -39.84 -24.79
N LEU H 138 -11.40 -41.09 -24.62
CA LEU H 138 -11.97 -41.98 -23.61
C LEU H 138 -11.48 -41.59 -22.22
N ALA H 139 -10.30 -40.97 -22.16
CA ALA H 139 -9.69 -40.55 -20.89
C ALA H 139 -10.54 -39.45 -20.25
N LEU H 140 -11.36 -38.74 -21.03
CA LEU H 140 -12.10 -37.59 -20.54
C LEU H 140 -13.23 -37.99 -19.61
N ASP H 141 -13.87 -39.13 -19.85
CA ASP H 141 -15.10 -39.48 -19.15
C ASP H 141 -14.78 -39.73 -17.67
N PRO H 142 -13.81 -40.59 -17.32
CA PRO H 142 -13.40 -40.77 -15.92
C PRO H 142 -12.95 -39.48 -15.24
N MET H 143 -12.26 -38.61 -15.98
CA MET H 143 -11.78 -37.34 -15.46
C MET H 143 -12.95 -36.44 -15.09
N MET H 144 -13.98 -36.39 -15.93
CA MET H 144 -15.14 -35.54 -15.70
C MET H 144 -15.94 -36.10 -14.53
N GLU H 145 -16.13 -37.42 -14.48
CA GLU H 145 -16.90 -38.04 -13.42
C GLU H 145 -16.21 -37.82 -12.07
N GLN H 146 -14.88 -37.82 -12.09
CA GLN H 146 -14.08 -37.58 -10.90
C GLN H 146 -14.27 -36.15 -10.41
N GLU H 147 -14.28 -35.18 -11.34
CA GLU H 147 -14.43 -33.77 -11.00
C GLU H 147 -15.83 -33.49 -10.46
N ILE H 148 -16.84 -34.19 -10.97
CA ILE H 148 -18.20 -34.04 -10.50
C ILE H 148 -18.33 -34.58 -9.08
N GLU H 149 -17.66 -35.71 -8.81
CA GLU H 149 -17.74 -36.35 -7.52
C GLU H 149 -17.07 -35.49 -6.45
N GLU H 150 -16.02 -34.75 -6.82
CA GLU H 150 -15.42 -33.77 -5.92
C GLU H 150 -16.46 -32.75 -5.49
N ILE H 151 -17.25 -32.26 -6.46
CA ILE H 151 -18.24 -31.23 -6.19
C ILE H 151 -19.34 -31.79 -5.30
N ARG H 152 -19.73 -33.04 -5.53
CA ARG H 152 -20.82 -33.64 -4.77
C ARG H 152 -20.44 -33.76 -3.30
N GLN H 153 -19.24 -34.28 -3.04
CA GLN H 153 -18.77 -34.48 -1.68
C GLN H 153 -18.50 -33.13 -1.02
N LYS H 154 -18.12 -32.13 -1.82
CA LYS H 154 -17.93 -30.78 -1.32
C LYS H 154 -19.23 -30.26 -0.72
N TYR H 155 -20.34 -30.48 -1.45
CA TYR H 155 -21.63 -29.92 -1.09
C TYR H 155 -22.31 -30.81 -0.05
N GLN H 156 -21.90 -32.08 0.03
CA GLN H 156 -22.40 -33.00 1.03
C GLN H 156 -21.88 -32.60 2.40
N SER H 157 -20.62 -32.09 2.44
CA SER H 157 -20.02 -31.63 3.68
C SER H 157 -20.64 -30.31 4.15
N LYS H 158 -21.20 -29.54 3.21
CA LYS H 158 -21.84 -28.28 3.54
C LYS H 158 -23.25 -28.51 4.06
N ARG H 159 -23.93 -29.54 3.52
CA ARG H 159 -25.27 -29.90 3.97
C ARG H 159 -25.20 -30.44 5.39
N GLN H 160 -24.13 -31.20 5.68
CA GLN H 160 -24.07 -32.09 6.84
C GLN H 160 -24.39 -31.36 8.13
N PRO H 161 -23.72 -30.21 8.45
CA PRO H 161 -24.03 -29.46 9.67
C PRO H 161 -25.47 -28.98 9.77
N ILE H 162 -25.98 -28.44 8.66
CA ILE H 162 -27.31 -27.84 8.60
C ILE H 162 -28.36 -28.90 8.89
N LEU H 163 -28.17 -30.10 8.32
CA LEU H 163 -29.12 -31.21 8.48
C LEU H 163 -29.10 -31.70 9.93
N ASP H 164 -27.93 -31.65 10.58
CA ASP H 164 -27.82 -32.05 11.96
C ASP H 164 -28.58 -31.08 12.86
N ALA H 165 -28.50 -29.78 12.53
CA ALA H 165 -29.16 -28.73 13.30
C ALA H 165 -30.68 -28.83 13.17
N ILE H 166 -31.16 -29.35 12.03
CA ILE H 166 -32.59 -29.47 11.76
C ILE H 166 -33.18 -30.59 12.61
N GLU H 167 -32.43 -31.67 12.83
CA GLU H 167 -32.92 -32.79 13.63
C GLU H 167 -32.76 -32.50 15.12
N ALA H 168 -32.00 -31.44 15.45
CA ALA H 168 -31.79 -31.02 16.83
C ALA H 168 -33.03 -30.28 17.33
N LYS H 169 -33.38 -29.16 16.67
CA LYS H 169 -34.44 -28.30 17.14
C LYS H 169 -35.72 -29.13 17.31
N ASP I 2 -14.62 8.23 -19.34
CA ASP I 2 -15.40 7.09 -18.76
C ASP I 2 -15.33 7.12 -17.23
N ILE I 3 -16.49 7.12 -16.57
CA ILE I 3 -16.54 7.29 -15.13
C ILE I 3 -16.14 5.98 -14.47
N LYS I 4 -15.19 6.06 -13.51
CA LYS I 4 -14.78 4.90 -12.74
C LYS I 4 -15.51 4.90 -11.40
N MET I 5 -16.44 3.96 -11.22
CA MET I 5 -17.12 3.79 -9.96
C MET I 5 -16.33 2.74 -9.16
N THR I 6 -16.03 3.02 -7.89
CA THR I 6 -15.12 2.23 -7.06
C THR I 6 -15.81 1.85 -5.74
N GLN I 7 -15.88 0.55 -5.46
CA GLN I 7 -16.57 0.09 -4.27
C GLN I 7 -15.56 -0.34 -3.22
N SER I 8 -15.97 -0.24 -1.95
CA SER I 8 -15.21 -0.80 -0.85
C SER I 8 -16.14 -1.12 0.30
N PRO I 9 -15.84 -2.18 1.09
CA PRO I 9 -14.69 -3.05 0.83
C PRO I 9 -14.94 -3.97 -0.37
N SER I 10 -13.90 -4.66 -0.86
CA SER I 10 -14.08 -5.57 -1.99
C SER I 10 -14.77 -6.85 -1.52
N SER I 11 -14.52 -7.26 -0.27
CA SER I 11 -15.40 -8.22 0.39
C SER I 11 -15.52 -7.84 1.87
N MET I 12 -16.47 -8.45 2.57
CA MET I 12 -16.53 -8.25 4.00
C MET I 12 -17.40 -9.30 4.66
N TYR I 13 -17.13 -9.49 5.96
CA TYR I 13 -17.83 -10.46 6.77
C TYR I 13 -18.52 -9.72 7.90
N ALA I 14 -19.68 -10.21 8.32
CA ALA I 14 -20.47 -9.56 9.35
C ALA I 14 -21.41 -10.56 10.00
N SER I 15 -21.68 -10.34 11.29
CA SER I 15 -22.55 -11.20 12.07
C SER I 15 -24.00 -10.79 11.87
N LEU I 16 -24.93 -11.73 12.09
CA LEU I 16 -26.36 -11.42 12.02
C LEU I 16 -26.68 -10.25 12.94
N GLY I 17 -27.74 -9.52 12.60
CA GLY I 17 -28.24 -8.42 13.42
C GLY I 17 -27.41 -7.14 13.30
N GLU I 18 -26.16 -7.28 12.80
CA GLU I 18 -25.20 -6.20 12.72
C GLU I 18 -25.64 -5.21 11.65
N ARG I 19 -25.02 -4.03 11.66
CA ARG I 19 -25.35 -2.95 10.73
C ARG I 19 -24.19 -2.78 9.75
N VAL I 20 -24.48 -2.84 8.45
CA VAL I 20 -23.46 -2.96 7.42
C VAL I 20 -23.54 -1.75 6.50
N THR I 21 -22.38 -1.30 6.00
CA THR I 21 -22.33 -0.16 5.10
C THR I 21 -21.27 -0.37 4.02
N ILE I 22 -21.73 -0.66 2.80
CA ILE I 22 -20.91 -0.66 1.60
C ILE I 22 -20.83 0.79 1.11
N THR I 23 -19.74 1.13 0.41
CA THR I 23 -19.63 2.43 -0.24
C THR I 23 -19.31 2.26 -1.72
N CYS I 24 -19.60 3.33 -2.46
CA CYS I 24 -19.38 3.45 -3.88
C CYS I 24 -18.95 4.89 -4.13
N LYS I 25 -17.83 5.07 -4.84
CA LYS I 25 -17.25 6.38 -5.04
C LYS I 25 -16.99 6.56 -6.54
N ALA I 26 -17.59 7.60 -7.12
CA ALA I 26 -17.44 7.91 -8.53
C ALA I 26 -16.28 8.89 -8.73
N SER I 27 -15.63 8.79 -9.89
CA SER I 27 -14.55 9.70 -10.23
C SER I 27 -15.08 11.08 -10.64
N GLN I 28 -16.40 11.29 -10.69
CA GLN I 28 -16.99 12.59 -10.95
C GLN I 28 -18.41 12.67 -10.38
N ASP I 29 -18.95 13.89 -10.30
CA ASP I 29 -20.29 14.11 -9.78
C ASP I 29 -21.28 13.44 -10.72
N ILE I 30 -22.15 12.59 -10.15
CA ILE I 30 -23.14 11.86 -10.93
C ILE I 30 -24.54 12.24 -10.47
N LYS I 31 -24.65 13.32 -9.70
CA LYS I 31 -25.92 13.95 -9.34
C LYS I 31 -26.96 12.88 -8.99
N SER I 32 -26.55 11.86 -8.22
CA SER I 32 -27.48 10.89 -7.65
C SER I 32 -28.13 10.00 -8.72
N TYR I 33 -27.63 10.04 -9.97
CA TYR I 33 -27.97 9.03 -10.95
C TYR I 33 -27.19 7.75 -10.64
N LEU I 34 -27.67 6.97 -9.66
CA LEU I 34 -26.93 5.82 -9.16
C LEU I 34 -27.88 4.74 -8.67
N SER I 35 -27.66 3.49 -9.15
CA SER I 35 -28.51 2.37 -8.80
C SER I 35 -27.69 1.28 -8.12
N TRP I 36 -28.29 0.62 -7.11
CA TRP I 36 -27.69 -0.49 -6.38
C TRP I 36 -28.36 -1.80 -6.76
N TYR I 37 -27.55 -2.78 -7.19
CA TYR I 37 -28.00 -4.11 -7.56
C TYR I 37 -27.44 -5.13 -6.56
N GLN I 38 -28.23 -6.16 -6.26
CA GLN I 38 -27.83 -7.26 -5.41
C GLN I 38 -27.89 -8.55 -6.23
N GLN I 39 -26.92 -9.44 -6.03
CA GLN I 39 -26.83 -10.68 -6.78
C GLN I 39 -26.42 -11.83 -5.86
N LYS I 40 -27.37 -12.73 -5.53
CA LYS I 40 -27.04 -13.97 -4.84
C LYS I 40 -26.37 -14.93 -5.83
N PRO I 41 -25.58 -15.93 -5.38
CA PRO I 41 -24.80 -16.75 -6.31
C PRO I 41 -25.62 -17.56 -7.33
N TRP I 42 -25.23 -17.47 -8.60
CA TRP I 42 -25.85 -18.21 -9.69
C TRP I 42 -27.32 -17.83 -9.88
N LYS I 43 -27.68 -16.59 -9.53
CA LYS I 43 -28.99 -16.06 -9.84
C LYS I 43 -28.81 -14.70 -10.54
N SER I 44 -29.88 -14.21 -11.19
CA SER I 44 -29.80 -12.97 -11.94
C SER I 44 -29.80 -11.79 -10.97
N PRO I 45 -29.14 -10.66 -11.31
CA PRO I 45 -29.19 -9.46 -10.48
C PRO I 45 -30.61 -9.04 -10.11
N LYS I 46 -30.71 -8.31 -8.99
CA LYS I 46 -31.97 -7.72 -8.55
C LYS I 46 -31.73 -6.25 -8.17
N THR I 47 -32.71 -5.41 -8.49
CA THR I 47 -32.61 -3.98 -8.22
C THR I 47 -33.03 -3.69 -6.79
N LEU I 48 -32.12 -3.08 -6.02
CA LEU I 48 -32.40 -2.65 -4.65
C LEU I 48 -32.85 -1.19 -4.64
N ILE I 49 -32.01 -0.33 -5.22
CA ILE I 49 -32.15 1.11 -5.05
C ILE I 49 -31.84 1.81 -6.37
N TYR I 50 -32.57 2.90 -6.61
CA TYR I 50 -32.37 3.72 -7.80
C TYR I 50 -32.44 5.19 -7.41
N TYR I 51 -31.84 6.04 -8.26
CA TYR I 51 -31.68 7.46 -7.96
C TYR I 51 -31.15 7.63 -6.52
N ALA I 52 -30.17 6.79 -6.14
CA ALA I 52 -29.35 6.96 -4.96
C ALA I 52 -30.03 6.48 -3.68
N THR I 53 -31.34 6.74 -3.54
CA THR I 53 -32.01 6.58 -2.24
C THR I 53 -33.43 6.01 -2.33
N ARG I 54 -33.96 5.78 -3.52
CA ARG I 54 -35.32 5.27 -3.63
C ARG I 54 -35.24 3.74 -3.66
N LEU I 55 -35.91 3.07 -2.71
CA LEU I 55 -36.03 1.63 -2.72
C LEU I 55 -36.87 1.16 -3.91
N ALA I 56 -36.51 0.02 -4.49
CA ALA I 56 -37.32 -0.60 -5.53
C ALA I 56 -38.52 -1.31 -4.90
N ASP I 57 -39.37 -1.88 -5.74
CA ASP I 57 -40.55 -2.59 -5.29
C ASP I 57 -40.15 -3.92 -4.64
N GLY I 58 -40.73 -4.18 -3.47
CA GLY I 58 -40.60 -5.47 -2.80
C GLY I 58 -39.23 -5.62 -2.15
N VAL I 59 -38.61 -4.48 -1.83
CA VAL I 59 -37.31 -4.50 -1.16
C VAL I 59 -37.55 -4.31 0.32
N PRO I 60 -37.04 -5.22 1.19
CA PRO I 60 -37.09 -5.01 2.63
C PRO I 60 -36.56 -3.62 3.02
N SER I 61 -37.17 -3.03 4.05
CA SER I 61 -36.93 -1.65 4.42
C SER I 61 -35.64 -1.52 5.23
N ARG I 62 -35.04 -2.65 5.62
CA ARG I 62 -33.76 -2.63 6.31
C ARG I 62 -32.68 -2.08 5.37
N PHE I 63 -32.91 -2.25 4.06
CA PHE I 63 -32.07 -1.65 3.03
C PHE I 63 -32.38 -0.16 2.92
N SER I 64 -31.31 0.64 2.84
CA SER I 64 -31.39 2.08 2.62
C SER I 64 -30.18 2.51 1.82
N GLY I 65 -30.35 3.61 1.08
CA GLY I 65 -29.27 4.20 0.31
C GLY I 65 -29.19 5.71 0.55
N SER I 66 -27.98 6.24 0.44
CA SER I 66 -27.76 7.65 0.69
C SER I 66 -26.47 8.08 -0.01
N GLY I 67 -26.23 9.40 0.02
CA GLY I 67 -25.08 10.00 -0.59
C GLY I 67 -25.49 11.03 -1.64
N SER I 68 -24.48 11.72 -2.15
CA SER I 68 -24.61 12.62 -3.27
C SER I 68 -23.21 12.93 -3.81
N GLY I 69 -23.16 13.79 -4.81
CA GLY I 69 -21.89 14.15 -5.40
C GLY I 69 -21.19 12.93 -5.97
N GLN I 70 -20.07 12.58 -5.34
CA GLN I 70 -19.22 11.50 -5.82
C GLN I 70 -19.31 10.28 -4.92
N ASP I 71 -19.91 10.43 -3.72
CA ASP I 71 -19.75 9.43 -2.68
C ASP I 71 -21.13 8.96 -2.23
N TYR I 72 -21.35 7.65 -2.32
CA TYR I 72 -22.64 7.05 -1.99
C TYR I 72 -22.43 5.77 -1.19
N SER I 73 -23.51 5.32 -0.54
CA SER I 73 -23.42 4.19 0.36
C SER I 73 -24.76 3.46 0.42
N LEU I 74 -24.67 2.14 0.53
CA LEU I 74 -25.83 1.29 0.80
C LEU I 74 -25.66 0.76 2.21
N THR I 75 -26.76 0.74 2.96
CA THR I 75 -26.71 0.41 4.36
C THR I 75 -27.82 -0.59 4.67
N ILE I 76 -27.43 -1.78 5.14
CA ILE I 76 -28.36 -2.74 5.69
C ILE I 76 -28.37 -2.53 7.20
N SER I 77 -29.55 -2.23 7.76
CA SER I 77 -29.63 -1.79 9.16
C SER I 77 -29.45 -2.98 10.11
N SER I 78 -30.17 -4.08 9.86
CA SER I 78 -30.08 -5.28 10.68
C SER I 78 -29.96 -6.53 9.80
N LEU I 79 -28.74 -7.05 9.71
CA LEU I 79 -28.36 -8.02 8.69
C LEU I 79 -28.97 -9.39 8.96
N GLU I 80 -29.85 -9.84 8.05
CA GLU I 80 -30.36 -11.20 8.08
C GLU I 80 -29.45 -12.08 7.21
N SER I 81 -29.64 -13.40 7.30
CA SER I 81 -28.75 -14.37 6.67
C SER I 81 -29.02 -14.44 5.17
N ASP I 82 -30.23 -14.03 4.78
CA ASP I 82 -30.68 -13.99 3.41
C ASP I 82 -29.80 -13.05 2.57
N ASP I 83 -29.14 -12.08 3.23
CA ASP I 83 -28.54 -10.93 2.57
C ASP I 83 -27.12 -11.22 2.08
N THR I 84 -26.61 -12.44 2.26
CA THR I 84 -25.30 -12.78 1.73
C THR I 84 -25.39 -12.78 0.20
N ALA I 85 -24.55 -11.93 -0.41
CA ALA I 85 -24.65 -11.66 -1.83
C ALA I 85 -23.48 -10.80 -2.26
N THR I 86 -23.35 -10.56 -3.56
CA THR I 86 -22.51 -9.50 -4.07
C THR I 86 -23.40 -8.31 -4.41
N TYR I 87 -22.93 -7.10 -4.05
CA TYR I 87 -23.66 -5.86 -4.31
C TYR I 87 -22.88 -5.01 -5.31
N TYR I 88 -23.60 -4.40 -6.25
CA TYR I 88 -23.02 -3.61 -7.32
C TYR I 88 -23.69 -2.24 -7.37
N CYS I 89 -22.88 -1.20 -7.57
CA CYS I 89 -23.38 0.13 -7.90
C CYS I 89 -23.18 0.40 -9.39
N LEU I 90 -24.17 1.05 -10.03
CA LEU I 90 -24.10 1.47 -11.42
C LEU I 90 -24.41 2.96 -11.48
N GLN I 91 -23.67 3.71 -12.33
CA GLN I 91 -24.00 5.10 -12.59
C GLN I 91 -24.54 5.23 -14.00
N HIS I 92 -25.58 6.05 -14.18
CA HIS I 92 -26.11 6.30 -15.51
C HIS I 92 -26.14 7.78 -15.82
N ARG I 93 -25.33 8.56 -15.11
CA ARG I 93 -25.24 9.99 -15.35
C ARG I 93 -24.63 10.25 -16.72
N GLU I 94 -23.52 9.57 -17.02
CA GLU I 94 -22.85 9.72 -18.30
C GLU I 94 -22.66 8.37 -18.97
N ARG I 95 -22.61 8.40 -20.31
CA ARG I 95 -22.37 7.23 -21.13
C ARG I 95 -20.89 7.08 -21.41
N PRO I 96 -20.34 5.85 -21.41
CA PRO I 96 -21.12 4.64 -21.12
C PRO I 96 -21.47 4.45 -19.65
N LEU I 97 -22.56 3.70 -19.39
CA LEU I 97 -22.90 3.28 -18.04
C LEU I 97 -21.75 2.43 -17.53
N THR I 98 -21.39 2.61 -16.26
CA THR I 98 -20.28 1.90 -15.66
C THR I 98 -20.69 1.38 -14.28
N VAL I 99 -19.96 0.38 -13.80
CA VAL I 99 -20.37 -0.39 -12.65
C VAL I 99 -19.16 -0.60 -11.74
N GLY I 100 -19.41 -0.53 -10.43
CA GLY I 100 -18.43 -0.96 -9.45
C GLY I 100 -18.02 -2.41 -9.68
N ALA I 101 -16.92 -2.81 -9.02
CA ALA I 101 -16.41 -4.17 -9.14
C ALA I 101 -17.16 -5.12 -8.20
N GLY I 102 -17.99 -4.57 -7.32
CA GLY I 102 -18.80 -5.38 -6.43
C GLY I 102 -18.16 -5.53 -5.06
N THR I 103 -19.02 -5.57 -4.04
CA THR I 103 -18.64 -5.92 -2.69
C THR I 103 -19.31 -7.25 -2.37
N LYS I 104 -18.48 -8.26 -2.04
CA LYS I 104 -19.00 -9.56 -1.65
C LYS I 104 -19.26 -9.54 -0.14
N LEU I 105 -20.42 -10.04 0.29
CA LEU I 105 -20.81 -9.95 1.68
C LEU I 105 -21.22 -11.34 2.19
N GLU I 106 -20.50 -11.80 3.23
CA GLU I 106 -20.68 -13.15 3.78
C GLU I 106 -20.80 -13.07 5.30
N LEU I 107 -21.26 -14.17 5.92
CA LEU I 107 -21.44 -14.24 7.37
C LEU I 107 -20.16 -14.65 8.08
N LYS I 108 -20.14 -14.40 9.40
CA LYS I 108 -19.00 -14.66 10.27
C LYS I 108 -19.36 -15.68 11.35
N GLY I 109 -18.32 -16.32 11.90
CA GLY I 109 -18.48 -17.37 12.90
C GLY I 109 -18.71 -16.81 14.31
N SER I 117 -29.64 -21.67 16.83
CA SER I 117 -30.04 -20.39 17.47
C SER I 117 -30.71 -19.45 16.46
N TRP I 118 -30.76 -19.83 15.17
CA TRP I 118 -31.57 -19.12 14.19
C TRP I 118 -33.01 -19.65 14.27
N THR I 119 -33.86 -19.28 13.29
CA THR I 119 -35.18 -19.87 13.17
C THR I 119 -35.13 -21.03 12.17
N VAL I 120 -36.12 -21.93 12.27
CA VAL I 120 -36.19 -23.12 11.43
C VAL I 120 -36.39 -22.72 9.98
N GLU I 121 -37.11 -21.60 9.77
CA GLU I 121 -37.31 -21.05 8.43
C GLU I 121 -35.96 -20.68 7.81
N ASP I 122 -35.06 -20.13 8.64
CA ASP I 122 -33.78 -19.58 8.20
C ASP I 122 -32.77 -20.68 7.88
N ILE I 123 -32.78 -21.77 8.67
CA ILE I 123 -31.85 -22.87 8.44
C ILE I 123 -32.24 -23.60 7.15
N GLN I 124 -33.55 -23.64 6.85
CA GLN I 124 -34.03 -24.41 5.72
C GLN I 124 -33.99 -23.60 4.44
N LYS I 125 -33.83 -22.27 4.52
CA LYS I 125 -33.63 -21.47 3.32
C LYS I 125 -32.17 -21.59 2.90
N ARG I 126 -31.27 -21.66 3.89
CA ARG I 126 -29.84 -21.82 3.66
C ARG I 126 -29.57 -23.19 3.03
N LEU I 127 -30.37 -24.20 3.42
CA LEU I 127 -30.20 -25.56 2.95
C LEU I 127 -30.65 -25.70 1.51
N LEU I 128 -31.75 -25.01 1.15
CA LEU I 128 -32.30 -25.09 -0.20
C LEU I 128 -31.44 -24.34 -1.19
N ALA I 129 -30.69 -23.33 -0.72
CA ALA I 129 -29.83 -22.54 -1.58
C ALA I 129 -28.72 -23.40 -2.18
N LEU I 130 -28.37 -24.50 -1.51
CA LEU I 130 -27.21 -25.30 -1.88
C LEU I 130 -27.45 -26.11 -3.14
N ASP I 131 -28.69 -26.57 -3.37
CA ASP I 131 -28.96 -27.51 -4.44
C ASP I 131 -28.71 -26.83 -5.80
N PRO I 132 -29.32 -25.65 -6.07
CA PRO I 132 -29.05 -24.92 -7.30
C PRO I 132 -27.58 -24.58 -7.52
N MET I 133 -26.87 -24.26 -6.43
CA MET I 133 -25.46 -23.91 -6.48
C MET I 133 -24.65 -25.11 -6.94
N MET I 134 -24.96 -26.30 -6.40
CA MET I 134 -24.21 -27.50 -6.74
C MET I 134 -24.49 -27.91 -8.19
N GLU I 135 -25.78 -27.82 -8.59
CA GLU I 135 -26.17 -28.22 -9.93
C GLU I 135 -25.53 -27.30 -10.96
N GLN I 136 -25.38 -26.03 -10.58
CA GLN I 136 -24.73 -25.03 -11.43
C GLN I 136 -23.26 -25.36 -11.60
N GLU I 137 -22.59 -25.77 -10.53
CA GLU I 137 -21.17 -26.09 -10.56
C GLU I 137 -20.91 -27.34 -11.39
N ILE I 138 -21.85 -28.30 -11.35
CA ILE I 138 -21.73 -29.52 -12.13
C ILE I 138 -21.90 -29.19 -13.62
N GLU I 139 -22.83 -28.27 -13.93
CA GLU I 139 -23.10 -27.90 -15.32
C GLU I 139 -21.89 -27.18 -15.92
N GLU I 140 -21.15 -26.42 -15.11
CA GLU I 140 -19.90 -25.82 -15.55
C GLU I 140 -18.95 -26.92 -16.02
N ILE I 141 -18.85 -28.00 -15.24
CA ILE I 141 -17.92 -29.08 -15.51
C ILE I 141 -18.34 -29.80 -16.81
N ARG I 142 -19.65 -29.96 -17.01
CA ARG I 142 -20.13 -30.69 -18.17
C ARG I 142 -19.76 -29.94 -19.46
N GLN I 143 -20.03 -28.63 -19.47
CA GLN I 143 -19.76 -27.80 -20.62
C GLN I 143 -18.25 -27.64 -20.82
N LYS I 144 -17.50 -27.69 -19.72
CA LYS I 144 -16.04 -27.66 -19.77
C LYS I 144 -15.54 -28.85 -20.56
N TYR I 145 -16.11 -30.03 -20.33
CA TYR I 145 -15.64 -31.27 -20.93
C TYR I 145 -16.22 -31.46 -22.33
N GLN I 146 -17.32 -30.75 -22.60
CA GLN I 146 -17.89 -30.72 -23.94
C GLN I 146 -16.98 -29.93 -24.89
N CYS I 147 -16.37 -28.88 -24.35
CA CYS I 147 -15.43 -28.05 -25.10
C CYS I 147 -14.09 -28.77 -25.29
N LYS I 148 -13.78 -29.75 -24.43
CA LYS I 148 -12.56 -30.54 -24.55
C LYS I 148 -12.75 -31.64 -25.59
N ARG I 149 -13.97 -32.16 -25.73
CA ARG I 149 -14.25 -33.15 -26.76
C ARG I 149 -14.18 -32.51 -28.15
N GLN I 150 -14.62 -31.23 -28.24
CA GLN I 150 -14.86 -30.56 -29.51
C GLN I 150 -13.63 -30.65 -30.43
N PRO I 151 -12.41 -30.27 -29.98
CA PRO I 151 -11.20 -30.39 -30.80
C PRO I 151 -10.89 -31.80 -31.28
N ILE I 152 -11.02 -32.77 -30.38
CA ILE I 152 -10.68 -34.16 -30.67
C ILE I 152 -11.60 -34.68 -31.78
N LEU I 153 -12.88 -34.32 -31.73
CA LEU I 153 -13.85 -34.77 -32.71
C LEU I 153 -13.59 -34.12 -34.07
N ASP I 154 -13.06 -32.88 -34.06
CA ASP I 154 -12.68 -32.19 -35.28
C ASP I 154 -11.49 -32.90 -35.94
N ALA I 155 -10.54 -33.36 -35.12
CA ALA I 155 -9.35 -34.05 -35.58
C ALA I 155 -9.70 -35.41 -36.18
N ILE I 156 -10.79 -36.03 -35.70
CA ILE I 156 -11.22 -37.33 -36.16
C ILE I 156 -11.82 -37.21 -37.57
N GLU I 157 -12.49 -36.09 -37.87
CA GLU I 157 -13.05 -35.88 -39.21
C GLU I 157 -11.97 -35.40 -40.20
N ALA I 158 -10.70 -35.31 -39.79
CA ALA I 158 -9.62 -35.17 -40.74
C ALA I 158 -8.26 -35.31 -40.03
N ASP J 2 16.91 0.28 12.47
CA ASP J 2 15.66 -0.29 13.03
C ASP J 2 15.14 -1.44 12.18
N ILE J 3 14.89 -2.58 12.82
CA ILE J 3 14.41 -3.76 12.14
C ILE J 3 12.92 -3.60 11.83
N LYS J 4 12.55 -3.82 10.56
CA LYS J 4 11.16 -3.85 10.13
C LYS J 4 10.69 -5.29 10.08
N MET J 5 9.78 -5.66 10.98
CA MET J 5 9.17 -6.98 10.91
C MET J 5 7.86 -6.83 10.13
N THR J 6 7.62 -7.74 9.18
CA THR J 6 6.51 -7.66 8.23
C THR J 6 5.68 -8.95 8.22
N GLN J 7 4.37 -8.86 8.47
CA GLN J 7 3.54 -10.06 8.54
C GLN J 7 2.69 -10.20 7.29
N SER J 8 2.28 -11.44 6.98
CA SER J 8 1.27 -11.69 5.97
C SER J 8 0.60 -13.03 6.23
N PRO J 9 -0.70 -13.19 5.91
CA PRO J 9 -1.51 -12.12 5.33
C PRO J 9 -1.87 -11.05 6.37
N SER J 10 -2.41 -9.90 5.93
CA SER J 10 -2.81 -8.87 6.87
C SER J 10 -4.10 -9.28 7.57
N SER J 11 -4.98 -10.01 6.86
CA SER J 11 -6.05 -10.74 7.51
C SER J 11 -6.27 -12.06 6.80
N MET J 12 -7.04 -12.97 7.40
CA MET J 12 -7.44 -14.16 6.68
C MET J 12 -8.62 -14.84 7.38
N TYR J 13 -9.36 -15.59 6.57
CA TYR J 13 -10.58 -16.25 6.98
C TYR J 13 -10.41 -17.74 6.71
N ALA J 14 -10.96 -18.60 7.58
CA ALA J 14 -10.65 -20.03 7.53
C ALA J 14 -11.71 -20.79 8.31
N SER J 15 -11.99 -22.03 7.85
CA SER J 15 -13.02 -22.87 8.45
C SER J 15 -12.42 -23.64 9.62
N LEU J 16 -13.30 -24.08 10.54
CA LEU J 16 -12.89 -24.94 11.66
C LEU J 16 -12.12 -26.15 11.12
N GLY J 17 -11.22 -26.68 11.96
CA GLY J 17 -10.49 -27.90 11.65
C GLY J 17 -9.33 -27.68 10.67
N GLU J 18 -9.36 -26.54 9.96
CA GLU J 18 -8.41 -26.22 8.90
C GLU J 18 -7.05 -25.93 9.51
N ARG J 19 -6.02 -25.92 8.67
CA ARG J 19 -4.64 -25.69 9.08
C ARG J 19 -4.19 -24.32 8.58
N VAL J 20 -3.67 -23.48 9.48
CA VAL J 20 -3.41 -22.08 9.20
C VAL J 20 -1.91 -21.80 9.35
N THR J 21 -1.38 -20.89 8.52
CA THR J 21 0.01 -20.50 8.64
C THR J 21 0.20 -19.01 8.34
N ILE J 22 0.44 -18.25 9.42
CA ILE J 22 0.86 -16.87 9.36
C ILE J 22 2.37 -16.85 9.15
N THR J 23 2.89 -15.78 8.52
CA THR J 23 4.32 -15.59 8.41
C THR J 23 4.73 -14.21 8.93
N CYS J 24 6.02 -14.11 9.26
CA CYS J 24 6.66 -12.91 9.76
C CYS J 24 8.06 -12.86 9.16
N LYS J 25 8.43 -11.73 8.58
CA LYS J 25 9.68 -11.61 7.87
C LYS J 25 10.41 -10.37 8.36
N ALA J 26 11.63 -10.57 8.86
CA ALA J 26 12.46 -9.49 9.38
C ALA J 26 13.36 -8.94 8.27
N SER J 27 13.69 -7.65 8.37
CA SER J 27 14.57 -7.02 7.41
C SER J 27 16.04 -7.39 7.66
N GLN J 28 16.34 -8.15 8.73
CA GLN J 28 17.67 -8.71 8.91
C GLN J 28 17.62 -9.94 9.84
N ASP J 29 18.75 -10.66 9.91
CA ASP J 29 18.83 -11.88 10.68
C ASP J 29 18.63 -11.53 12.16
N ILE J 30 17.68 -12.22 12.80
CA ILE J 30 17.36 -11.99 14.19
C ILE J 30 17.62 -13.24 15.02
N LYS J 31 18.33 -14.22 14.43
CA LYS J 31 18.82 -15.40 15.11
C LYS J 31 17.76 -15.96 16.06
N SER J 32 16.51 -16.02 15.60
CA SER J 32 15.45 -16.70 16.31
C SER J 32 15.09 -16.01 17.63
N TYR J 33 15.57 -14.78 17.87
CA TYR J 33 15.03 -13.93 18.93
C TYR J 33 13.69 -13.35 18.48
N LEU J 34 12.61 -14.15 18.58
CA LEU J 34 11.32 -13.78 18.03
C LEU J 34 10.17 -14.37 18.84
N SER J 35 9.21 -13.54 19.22
CA SER J 35 8.07 -13.97 20.02
C SER J 35 6.76 -13.73 19.27
N TRP J 36 5.80 -14.66 19.45
CA TRP J 36 4.47 -14.58 18.88
C TRP J 36 3.45 -14.27 19.98
N TYR J 37 2.68 -13.20 19.79
CA TYR J 37 1.61 -12.81 20.70
C TYR J 37 0.26 -12.98 20.02
N GLN J 38 -0.73 -13.40 20.81
CA GLN J 38 -2.10 -13.52 20.34
C GLN J 38 -2.95 -12.56 21.16
N GLN J 39 -3.87 -11.85 20.50
CA GLN J 39 -4.74 -10.89 21.16
C GLN J 39 -6.16 -11.09 20.68
N LYS J 40 -7.00 -11.71 21.53
CA LYS J 40 -8.38 -11.97 21.17
C LYS J 40 -9.16 -10.66 21.22
N PRO J 41 -10.36 -10.56 20.60
CA PRO J 41 -11.18 -9.35 20.69
C PRO J 41 -11.49 -8.91 22.12
N TRP J 42 -11.25 -7.62 22.38
CA TRP J 42 -11.52 -6.97 23.65
C TRP J 42 -10.72 -7.59 24.80
N LYS J 43 -9.53 -8.16 24.53
CA LYS J 43 -8.77 -8.84 25.56
C LYS J 43 -7.30 -8.39 25.52
N SER J 44 -6.57 -8.63 26.63
CA SER J 44 -5.17 -8.28 26.72
C SER J 44 -4.34 -9.27 25.89
N PRO J 45 -3.20 -8.85 25.30
CA PRO J 45 -2.30 -9.79 24.63
C PRO J 45 -1.89 -10.97 25.49
N LYS J 46 -1.53 -12.08 24.83
CA LYS J 46 -1.05 -13.29 25.48
C LYS J 46 0.15 -13.83 24.69
N THR J 47 1.14 -14.38 25.42
CA THR J 47 2.33 -14.91 24.79
C THR J 47 2.08 -16.36 24.36
N LEU J 48 2.26 -16.62 23.07
CA LEU J 48 2.13 -17.97 22.51
C LEU J 48 3.49 -18.66 22.47
N ILE J 49 4.47 -17.98 21.84
CA ILE J 49 5.72 -18.60 21.47
C ILE J 49 6.83 -17.59 21.68
N TYR J 50 7.99 -18.11 22.11
CA TYR J 50 9.18 -17.30 22.32
C TYR J 50 10.39 -18.06 21.77
N TYR J 51 11.47 -17.32 21.50
CA TYR J 51 12.66 -17.85 20.84
C TYR J 51 12.23 -18.69 19.63
N ALA J 52 11.26 -18.19 18.87
CA ALA J 52 10.91 -18.68 17.54
C ALA J 52 10.02 -19.94 17.59
N THR J 53 10.29 -20.87 18.53
CA THR J 53 9.72 -22.20 18.45
C THR J 53 9.29 -22.77 19.80
N ARG J 54 9.59 -22.11 20.92
CA ARG J 54 9.20 -22.63 22.21
C ARG J 54 7.79 -22.14 22.58
N LEU J 55 6.86 -23.08 22.82
CA LEU J 55 5.54 -22.75 23.33
C LEU J 55 5.64 -22.19 24.75
N ALA J 56 4.76 -21.24 25.06
CA ALA J 56 4.65 -20.71 26.40
C ALA J 56 3.85 -21.68 27.26
N ASP J 57 3.75 -21.39 28.56
CA ASP J 57 2.99 -22.22 29.47
C ASP J 57 1.49 -22.08 29.20
N GLY J 58 0.81 -23.22 29.16
CA GLY J 58 -0.63 -23.26 29.07
C GLY J 58 -1.12 -22.94 27.67
N VAL J 59 -0.25 -23.14 26.67
CA VAL J 59 -0.62 -22.90 25.29
C VAL J 59 -0.99 -24.25 24.69
N PRO J 60 -2.20 -24.40 24.09
CA PRO J 60 -2.54 -25.60 23.33
C PRO J 60 -1.46 -25.99 22.32
N SER J 61 -1.26 -27.30 22.14
CA SER J 61 -0.14 -27.82 21.38
C SER J 61 -0.42 -27.75 19.88
N ARG J 62 -1.66 -27.39 19.49
CA ARG J 62 -2.00 -27.20 18.09
C ARG J 62 -1.20 -26.02 17.54
N PHE J 63 -0.83 -25.09 18.44
CA PHE J 63 0.06 -23.98 18.11
C PHE J 63 1.50 -24.49 18.00
N SER J 64 2.18 -24.06 16.93
CA SER J 64 3.59 -24.37 16.72
C SER J 64 4.25 -23.21 15.98
N GLY J 65 5.56 -23.05 16.20
CA GLY J 65 6.33 -21.99 15.57
C GLY J 65 7.62 -22.54 14.99
N SER J 66 8.07 -21.91 13.91
CA SER J 66 9.27 -22.39 13.22
C SER J 66 9.87 -21.24 12.41
N GLY J 67 11.05 -21.52 11.85
CA GLY J 67 11.76 -20.55 11.02
C GLY J 67 13.14 -20.27 11.59
N SER J 68 13.92 -19.48 10.83
CA SER J 68 15.19 -18.96 11.27
C SER J 68 15.61 -17.84 10.32
N GLY J 69 16.81 -17.29 10.56
CA GLY J 69 17.30 -16.18 9.76
C GLY J 69 16.34 -15.01 9.78
N GLN J 70 15.69 -14.76 8.64
CA GLN J 70 14.84 -13.60 8.47
C GLN J 70 13.37 -14.00 8.39
N ASP J 71 13.07 -15.30 8.26
CA ASP J 71 11.74 -15.74 7.87
C ASP J 71 11.22 -16.72 8.91
N TYR J 72 10.04 -16.40 9.48
CA TYR J 72 9.45 -17.23 10.53
C TYR J 72 7.96 -17.39 10.27
N SER J 73 7.36 -18.37 10.96
CA SER J 73 5.96 -18.68 10.75
C SER J 73 5.34 -19.28 12.00
N LEU J 74 4.07 -18.94 12.23
CA LEU J 74 3.27 -19.56 13.27
C LEU J 74 2.22 -20.41 12.57
N THR J 75 1.98 -21.60 13.10
CA THR J 75 1.10 -22.56 12.46
C THR J 75 0.13 -23.13 13.49
N ILE J 76 -1.17 -22.91 13.24
CA ILE J 76 -2.20 -23.60 14.01
C ILE J 76 -2.61 -24.83 13.20
N SER J 77 -2.48 -26.02 13.80
CA SER J 77 -2.64 -27.27 13.06
C SER J 77 -4.12 -27.54 12.76
N SER J 78 -4.97 -27.42 13.80
CA SER J 78 -6.39 -27.69 13.65
C SER J 78 -7.21 -26.59 14.34
N LEU J 79 -7.75 -25.67 13.52
CA LEU J 79 -8.27 -24.40 13.99
C LEU J 79 -9.60 -24.57 14.73
N GLU J 80 -9.60 -24.26 16.03
CA GLU J 80 -10.83 -24.18 16.82
C GLU J 80 -11.35 -22.75 16.78
N SER J 81 -12.58 -22.55 17.28
CA SER J 81 -13.30 -21.30 17.15
C SER J 81 -12.76 -20.24 18.11
N ASP J 82 -12.14 -20.74 19.18
CA ASP J 82 -11.55 -19.91 20.22
C ASP J 82 -10.40 -19.06 19.66
N ASP J 83 -9.82 -19.48 18.52
CA ASP J 83 -8.55 -18.96 18.03
C ASP J 83 -8.72 -17.70 17.18
N THR J 84 -9.95 -17.20 17.03
CA THR J 84 -10.16 -15.95 16.32
C THR J 84 -9.54 -14.81 17.12
N ALA J 85 -8.60 -14.10 16.49
CA ALA J 85 -7.75 -13.17 17.18
C ALA J 85 -6.86 -12.44 16.19
N THR J 86 -6.14 -11.43 16.67
CA THR J 86 -5.03 -10.87 15.91
C THR J 86 -3.73 -11.44 16.49
N TYR J 87 -2.80 -11.80 15.60
CA TYR J 87 -1.52 -12.37 15.99
C TYR J 87 -0.41 -11.39 15.62
N TYR J 88 0.57 -11.24 16.53
CA TYR J 88 1.68 -10.30 16.38
C TYR J 88 3.01 -11.01 16.57
N CYS J 89 3.98 -10.67 15.72
CA CYS J 89 5.35 -11.10 15.92
C CYS J 89 6.19 -9.93 16.42
N LEU J 90 7.11 -10.21 17.35
CA LEU J 90 8.00 -9.21 17.92
C LEU J 90 9.41 -9.76 17.84
N GLN J 91 10.38 -8.91 17.47
CA GLN J 91 11.78 -9.30 17.53
C GLN J 91 12.46 -8.53 18.67
N HIS J 92 13.34 -9.22 19.42
CA HIS J 92 14.10 -8.58 20.46
C HIS J 92 15.60 -8.75 20.24
N ARG J 93 16.00 -9.06 19.01
CA ARG J 93 17.41 -9.22 18.68
C ARG J 93 18.13 -7.87 18.81
N GLU J 94 17.54 -6.80 18.25
CA GLU J 94 18.12 -5.48 18.35
C GLU J 94 17.10 -4.48 18.89
N ARG J 95 17.63 -3.43 19.53
CA ARG J 95 16.81 -2.35 20.09
C ARG J 95 16.71 -1.24 19.05
N PRO J 96 15.53 -0.57 18.94
CA PRO J 96 14.34 -0.93 19.70
C PRO J 96 13.64 -2.21 19.27
N LEU J 97 12.91 -2.83 20.20
CA LEU J 97 12.04 -3.96 19.89
C LEU J 97 11.00 -3.48 18.91
N THR J 98 10.71 -4.30 17.90
CA THR J 98 9.78 -3.91 16.84
C THR J 98 8.81 -5.05 16.58
N VAL J 99 7.65 -4.69 16.01
CA VAL J 99 6.51 -5.58 15.98
C VAL J 99 5.89 -5.54 14.59
N GLY J 100 5.46 -6.72 14.11
CA GLY J 100 4.64 -6.79 12.92
C GLY J 100 3.36 -5.98 13.10
N ALA J 101 2.66 -5.73 11.99
CA ALA J 101 1.43 -4.96 12.02
C ALA J 101 0.25 -5.87 12.35
N GLY J 102 0.47 -7.18 12.44
CA GLY J 102 -0.56 -8.09 12.90
C GLY J 102 -1.29 -8.77 11.74
N THR J 103 -1.67 -10.03 11.97
CA THR J 103 -2.55 -10.78 11.08
C THR J 103 -3.86 -11.02 11.83
N LYS J 104 -4.97 -10.52 11.27
CA LYS J 104 -6.27 -10.73 11.88
C LYS J 104 -6.86 -12.04 11.34
N LEU J 105 -7.39 -12.88 12.21
CA LEU J 105 -7.82 -14.22 11.82
C LEU J 105 -9.24 -14.48 12.29
N GLU J 106 -10.14 -14.73 11.32
CA GLU J 106 -11.56 -14.91 11.63
C GLU J 106 -12.09 -16.16 10.94
N LEU J 107 -13.28 -16.61 11.36
CA LEU J 107 -13.93 -17.78 10.81
C LEU J 107 -14.79 -17.44 9.60
N LYS J 108 -15.20 -18.51 8.91
CA LYS J 108 -16.30 -18.48 7.96
C LYS J 108 -17.58 -18.96 8.66
N GLU J 121 -22.02 -25.60 30.76
CA GLU J 121 -20.67 -24.99 30.98
C GLU J 121 -20.37 -24.04 29.83
N ASP J 122 -20.71 -24.46 28.61
CA ASP J 122 -20.36 -23.75 27.38
C ASP J 122 -21.30 -22.55 27.17
N ILE J 123 -22.59 -22.74 27.50
CA ILE J 123 -23.57 -21.68 27.34
C ILE J 123 -23.29 -20.58 28.36
N GLN J 124 -22.79 -20.95 29.55
CA GLN J 124 -22.60 -19.99 30.62
C GLN J 124 -21.26 -19.27 30.49
N LYS J 125 -20.33 -19.80 29.70
CA LYS J 125 -19.09 -19.09 29.42
C LYS J 125 -19.34 -18.02 28.36
N ARG J 126 -20.21 -18.35 27.41
CA ARG J 126 -20.61 -17.44 26.34
C ARG J 126 -21.40 -16.26 26.93
N LEU J 127 -22.16 -16.54 28.00
CA LEU J 127 -23.01 -15.54 28.64
C LEU J 127 -22.17 -14.56 29.44
N LEU J 128 -21.11 -15.05 30.10
CA LEU J 128 -20.26 -14.22 30.92
C LEU J 128 -19.36 -13.34 30.07
N ALA J 129 -19.07 -13.77 28.83
CA ALA J 129 -18.22 -13.01 27.93
C ALA J 129 -18.87 -11.66 27.56
N LEU J 130 -20.20 -11.60 27.64
CA LEU J 130 -20.96 -10.47 27.15
C LEU J 130 -20.82 -9.26 28.07
N ASP J 131 -20.73 -9.51 29.40
CA ASP J 131 -20.80 -8.42 30.36
C ASP J 131 -19.61 -7.48 30.18
N PRO J 132 -18.34 -7.97 30.18
CA PRO J 132 -17.19 -7.10 29.94
C PRO J 132 -17.26 -6.32 28.63
N MET J 133 -17.77 -6.98 27.57
CA MET J 133 -17.89 -6.37 26.26
C MET J 133 -18.85 -5.18 26.30
N MET J 134 -19.99 -5.39 26.99
CA MET J 134 -21.02 -4.36 27.05
C MET J 134 -20.53 -3.19 27.93
N GLU J 135 -19.89 -3.51 29.06
CA GLU J 135 -19.41 -2.50 29.99
C GLU J 135 -18.34 -1.66 29.32
N GLN J 136 -17.54 -2.30 28.45
CA GLN J 136 -16.50 -1.59 27.71
C GLN J 136 -17.12 -0.60 26.73
N GLU J 137 -18.19 -1.02 26.05
CA GLU J 137 -18.83 -0.18 25.04
C GLU J 137 -19.54 1.00 25.70
N ILE J 138 -20.08 0.79 26.91
CA ILE J 138 -20.76 1.84 27.65
C ILE J 138 -19.73 2.87 28.12
N GLU J 139 -18.55 2.39 28.55
CA GLU J 139 -17.51 3.28 29.07
C GLU J 139 -16.97 4.17 27.96
N GLU J 140 -16.93 3.66 26.72
CA GLU J 140 -16.57 4.48 25.57
C GLU J 140 -17.54 5.66 25.48
N ILE J 141 -18.83 5.38 25.62
CA ILE J 141 -19.87 6.39 25.47
C ILE J 141 -19.77 7.42 26.60
N ARG J 142 -19.45 6.96 27.81
CA ARG J 142 -19.38 7.85 28.95
C ARG J 142 -18.26 8.88 28.76
N GLN J 143 -17.08 8.38 28.38
CA GLN J 143 -15.92 9.24 28.20
C GLN J 143 -16.11 10.13 26.98
N LYS J 144 -16.87 9.63 25.99
CA LYS J 144 -17.22 10.43 24.81
C LYS J 144 -18.00 11.67 25.25
N TYR J 145 -18.95 11.49 26.16
CA TYR J 145 -19.85 12.56 26.57
C TYR J 145 -19.21 13.43 27.63
N GLN J 146 -18.19 12.89 28.32
CA GLN J 146 -17.41 13.64 29.27
C GLN J 146 -16.54 14.67 28.55
N CYS J 147 -16.05 14.30 27.37
CA CYS J 147 -15.26 15.19 26.52
C CYS J 147 -16.13 16.25 25.86
N LYS J 148 -17.43 15.98 25.72
CA LYS J 148 -18.36 16.96 25.16
C LYS J 148 -18.76 17.98 26.22
N ARG J 149 -18.85 17.55 27.49
CA ARG J 149 -19.15 18.45 28.59
C ARG J 149 -17.99 19.41 28.80
N GLN J 150 -16.76 18.92 28.61
CA GLN J 150 -15.55 19.59 29.06
C GLN J 150 -15.49 21.03 28.54
N PRO J 151 -15.65 21.29 27.22
CA PRO J 151 -15.64 22.65 26.68
C PRO J 151 -16.71 23.56 27.26
N ILE J 152 -17.94 23.03 27.38
CA ILE J 152 -19.10 23.78 27.83
C ILE J 152 -18.87 24.24 29.26
N LEU J 153 -18.30 23.37 30.10
CA LEU J 153 -18.04 23.69 31.50
C LEU J 153 -16.96 24.74 31.63
N ASP J 154 -16.00 24.74 30.69
CA ASP J 154 -14.95 25.75 30.67
C ASP J 154 -15.56 27.12 30.33
N ALA J 155 -16.52 27.13 29.40
CA ALA J 155 -17.17 28.34 28.95
C ALA J 155 -18.05 28.94 30.06
N ILE J 156 -18.57 28.07 30.94
CA ILE J 156 -19.44 28.51 32.03
C ILE J 156 -18.61 29.24 33.09
N GLU J 157 -17.35 28.82 33.32
CA GLU J 157 -16.48 29.51 34.26
C GLU J 157 -15.90 30.79 33.64
N ALA J 158 -16.31 31.09 32.39
CA ALA J 158 -16.29 32.42 31.82
C ALA J 158 -17.71 32.82 31.36
N GLU K 2 -0.76 -18.76 40.37
CA GLU K 2 -1.52 -18.16 39.24
C GLU K 2 -1.42 -16.64 39.33
N VAL K 3 -0.55 -16.07 38.49
CA VAL K 3 0.02 -14.74 38.66
C VAL K 3 -1.00 -13.68 38.25
N GLN K 4 -0.84 -12.42 38.72
CA GLN K 4 -1.71 -11.36 38.23
C GLN K 4 -0.99 -10.02 38.14
N LEU K 5 -1.30 -9.26 37.07
CA LEU K 5 -0.89 -7.87 36.95
C LEU K 5 -2.13 -6.98 37.00
N GLN K 6 -2.24 -6.19 38.06
CA GLN K 6 -3.35 -5.26 38.22
C GLN K 6 -2.88 -3.88 37.77
N GLN K 7 -3.56 -3.33 36.75
CA GLN K 7 -3.24 -2.02 36.23
C GLN K 7 -4.21 -0.99 36.78
N SER K 8 -3.77 0.28 36.80
CA SER K 8 -4.61 1.37 37.24
C SER K 8 -5.81 1.50 36.30
N GLY K 9 -6.79 2.31 36.73
CA GLY K 9 -8.04 2.44 36.01
C GLY K 9 -7.98 3.53 34.94
N ALA K 10 -9.05 3.58 34.13
CA ALA K 10 -9.18 4.49 33.00
C ALA K 10 -8.83 5.92 33.39
N GLU K 11 -8.28 6.67 32.44
CA GLU K 11 -7.96 8.07 32.64
C GLU K 11 -8.62 8.86 31.51
N LEU K 12 -8.94 10.11 31.81
CA LEU K 12 -9.50 11.03 30.83
C LEU K 12 -9.03 12.43 31.18
N VAL K 13 -8.21 13.02 30.30
CA VAL K 13 -7.41 14.17 30.67
C VAL K 13 -7.45 15.24 29.57
N ARG K 14 -7.05 16.45 29.96
CA ARG K 14 -6.98 17.60 29.08
C ARG K 14 -5.63 17.54 28.36
N PRO K 15 -5.53 18.03 27.11
CA PRO K 15 -4.24 18.20 26.46
C PRO K 15 -3.24 18.89 27.36
N GLY K 16 -2.00 18.39 27.36
CA GLY K 16 -0.93 18.97 28.15
C GLY K 16 -0.85 18.40 29.58
N ALA K 17 -1.83 17.60 29.96
CA ALA K 17 -1.84 16.98 31.29
C ALA K 17 -0.73 15.94 31.41
N LEU K 18 -0.27 15.76 32.65
CA LEU K 18 0.54 14.62 33.06
C LEU K 18 -0.38 13.53 33.58
N VAL K 19 0.04 12.28 33.43
CA VAL K 19 -0.70 11.15 33.97
C VAL K 19 0.31 10.09 34.37
N LYS K 20 0.01 9.29 35.40
CA LYS K 20 0.92 8.25 35.85
C LYS K 20 0.14 6.95 36.04
N LEU K 21 0.46 5.95 35.22
CA LEU K 21 -0.20 4.66 35.25
C LEU K 21 0.59 3.74 36.16
N SER K 22 -0.09 2.71 36.70
CA SER K 22 0.57 1.79 37.60
C SER K 22 0.22 0.35 37.22
N CYS K 23 1.04 -0.54 37.75
CA CYS K 23 1.02 -1.96 37.47
C CYS K 23 1.48 -2.66 38.74
N LYS K 24 0.55 -3.33 39.43
CA LYS K 24 0.84 -3.98 40.69
C LYS K 24 0.89 -5.48 40.42
N ALA K 25 2.05 -6.09 40.67
CA ALA K 25 2.23 -7.50 40.41
C ALA K 25 2.02 -8.33 41.67
N SER K 26 1.29 -9.43 41.54
CA SER K 26 1.11 -10.37 42.64
C SER K 26 1.28 -11.79 42.09
N GLY K 27 2.16 -12.56 42.76
CA GLY K 27 2.48 -13.91 42.32
C GLY K 27 3.93 -14.05 41.89
N PHE K 28 4.63 -12.93 41.67
CA PHE K 28 6.05 -12.98 41.37
C PHE K 28 6.78 -11.72 41.85
N ASN K 29 8.05 -11.86 42.20
CA ASN K 29 8.87 -10.73 42.58
C ASN K 29 9.40 -10.05 41.31
N ILE K 30 9.01 -8.77 41.10
CA ILE K 30 9.37 -8.07 39.88
C ILE K 30 10.89 -7.90 39.79
N LYS K 31 11.62 -8.08 40.90
CA LYS K 31 13.08 -8.01 40.87
C LYS K 31 13.66 -9.09 39.96
N ASP K 32 12.94 -10.21 39.78
CA ASP K 32 13.46 -11.34 39.03
C ASP K 32 13.11 -11.23 37.54
N TYR K 33 12.56 -10.09 37.12
CA TYR K 33 12.04 -9.93 35.77
C TYR K 33 12.39 -8.55 35.23
N TYR K 34 11.88 -8.25 34.04
CA TYR K 34 11.80 -6.89 33.54
C TYR K 34 10.33 -6.51 33.41
N MET K 35 10.03 -5.25 33.70
CA MET K 35 8.66 -4.77 33.55
C MET K 35 8.60 -3.91 32.29
N TYR K 36 7.80 -4.36 31.33
CA TYR K 36 7.64 -3.72 30.04
C TYR K 36 6.37 -2.89 30.01
N TRP K 37 6.31 -1.90 29.12
CA TRP K 37 5.09 -1.16 28.81
C TRP K 37 4.87 -1.11 27.30
N VAL K 38 3.60 -1.24 26.89
CA VAL K 38 3.22 -1.39 25.50
C VAL K 38 1.99 -0.54 25.24
N LYS K 39 2.01 0.23 24.16
CA LYS K 39 0.91 1.09 23.76
C LYS K 39 0.14 0.46 22.59
N GLN K 40 -1.19 0.62 22.56
CA GLN K 40 -1.99 0.21 21.42
C GLN K 40 -3.07 1.25 21.13
N ARG K 41 -2.82 2.05 20.08
CA ARG K 41 -3.78 3.07 19.67
C ARG K 41 -5.03 2.38 19.14
N PRO K 42 -6.19 3.06 19.08
CA PRO K 42 -7.44 2.41 18.69
C PRO K 42 -7.46 1.96 17.23
N GLU K 43 -7.79 0.68 17.02
CA GLU K 43 -7.90 0.07 15.71
C GLU K 43 -6.50 -0.08 15.10
N GLN K 44 -5.48 -0.33 15.94
CA GLN K 44 -4.09 -0.41 15.49
C GLN K 44 -3.31 -1.44 16.29
N GLY K 45 -2.03 -1.61 15.93
CA GLY K 45 -1.19 -2.64 16.51
C GLY K 45 -0.40 -2.13 17.72
N LEU K 46 0.45 -3.02 18.24
CA LEU K 46 1.22 -2.80 19.44
C LEU K 46 2.49 -2.02 19.11
N GLU K 47 2.79 -1.02 19.93
CA GLU K 47 4.08 -0.35 19.96
C GLU K 47 4.71 -0.60 21.33
N TRP K 48 5.97 -1.01 21.37
CA TRP K 48 6.67 -1.19 22.64
C TRP K 48 7.30 0.13 23.06
N ILE K 49 7.03 0.54 24.31
CA ILE K 49 7.44 1.83 24.83
C ILE K 49 8.82 1.71 25.46
N GLY K 50 8.98 0.75 26.38
CA GLY K 50 10.24 0.54 27.07
C GLY K 50 10.15 -0.54 28.14
N TRP K 51 11.24 -0.77 28.86
CA TRP K 51 11.23 -1.65 30.02
C TRP K 51 12.18 -1.13 31.10
N ILE K 52 11.96 -1.61 32.33
CA ILE K 52 12.83 -1.33 33.46
C ILE K 52 13.25 -2.65 34.08
N ASP K 53 14.53 -2.70 34.51
CA ASP K 53 15.03 -3.77 35.36
C ASP K 53 14.90 -3.33 36.81
N PRO K 54 13.87 -3.78 37.56
CA PRO K 54 13.64 -3.29 38.91
C PRO K 54 14.81 -3.47 39.87
N GLU K 55 15.68 -4.46 39.57
CA GLU K 55 16.85 -4.77 40.39
C GLU K 55 17.87 -3.63 40.42
N ASN K 56 17.90 -2.76 39.41
CA ASN K 56 18.85 -1.65 39.38
C ASN K 56 18.26 -0.38 38.76
N ASP K 57 16.96 -0.40 38.42
CA ASP K 57 16.27 0.77 37.93
C ASP K 57 16.82 1.25 36.58
N ASN K 58 17.54 0.37 35.88
CA ASN K 58 18.00 0.66 34.52
C ASN K 58 16.82 0.53 33.55
N THR K 59 16.67 1.50 32.66
CA THR K 59 15.55 1.55 31.74
C THR K 59 16.04 1.72 30.30
N ILE K 60 15.52 0.87 29.38
CA ILE K 60 15.64 1.06 27.95
C ILE K 60 14.31 1.66 27.44
N TYR K 61 14.37 2.59 26.47
CA TYR K 61 13.18 3.11 25.82
C TYR K 61 13.30 3.04 24.30
N ASP K 62 12.17 3.03 23.60
CA ASP K 62 12.16 3.34 22.18
C ASP K 62 12.35 4.85 22.09
N PRO K 63 13.28 5.35 21.25
CA PRO K 63 13.49 6.79 21.08
C PRO K 63 12.24 7.62 20.77
N LYS K 64 11.28 6.99 20.09
CA LYS K 64 9.97 7.60 19.82
C LYS K 64 9.35 8.13 21.11
N PHE K 65 9.60 7.47 22.26
CA PHE K 65 8.91 7.79 23.51
C PHE K 65 9.84 8.42 24.54
N GLN K 66 11.15 8.40 24.31
CA GLN K 66 12.07 8.85 25.33
C GLN K 66 11.91 10.37 25.47
N GLY K 67 11.39 10.81 26.62
CA GLY K 67 11.07 12.22 26.84
C GLY K 67 9.60 12.44 27.17
N LYS K 68 8.70 11.73 26.47
CA LYS K 68 7.27 11.80 26.75
C LYS K 68 6.94 10.81 27.87
N ALA K 69 7.61 9.66 27.85
CA ALA K 69 7.31 8.54 28.73
C ALA K 69 8.45 8.27 29.70
N SER K 70 8.07 7.88 30.91
CA SER K 70 9.01 7.71 32.01
C SER K 70 8.59 6.50 32.85
N ILE K 71 9.47 5.48 32.87
CA ILE K 71 9.17 4.21 33.49
C ILE K 71 9.93 4.09 34.80
N SER K 72 9.25 3.60 35.85
CA SER K 72 9.87 3.44 37.16
C SER K 72 9.23 2.27 37.89
N ALA K 73 9.95 1.72 38.87
CA ALA K 73 9.46 0.59 39.64
C ALA K 73 9.78 0.82 41.11
N ASP K 74 8.87 0.35 41.97
CA ASP K 74 9.07 0.32 43.41
C ASP K 74 9.13 -1.16 43.83
N THR K 75 10.33 -1.65 44.13
CA THR K 75 10.54 -3.09 44.32
C THR K 75 9.87 -3.57 45.59
N SER K 76 9.69 -2.64 46.55
CA SER K 76 9.07 -2.92 47.83
C SER K 76 7.58 -3.22 47.65
N SER K 77 6.83 -2.28 47.05
CA SER K 77 5.41 -2.45 46.80
C SER K 77 5.13 -3.33 45.58
N ASN K 78 6.21 -3.73 44.88
CA ASN K 78 6.16 -4.72 43.81
C ASN K 78 5.31 -4.21 42.66
N THR K 79 5.53 -2.94 42.32
CA THR K 79 4.69 -2.16 41.44
C THR K 79 5.55 -1.44 40.41
N ALA K 80 5.07 -1.34 39.17
CA ALA K 80 5.75 -0.62 38.11
C ALA K 80 4.88 0.53 37.67
N TYR K 81 5.52 1.58 37.11
CA TYR K 81 4.86 2.84 36.85
C TYR K 81 5.23 3.32 35.45
N LEU K 82 4.27 3.95 34.75
CA LEU K 82 4.55 4.64 33.50
C LEU K 82 3.93 6.03 33.54
N GLN K 83 4.73 7.04 33.21
CA GLN K 83 4.30 8.42 33.33
C GLN K 83 4.41 9.11 31.97
N LEU K 84 3.26 9.57 31.47
CA LEU K 84 3.15 10.24 30.18
C LEU K 84 2.91 11.73 30.42
N SER K 85 3.69 12.58 29.76
CA SER K 85 3.58 14.02 29.92
C SER K 85 3.24 14.68 28.58
N SER K 86 2.84 15.95 28.63
CA SER K 86 2.51 16.73 27.45
C SER K 86 1.54 16.00 26.52
N LEU K 87 0.50 15.41 27.11
CA LEU K 87 -0.38 14.51 26.38
C LEU K 87 -1.11 15.21 25.22
N THR K 88 -1.19 14.53 24.07
CA THR K 88 -2.00 14.95 22.95
C THR K 88 -2.93 13.80 22.53
N SER K 89 -3.66 14.00 21.42
CA SER K 89 -4.55 12.99 20.88
C SER K 89 -3.76 11.78 20.40
N GLU K 90 -2.51 12.00 19.97
CA GLU K 90 -1.61 10.92 19.58
C GLU K 90 -1.50 9.89 20.71
N ASP K 91 -1.76 10.30 21.96
CA ASP K 91 -1.48 9.47 23.12
C ASP K 91 -2.71 8.68 23.55
N THR K 92 -3.89 9.05 23.05
CA THR K 92 -5.10 8.28 23.30
C THR K 92 -4.92 6.84 22.83
N ALA K 93 -4.89 5.91 23.78
CA ALA K 93 -4.49 4.55 23.50
C ALA K 93 -4.74 3.69 24.74
N VAL K 94 -4.54 2.38 24.58
CA VAL K 94 -4.54 1.47 25.71
C VAL K 94 -3.09 1.11 26.01
N TYR K 95 -2.69 1.28 27.27
CA TYR K 95 -1.34 0.98 27.71
C TYR K 95 -1.39 -0.32 28.50
N TYR K 96 -0.62 -1.31 28.02
CA TYR K 96 -0.48 -2.59 28.71
C TYR K 96 0.88 -2.60 29.40
N CYS K 97 0.91 -3.10 30.64
CA CYS K 97 2.17 -3.42 31.31
C CYS K 97 2.33 -4.94 31.25
N GLY K 98 3.57 -5.40 31.15
CA GLY K 98 3.85 -6.82 31.18
C GLY K 98 5.16 -7.07 31.90
N GLY K 99 5.36 -8.34 32.29
CA GLY K 99 6.61 -8.74 32.93
C GLY K 99 7.15 -10.03 32.29
N GLY K 100 8.48 -10.12 32.20
CA GLY K 100 9.08 -11.30 31.62
C GLY K 100 10.60 -11.15 31.54
N PRO K 101 11.33 -12.20 31.08
CA PRO K 101 12.76 -12.06 30.80
C PRO K 101 12.91 -11.14 29.59
N LEU K 102 14.12 -11.06 29.05
CA LEU K 102 14.42 -10.20 27.92
C LEU K 102 13.87 -10.81 26.63
N TYR K 103 13.53 -12.12 26.68
CA TYR K 103 13.25 -12.91 25.48
C TYR K 103 11.79 -13.36 25.39
N ALA K 104 10.97 -13.00 26.40
CA ALA K 104 9.55 -13.35 26.39
C ALA K 104 8.77 -12.44 27.34
N MET K 105 7.46 -12.34 27.12
CA MET K 105 6.56 -11.73 28.10
C MET K 105 5.75 -12.84 28.75
N ASP K 106 6.08 -13.14 30.01
CA ASP K 106 5.40 -14.22 30.70
C ASP K 106 4.01 -13.76 31.13
N TYR K 107 3.88 -12.48 31.49
CA TYR K 107 2.67 -11.97 32.13
C TYR K 107 2.28 -10.61 31.57
N TRP K 108 0.98 -10.44 31.31
CA TRP K 108 0.41 -9.23 30.73
C TRP K 108 -0.68 -8.68 31.65
N GLY K 109 -0.76 -7.35 31.74
CA GLY K 109 -1.87 -6.70 32.44
C GLY K 109 -3.13 -6.66 31.58
N GLN K 110 -4.24 -6.22 32.18
CA GLN K 110 -5.52 -6.18 31.50
C GLN K 110 -5.63 -4.87 30.73
N GLY K 111 -4.74 -3.92 31.02
CA GLY K 111 -4.60 -2.72 30.22
C GLY K 111 -5.33 -1.53 30.83
N THR K 112 -4.77 -0.33 30.63
CA THR K 112 -5.35 0.91 31.09
C THR K 112 -5.62 1.80 29.89
N SER K 113 -6.90 2.15 29.67
CA SER K 113 -7.27 3.12 28.63
C SER K 113 -6.95 4.55 29.09
N VAL K 114 -6.35 5.32 28.20
CA VAL K 114 -6.15 6.75 28.39
C VAL K 114 -6.79 7.46 27.21
N THR K 115 -7.61 8.48 27.49
CA THR K 115 -8.29 9.27 26.47
C THR K 115 -7.96 10.74 26.70
N VAL K 116 -7.66 11.44 25.59
CA VAL K 116 -7.29 12.84 25.62
C VAL K 116 -8.25 13.62 24.71
N CYS K 117 -8.84 14.71 25.24
CA CYS K 117 -9.97 15.36 24.58
C CYS K 117 -9.52 16.39 23.50
N SER K 120 -12.59 21.15 22.11
CA SER K 120 -12.03 22.42 21.59
C SER K 120 -13.14 23.29 21.00
N ASP K 121 -13.65 24.25 21.80
CA ASP K 121 -14.80 25.05 21.41
C ASP K 121 -14.71 26.44 22.08
N TYR K 122 -14.82 27.50 21.27
CA TYR K 122 -14.77 28.88 21.74
C TYR K 122 -15.68 29.78 20.91
N GLU K 123 -15.81 29.54 19.61
CA GLU K 123 -16.64 30.36 18.73
C GLU K 123 -18.08 30.36 19.22
N PHE K 124 -18.53 29.20 19.75
CA PHE K 124 -19.87 29.07 20.29
C PHE K 124 -20.05 29.93 21.54
N LEU K 125 -18.97 30.12 22.31
CA LEU K 125 -18.99 30.98 23.50
C LEU K 125 -18.57 32.41 23.12
N TRP K 128 -22.19 33.06 23.10
CA TRP K 128 -23.59 32.82 23.54
C TRP K 128 -23.81 33.42 24.93
N THR K 129 -25.01 33.21 25.46
CA THR K 129 -25.39 33.58 26.80
C THR K 129 -25.22 32.38 27.73
N VAL K 130 -25.14 32.64 29.04
CA VAL K 130 -24.92 31.59 30.03
C VAL K 130 -26.12 30.65 30.07
N GLU K 131 -27.32 31.20 29.80
CA GLU K 131 -28.53 30.40 29.71
C GLU K 131 -28.39 29.37 28.59
N ASP K 132 -27.76 29.78 27.47
CA ASP K 132 -27.66 28.98 26.26
C ASP K 132 -26.61 27.87 26.41
N ILE K 133 -25.50 28.16 27.09
CA ILE K 133 -24.45 27.17 27.29
C ILE K 133 -24.97 26.07 28.23
N GLN K 134 -25.83 26.44 29.19
CA GLN K 134 -26.29 25.49 30.20
C GLN K 134 -27.49 24.69 29.71
N LYS K 135 -28.16 25.14 28.64
CA LYS K 135 -29.21 24.34 28.02
C LYS K 135 -28.56 23.26 27.14
N ARG K 136 -27.45 23.63 26.50
CA ARG K 136 -26.70 22.72 25.64
C ARG K 136 -26.07 21.62 26.50
N LEU K 137 -25.70 21.96 27.74
CA LEU K 137 -25.05 21.04 28.66
C LEU K 137 -26.05 20.00 29.16
N LEU K 138 -27.30 20.44 29.44
CA LEU K 138 -28.32 19.56 29.98
C LEU K 138 -28.85 18.62 28.90
N ALA K 139 -28.77 19.04 27.64
CA ALA K 139 -29.24 18.24 26.51
C ALA K 139 -28.42 16.96 26.37
N LEU K 140 -27.19 16.94 26.91
CA LEU K 140 -26.27 15.84 26.71
C LEU K 140 -26.67 14.61 27.52
N ASP K 141 -27.25 14.80 28.70
CA ASP K 141 -27.48 13.67 29.61
C ASP K 141 -28.51 12.72 28.99
N PRO K 142 -29.70 13.19 28.56
CA PRO K 142 -30.66 12.33 27.86
C PRO K 142 -30.11 11.65 26.61
N MET K 143 -29.26 12.36 25.87
CA MET K 143 -28.65 11.84 24.66
C MET K 143 -27.72 10.67 24.99
N MET K 144 -26.94 10.79 26.07
CA MET K 144 -26.00 9.76 26.46
C MET K 144 -26.77 8.55 27.00
N GLU K 145 -27.80 8.80 27.80
CA GLU K 145 -28.59 7.72 28.39
C GLU K 145 -29.31 6.93 27.29
N GLN K 146 -29.70 7.64 26.23
CA GLN K 146 -30.36 7.03 25.08
C GLN K 146 -29.37 6.13 24.34
N GLU K 147 -28.13 6.59 24.17
CA GLU K 147 -27.11 5.83 23.45
C GLU K 147 -26.71 4.59 24.23
N ILE K 148 -26.72 4.67 25.57
CA ILE K 148 -26.39 3.54 26.42
C ILE K 148 -27.50 2.50 26.32
N GLU K 149 -28.76 2.95 26.27
CA GLU K 149 -29.91 2.06 26.21
C GLU K 149 -29.91 1.29 24.88
N GLU K 150 -29.44 1.92 23.80
CA GLU K 150 -29.27 1.23 22.53
C GLU K 150 -28.32 0.04 22.72
N ILE K 151 -27.23 0.28 23.43
CA ILE K 151 -26.20 -0.74 23.63
C ILE K 151 -26.77 -1.87 24.51
N ARG K 152 -27.58 -1.53 25.50
CA ARG K 152 -28.13 -2.52 26.41
C ARG K 152 -29.05 -3.47 25.64
N GLN K 153 -29.95 -2.92 24.84
CA GLN K 153 -30.89 -3.72 24.07
C GLN K 153 -30.17 -4.51 22.99
N LYS K 154 -29.06 -3.95 22.49
CA LYS K 154 -28.23 -4.65 21.53
C LYS K 154 -27.70 -5.95 22.14
N TYR K 155 -27.25 -5.86 23.39
CA TYR K 155 -26.59 -6.99 24.06
C TYR K 155 -27.64 -7.92 24.67
N GLN K 156 -28.85 -7.41 24.88
CA GLN K 156 -29.97 -8.22 25.35
C GLN K 156 -30.41 -9.17 24.24
N SER K 157 -30.33 -8.70 22.98
CA SER K 157 -30.66 -9.52 21.82
C SER K 157 -29.58 -10.58 21.56
N LYS K 158 -28.35 -10.33 22.02
CA LYS K 158 -27.26 -11.29 21.87
C LYS K 158 -27.35 -12.37 22.95
N ARG K 159 -27.84 -12.00 24.15
CA ARG K 159 -28.03 -12.97 25.21
C ARG K 159 -29.16 -13.93 24.86
N GLN K 160 -30.19 -13.40 24.17
CA GLN K 160 -31.48 -14.06 24.02
C GLN K 160 -31.31 -15.48 23.46
N PRO K 161 -30.59 -15.69 22.34
CA PRO K 161 -30.37 -17.03 21.79
C PRO K 161 -29.66 -17.98 22.77
N ILE K 162 -28.65 -17.45 23.47
CA ILE K 162 -27.88 -18.20 24.46
C ILE K 162 -28.81 -18.44 25.67
N ASP L 2 9.56 -24.36 -5.15
CA ASP L 2 10.13 -23.43 -6.17
C ASP L 2 10.48 -22.09 -5.56
N ILE L 3 11.75 -21.68 -5.66
CA ILE L 3 12.24 -20.50 -4.98
C ILE L 3 11.78 -19.25 -5.72
N LYS L 4 11.16 -18.31 -4.98
CA LYS L 4 10.75 -17.02 -5.52
C LYS L 4 11.81 -15.98 -5.19
N MET L 5 12.52 -15.49 -6.21
CA MET L 5 13.44 -14.39 -6.03
C MET L 5 12.69 -13.08 -6.32
N THR L 6 12.84 -12.07 -5.46
CA THR L 6 12.08 -10.82 -5.50
C THR L 6 13.01 -9.61 -5.50
N GLN L 7 12.90 -8.73 -6.51
CA GLN L 7 13.81 -7.60 -6.61
C GLN L 7 13.11 -6.31 -6.23
N SER L 8 13.90 -5.32 -5.78
CA SER L 8 13.38 -3.96 -5.57
C SER L 8 14.53 -2.98 -5.65
N PRO L 9 14.28 -1.74 -6.14
CA PRO L 9 12.96 -1.33 -6.63
C PRO L 9 12.62 -1.97 -7.97
N SER L 10 11.36 -1.87 -8.42
CA SER L 10 10.98 -2.43 -9.71
C SER L 10 11.51 -1.53 -10.83
N SER L 11 11.58 -0.21 -10.58
CA SER L 11 12.37 0.68 -11.43
C SER L 11 13.01 1.76 -10.55
N MET L 12 13.95 2.53 -11.11
CA MET L 12 14.48 3.66 -10.39
C MET L 12 15.25 4.58 -11.34
N TYR L 13 15.41 5.83 -10.90
CA TYR L 13 16.22 6.81 -11.58
C TYR L 13 17.43 7.19 -10.72
N ALA L 14 18.54 7.54 -11.38
CA ALA L 14 19.69 8.06 -10.70
C ALA L 14 20.51 8.96 -11.64
N SER L 15 21.20 9.94 -11.06
CA SER L 15 22.06 10.86 -11.79
C SER L 15 23.43 10.24 -11.98
N LEU L 16 24.17 10.72 -12.99
CA LEU L 16 25.57 10.35 -13.18
C LEU L 16 26.35 10.48 -11.87
N GLY L 17 27.40 9.64 -11.72
CA GLY L 17 28.32 9.72 -10.59
C GLY L 17 27.75 9.12 -9.30
N GLU L 18 26.42 8.99 -9.25
CA GLU L 18 25.68 8.55 -8.06
C GLU L 18 25.99 7.09 -7.79
N ARG L 19 25.66 6.64 -6.58
CA ARG L 19 25.89 5.27 -6.14
C ARG L 19 24.54 4.57 -6.03
N VAL L 20 24.40 3.42 -6.70
CA VAL L 20 23.11 2.76 -6.87
C VAL L 20 23.16 1.38 -6.23
N THR L 21 22.03 0.94 -5.66
CA THR L 21 21.97 -0.35 -4.98
C THR L 21 20.61 -1.00 -5.19
N ILE L 22 20.60 -2.01 -6.06
CA ILE L 22 19.47 -2.90 -6.27
C ILE L 22 19.55 -3.99 -5.21
N THR L 23 18.40 -4.56 -4.84
CA THR L 23 18.38 -5.73 -3.98
C THR L 23 17.60 -6.88 -4.62
N CYS L 24 17.88 -8.09 -4.12
CA CYS L 24 17.24 -9.32 -4.53
C CYS L 24 17.08 -10.17 -3.28
N LYS L 25 15.87 -10.70 -3.06
CA LYS L 25 15.54 -11.42 -1.85
C LYS L 25 14.91 -12.75 -2.23
N ALA L 26 15.54 -13.85 -1.77
CA ALA L 26 15.06 -15.19 -2.05
C ALA L 26 14.13 -15.68 -0.94
N SER L 27 13.19 -16.54 -1.30
CA SER L 27 12.28 -17.11 -0.33
C SER L 27 12.93 -18.21 0.50
N GLN L 28 14.20 -18.57 0.21
CA GLN L 28 14.95 -19.45 1.10
C GLN L 28 16.45 -19.26 0.86
N ASP L 29 17.25 -19.85 1.76
CA ASP L 29 18.70 -19.71 1.72
C ASP L 29 19.20 -20.36 0.44
N ILE L 30 19.98 -19.60 -0.34
CA ILE L 30 20.53 -20.06 -1.60
C ILE L 30 22.05 -20.08 -1.54
N LYS L 31 22.61 -19.95 -0.33
CA LYS L 31 24.03 -20.13 -0.07
C LYS L 31 24.87 -19.45 -1.16
N SER L 32 24.49 -18.24 -1.57
CA SER L 32 25.28 -17.41 -2.46
C SER L 32 25.42 -18.01 -3.87
N TYR L 33 24.61 -19.02 -4.20
CA TYR L 33 24.44 -19.46 -5.58
C TYR L 33 23.53 -18.46 -6.29
N LEU L 34 24.10 -17.31 -6.70
CA LEU L 34 23.29 -16.21 -7.22
C LEU L 34 24.07 -15.41 -8.26
N SER L 35 23.46 -15.19 -9.42
CA SER L 35 24.11 -14.49 -10.51
C SER L 35 23.30 -13.24 -10.88
N TRP L 36 24.02 -12.17 -11.23
CA TRP L 36 23.43 -10.90 -11.66
C TRP L 36 23.65 -10.72 -13.16
N TYR L 37 22.55 -10.48 -13.88
CA TYR L 37 22.58 -10.22 -15.32
C TYR L 37 22.14 -8.79 -15.58
N GLN L 38 22.75 -8.16 -16.59
CA GLN L 38 22.38 -6.84 -17.04
C GLN L 38 21.90 -6.94 -18.49
N GLN L 39 20.85 -6.21 -18.84
CA GLN L 39 20.28 -6.25 -20.19
C GLN L 39 19.96 -4.83 -20.64
N LYS L 40 20.76 -4.28 -21.56
CA LYS L 40 20.49 -2.95 -22.12
C LYS L 40 19.32 -3.08 -23.10
N PRO L 41 18.61 -1.99 -23.46
CA PRO L 41 17.47 -2.09 -24.37
C PRO L 41 17.82 -2.66 -25.75
N TRP L 42 17.04 -3.66 -26.17
CA TRP L 42 17.18 -4.30 -27.47
C TRP L 42 18.54 -4.98 -27.64
N LYS L 43 19.12 -5.46 -26.53
CA LYS L 43 20.34 -6.25 -26.58
C LYS L 43 20.15 -7.54 -25.75
N SER L 44 21.03 -8.52 -25.96
CA SER L 44 20.95 -9.76 -25.23
C SER L 44 21.49 -9.56 -23.81
N PRO L 45 20.99 -10.28 -22.79
CA PRO L 45 21.56 -10.26 -21.45
C PRO L 45 23.06 -10.46 -21.41
N LYS L 46 23.70 -9.93 -20.36
CA LYS L 46 25.12 -10.06 -20.11
C LYS L 46 25.34 -10.39 -18.64
N THR L 47 26.34 -11.24 -18.36
CA THR L 47 26.64 -11.66 -17.01
C THR L 47 27.56 -10.65 -16.34
N LEU L 48 27.10 -10.11 -15.20
CA LEU L 48 27.89 -9.20 -14.39
C LEU L 48 28.62 -9.95 -13.29
N ILE L 49 27.85 -10.73 -12.51
CA ILE L 49 28.35 -11.28 -11.27
C ILE L 49 27.80 -12.70 -11.11
N TYR L 50 28.64 -13.57 -10.52
CA TYR L 50 28.26 -14.94 -10.23
C TYR L 50 28.74 -15.30 -8.82
N TYR L 51 28.13 -16.34 -8.25
CA TYR L 51 28.38 -16.72 -6.87
C TYR L 51 28.33 -15.49 -5.96
N ALA L 52 27.35 -14.60 -6.22
CA ALA L 52 26.97 -13.51 -5.33
C ALA L 52 27.91 -12.31 -5.43
N THR L 53 29.22 -12.52 -5.58
CA THR L 53 30.19 -11.44 -5.38
C THR L 53 31.35 -11.46 -6.39
N ARG L 54 31.46 -12.49 -7.23
CA ARG L 54 32.57 -12.56 -8.17
C ARG L 54 32.18 -11.88 -9.47
N LEU L 55 32.98 -10.88 -9.88
CA LEU L 55 32.80 -10.22 -11.16
C LEU L 55 33.09 -11.18 -12.32
N ALA L 56 32.33 -11.04 -13.41
CA ALA L 56 32.62 -11.78 -14.63
C ALA L 56 33.78 -11.13 -15.37
N ASP L 57 34.22 -11.73 -16.47
CA ASP L 57 35.32 -11.20 -17.25
C ASP L 57 34.87 -9.95 -18.01
N GLY L 58 35.71 -8.92 -17.94
CA GLY L 58 35.52 -7.72 -18.73
C GLY L 58 34.41 -6.84 -18.17
N VAL L 59 34.14 -7.00 -16.87
CA VAL L 59 33.14 -6.19 -16.21
C VAL L 59 33.85 -5.05 -15.51
N PRO L 60 33.46 -3.78 -15.75
CA PRO L 60 33.98 -2.64 -14.98
C PRO L 60 33.88 -2.89 -13.48
N SER L 61 34.88 -2.41 -12.74
CA SER L 61 35.03 -2.73 -11.33
C SER L 61 34.09 -1.90 -10.46
N ARG L 62 33.43 -0.90 -11.06
CA ARG L 62 32.43 -0.12 -10.36
C ARG L 62 31.27 -1.02 -9.94
N PHE L 63 31.05 -2.10 -10.70
CA PHE L 63 30.07 -3.12 -10.35
C PHE L 63 30.62 -3.99 -9.23
N SER L 64 29.78 -4.24 -8.21
CA SER L 64 30.13 -5.05 -7.06
C SER L 64 28.87 -5.74 -6.55
N GLY L 65 29.06 -6.91 -5.95
CA GLY L 65 27.95 -7.66 -5.42
C GLY L 65 28.25 -8.17 -4.01
N SER L 66 27.20 -8.33 -3.22
CA SER L 66 27.36 -8.77 -1.85
C SER L 66 26.05 -9.40 -1.36
N GLY L 67 26.13 -9.97 -0.16
CA GLY L 67 24.98 -10.57 0.49
C GLY L 67 25.24 -12.03 0.83
N SER L 68 24.29 -12.63 1.53
CA SER L 68 24.28 -14.05 1.79
C SER L 68 22.88 -14.46 2.28
N GLY L 69 22.73 -15.72 2.63
CA GLY L 69 21.44 -16.22 3.08
C GLY L 69 20.36 -16.00 2.04
N GLN L 70 19.42 -15.10 2.37
CA GLN L 70 18.26 -14.86 1.54
C GLN L 70 18.34 -13.49 0.85
N ASP L 71 19.30 -12.64 1.27
CA ASP L 71 19.25 -11.24 0.90
C ASP L 71 20.57 -10.85 0.24
N TYR L 72 20.47 -10.32 -1.00
CA TYR L 72 21.65 -9.97 -1.77
C TYR L 72 21.43 -8.62 -2.46
N SER L 73 22.54 -8.04 -2.91
CA SER L 73 22.47 -6.71 -3.50
C SER L 73 23.58 -6.54 -4.55
N LEU L 74 23.24 -5.80 -5.59
CA LEU L 74 24.21 -5.36 -6.58
C LEU L 74 24.37 -3.86 -6.41
N THR L 75 25.62 -3.38 -6.50
CA THR L 75 25.92 -2.00 -6.24
C THR L 75 26.82 -1.48 -7.36
N ILE L 76 26.35 -0.45 -8.07
CA ILE L 76 27.18 0.31 -8.99
C ILE L 76 27.69 1.52 -8.22
N SER L 77 29.02 1.67 -8.13
CA SER L 77 29.62 2.62 -7.20
C SER L 77 29.51 4.03 -7.75
N SER L 78 29.88 4.21 -9.02
CA SER L 78 29.82 5.52 -9.66
C SER L 78 29.20 5.41 -11.06
N LEU L 79 27.92 5.79 -11.15
CA LEU L 79 27.07 5.43 -12.27
C LEU L 79 27.43 6.24 -13.52
N GLU L 80 27.89 5.54 -14.57
CA GLU L 80 28.07 6.12 -15.89
C GLU L 80 26.78 5.95 -16.69
N SER L 81 26.70 6.61 -17.86
CA SER L 81 25.46 6.72 -18.62
C SER L 81 25.18 5.42 -19.38
N ASP L 82 26.26 4.67 -19.62
CA ASP L 82 26.22 3.39 -20.30
C ASP L 82 25.36 2.37 -19.53
N ASP L 83 25.19 2.59 -18.21
CA ASP L 83 24.69 1.57 -17.30
C ASP L 83 23.16 1.54 -17.23
N THR L 84 22.48 2.37 -18.02
CA THR L 84 21.01 2.32 -18.06
C THR L 84 20.59 1.00 -18.68
N ALA L 85 19.81 0.22 -17.93
CA ALA L 85 19.53 -1.17 -18.30
C ALA L 85 18.50 -1.75 -17.34
N THR L 86 18.04 -2.97 -17.63
CA THR L 86 17.34 -3.76 -16.64
C THR L 86 18.31 -4.78 -16.07
N TYR L 87 18.26 -4.97 -14.73
CA TYR L 87 19.13 -5.90 -14.03
C TYR L 87 18.30 -7.04 -13.43
N TYR L 88 18.84 -8.27 -13.55
CA TYR L 88 18.15 -9.47 -13.13
C TYR L 88 19.02 -10.32 -12.22
N CYS L 89 18.42 -10.86 -11.15
CA CYS L 89 19.09 -11.83 -10.29
C CYS L 89 18.53 -13.22 -10.58
N LEU L 90 19.41 -14.22 -10.60
CA LEU L 90 19.04 -15.61 -10.85
C LEU L 90 19.66 -16.45 -9.74
N GLN L 91 18.90 -17.43 -9.22
CA GLN L 91 19.45 -18.39 -8.28
C GLN L 91 19.57 -19.75 -8.95
N HIS L 92 20.66 -20.46 -8.66
CA HIS L 92 20.83 -21.81 -9.19
C HIS L 92 21.10 -22.79 -8.06
N ARG L 93 20.69 -22.43 -6.84
CA ARG L 93 20.85 -23.32 -5.69
C ARG L 93 19.95 -24.53 -5.86
N GLU L 94 18.68 -24.31 -6.22
CA GLU L 94 17.73 -25.39 -6.42
C GLU L 94 17.07 -25.28 -7.80
N ARG L 95 16.68 -26.44 -8.34
CA ARG L 95 15.99 -26.51 -9.62
C ARG L 95 14.48 -26.50 -9.39
N PRO L 96 13.69 -25.82 -10.24
CA PRO L 96 14.21 -25.04 -11.37
C PRO L 96 14.92 -23.74 -10.99
N LEU L 97 15.86 -23.31 -11.87
CA LEU L 97 16.48 -22.01 -11.77
C LEU L 97 15.38 -20.96 -11.91
N THR L 98 15.44 -19.92 -11.07
CA THR L 98 14.40 -18.90 -11.05
C THR L 98 15.04 -17.52 -11.01
N VAL L 99 14.26 -16.51 -11.43
CA VAL L 99 14.80 -15.20 -11.73
C VAL L 99 13.89 -14.13 -11.11
N GLY L 100 14.51 -13.06 -10.59
CA GLY L 100 13.78 -11.86 -10.23
C GLY L 100 13.03 -11.28 -11.43
N ALA L 101 12.10 -10.36 -11.17
CA ALA L 101 11.32 -9.75 -12.23
C ALA L 101 12.07 -8.56 -12.83
N GLY L 102 13.22 -8.20 -12.26
CA GLY L 102 14.07 -7.19 -12.85
C GLY L 102 13.87 -5.81 -12.23
N THR L 103 14.96 -5.05 -12.14
CA THR L 103 14.93 -3.65 -11.76
C THR L 103 15.35 -2.84 -13.00
N LYS L 104 14.48 -1.94 -13.45
CA LYS L 104 14.79 -1.06 -14.57
C LYS L 104 15.48 0.19 -14.04
N LEU L 105 16.59 0.60 -14.68
CA LEU L 105 17.39 1.70 -14.20
C LEU L 105 17.60 2.71 -15.31
N GLU L 106 17.16 3.96 -15.06
CA GLU L 106 17.20 5.01 -16.04
C GLU L 106 17.86 6.27 -15.46
N LEU L 107 18.32 7.15 -16.34
CA LEU L 107 19.09 8.32 -15.94
C LEU L 107 18.13 9.47 -15.62
N LYS L 108 18.58 10.31 -14.69
CA LYS L 108 17.89 11.51 -14.26
C LYS L 108 18.93 12.63 -14.37
N GLY L 109 18.48 13.81 -14.83
CA GLY L 109 19.39 14.91 -15.12
C GLY L 109 20.15 14.72 -16.45
N SER L 110 21.10 15.62 -16.72
CA SER L 110 21.89 15.53 -17.94
C SER L 110 23.00 14.50 -17.76
N ARG L 126 26.20 7.64 -30.93
CA ARG L 126 24.96 7.19 -30.23
C ARG L 126 23.73 7.62 -31.04
N LEU L 127 23.87 7.56 -32.38
CA LEU L 127 22.82 7.94 -33.31
C LEU L 127 22.45 6.76 -34.21
N LEU L 128 23.44 5.95 -34.62
CA LEU L 128 23.19 4.76 -35.41
C LEU L 128 22.58 3.66 -34.56
N ALA L 129 22.77 3.69 -33.25
CA ALA L 129 22.18 2.71 -32.35
C ALA L 129 20.65 2.78 -32.35
N LEU L 130 20.09 3.92 -32.76
CA LEU L 130 18.65 4.08 -32.92
C LEU L 130 18.12 3.28 -34.12
N ASP L 131 18.92 3.10 -35.18
CA ASP L 131 18.42 2.47 -36.39
C ASP L 131 18.02 1.03 -36.13
N PRO L 132 18.88 0.16 -35.55
CA PRO L 132 18.48 -1.20 -35.17
C PRO L 132 17.25 -1.27 -34.27
N MET L 133 17.14 -0.32 -33.33
CA MET L 133 16.02 -0.26 -32.41
C MET L 133 14.72 -0.02 -33.17
N MET L 134 14.75 0.91 -34.12
CA MET L 134 13.57 1.28 -34.89
C MET L 134 13.18 0.12 -35.83
N GLU L 135 14.18 -0.50 -36.47
CA GLU L 135 13.94 -1.57 -37.41
C GLU L 135 13.36 -2.76 -36.67
N GLN L 136 13.77 -2.97 -35.42
CA GLN L 136 13.27 -4.04 -34.59
C GLN L 136 11.80 -3.81 -34.26
N GLU L 137 11.44 -2.56 -33.94
CA GLU L 137 10.08 -2.23 -33.56
C GLU L 137 9.14 -2.33 -34.76
N ILE L 138 9.65 -2.00 -35.96
CA ILE L 138 8.87 -2.10 -37.18
C ILE L 138 8.63 -3.56 -37.51
N GLU L 139 9.63 -4.41 -37.31
CA GLU L 139 9.54 -5.82 -37.63
C GLU L 139 8.52 -6.51 -36.73
N GLU L 140 8.39 -6.06 -35.48
CA GLU L 140 7.34 -6.55 -34.59
C GLU L 140 5.97 -6.28 -35.25
N ILE L 141 5.79 -5.07 -35.76
CA ILE L 141 4.52 -4.64 -36.33
C ILE L 141 4.24 -5.43 -37.60
N ARG L 142 5.27 -5.69 -38.41
CA ARG L 142 5.10 -6.39 -39.66
C ARG L 142 4.61 -7.81 -39.41
N GLN L 143 5.27 -8.51 -38.49
CA GLN L 143 4.92 -9.89 -38.19
C GLN L 143 3.58 -9.94 -37.48
N LYS L 144 3.24 -8.88 -36.74
CA LYS L 144 1.92 -8.77 -36.11
C LYS L 144 0.83 -8.80 -37.18
N TYR L 145 1.04 -8.03 -38.25
CA TYR L 145 0.04 -7.84 -39.30
C TYR L 145 0.09 -9.00 -40.28
N GLN L 146 1.22 -9.71 -40.33
CA GLN L 146 1.37 -10.87 -41.17
C GLN L 146 0.59 -12.04 -40.57
N CYS L 147 0.50 -12.10 -39.23
CA CYS L 147 -0.28 -13.12 -38.55
C CYS L 147 -1.78 -12.83 -38.67
N LYS L 148 -2.15 -11.57 -38.90
CA LYS L 148 -3.54 -11.19 -39.11
C LYS L 148 -3.97 -11.50 -40.53
N ARG L 149 -3.04 -11.35 -41.49
CA ARG L 149 -3.32 -11.68 -42.88
C ARG L 149 -3.47 -13.19 -43.04
N GLN L 150 -2.70 -13.95 -42.26
CA GLN L 150 -2.50 -15.38 -42.48
C GLN L 150 -3.84 -16.11 -42.58
N PRO L 151 -4.78 -15.96 -41.61
CA PRO L 151 -6.09 -16.60 -41.68
C PRO L 151 -6.90 -16.22 -42.91
N ILE L 152 -6.92 -14.92 -43.23
CA ILE L 152 -7.71 -14.38 -44.32
C ILE L 152 -7.24 -14.99 -45.64
N LEU L 153 -5.91 -15.10 -45.81
CA LEU L 153 -5.33 -15.62 -47.03
C LEU L 153 -5.59 -17.12 -47.14
N ASP L 154 -5.69 -17.82 -46.02
CA ASP L 154 -6.03 -19.24 -46.02
C ASP L 154 -7.47 -19.43 -46.49
N ALA L 155 -8.36 -18.53 -46.05
CA ALA L 155 -9.77 -18.58 -46.42
C ALA L 155 -9.97 -18.28 -47.90
N ILE L 156 -9.08 -17.46 -48.48
CA ILE L 156 -9.17 -17.08 -49.88
C ILE L 156 -8.79 -18.27 -50.76
N GLU L 157 -7.82 -19.08 -50.32
CA GLU L 157 -7.30 -20.19 -51.10
C GLU L 157 -8.20 -21.41 -50.88
N ALA L 158 -9.41 -21.16 -50.37
CA ALA L 158 -10.49 -22.14 -50.35
C ALA L 158 -11.81 -21.50 -50.84
ZN ZN M . -52.04 24.35 -3.06
CU CU N . -45.59 22.41 -3.77
ZN ZN O . -22.72 49.98 -12.35
CU CU P . -21.58 43.60 -10.56
ZN ZN Q . 52.59 -24.01 3.06
CU CU R . 46.01 -22.31 3.13
ZN ZN S . 27.57 -37.74 31.31
CU CU T . 25.48 -33.42 26.72
#